data_4GRX
#
_entry.id   4GRX
#
_cell.length_a   66.790
_cell.length_b   103.630
_cell.length_c   145.430
_cell.angle_alpha   90.000
_cell.angle_beta   98.880
_cell.angle_gamma   90.000
#
_symmetry.space_group_name_H-M   'P 1 21 1'
#
loop_
_entity.id
_entity.type
_entity.pdbx_description
1 polymer Aminotransferase
2 non-polymer 'SODIUM ION'
3 non-polymer 'DELTA-AMINO VALERIC ACID'
4 water water
#
_entity_poly.entity_id   1
_entity_poly.type   'polypeptide(L)'
_entity_poly.pdbx_seq_one_letter_code
;MASWSHPQFEKGANQPQSWEARAETYSLYGFTDMPSVHQRGTVVVTHGEGPYIVDVHGRRYLDANSGLWNMVAGFDHKGL
IEAAKAQYDRFPGYHAFFGRMSDQTVMLSEKLVEVSPFDNGRVFYTNSGSEANDTMVKMLWFLHAAEGKPQKRKILTRWN
AYHGVTAVSASMTGKPYNSVFGLPLPGFIHLTCPHYWRYGEEGETEAQFVARLARELEDTITREGADTIAGFFAEPVMGA
GGVIPPAKGYFQAILPILRKYDIPMISDEVICGFGRTGNTWGCLTYDFMPDAIISS(LLP)NLTAGFFPMGAVILGPDLA
KRVEAAVEAIEEFPHGFTASGHPVGCAIALKAIDVVMNEGLAENVRRLAPRFEAGLKRIADRPNIGEYRGIGFMWALEAV
KDKPTKTPFDANLSVSERIANTCTDLGLICRPLGQSIVLCPPFILTEAQMDEMFEKLEKALDKVFAEVA
;
_entity_poly.pdbx_strand_id   A,B,C,D
#
# COMPACT_ATOMS: atom_id res chain seq x y z
N GLN A 17 6.98 -31.89 -3.13
CA GLN A 17 7.15 -31.05 -4.35
C GLN A 17 6.42 -29.70 -4.25
N SER A 18 7.17 -28.66 -3.88
CA SER A 18 6.61 -27.32 -3.80
C SER A 18 6.35 -26.75 -5.20
N TRP A 19 5.60 -25.65 -5.26
CA TRP A 19 5.35 -25.00 -6.53
C TRP A 19 6.62 -24.45 -7.10
N GLU A 20 7.43 -23.84 -6.24
CA GLU A 20 8.73 -23.31 -6.65
C GLU A 20 9.59 -24.43 -7.22
N ALA A 21 9.62 -25.57 -6.54
CA ALA A 21 10.44 -26.68 -6.99
C ALA A 21 9.98 -27.16 -8.36
N ARG A 22 8.69 -27.51 -8.46
CA ARG A 22 8.09 -27.94 -9.71
C ARG A 22 8.36 -26.98 -10.88
N ALA A 23 8.26 -25.68 -10.63
CA ALA A 23 8.52 -24.69 -11.66
C ALA A 23 9.95 -24.76 -12.17
N GLU A 24 10.93 -24.85 -11.28
CA GLU A 24 12.35 -24.90 -11.65
C GLU A 24 12.71 -26.16 -12.44
N THR A 25 12.06 -27.26 -12.09
CA THR A 25 12.34 -28.56 -12.65
C THR A 25 11.97 -28.72 -14.11
N TYR A 26 10.87 -28.07 -14.54
CA TYR A 26 10.29 -28.36 -15.85
C TYR A 26 10.28 -27.18 -16.81
N SER A 27 10.46 -25.97 -16.27
CA SER A 27 10.38 -24.77 -17.08
C SER A 27 11.69 -24.36 -17.70
N LEU A 28 11.62 -23.88 -18.93
CA LEU A 28 12.69 -23.10 -19.49
C LEU A 28 12.14 -21.70 -19.51
N TYR A 29 12.67 -20.84 -18.65
CA TYR A 29 12.09 -19.50 -18.45
C TYR A 29 12.49 -18.55 -19.57
N GLY A 30 11.54 -17.72 -20.00
CA GLY A 30 11.82 -16.68 -20.96
C GLY A 30 11.76 -15.32 -20.29
N PHE A 31 12.74 -14.48 -20.63
CA PHE A 31 12.83 -13.10 -20.11
C PHE A 31 12.69 -13.13 -18.61
N THR A 32 13.50 -13.99 -17.98
CA THR A 32 13.45 -14.17 -16.55
C THR A 32 14.88 -14.09 -16.04
N ASP A 33 15.13 -13.16 -15.11
CA ASP A 33 16.44 -13.09 -14.47
C ASP A 33 16.66 -14.35 -13.62
N MET A 34 17.62 -15.15 -14.03
CA MET A 34 17.84 -16.47 -13.41
C MET A 34 18.43 -16.44 -11.98
N PRO A 35 19.38 -15.53 -11.69
CA PRO A 35 19.78 -15.47 -10.27
C PRO A 35 18.69 -15.01 -9.27
N SER A 36 17.73 -14.18 -9.72
CA SER A 36 16.55 -13.79 -8.93
C SER A 36 15.61 -14.95 -8.69
N VAL A 37 15.36 -15.73 -9.75
CA VAL A 37 14.39 -16.81 -9.68
C VAL A 37 14.96 -18.02 -8.91
N HIS A 38 16.28 -18.20 -8.92
CA HIS A 38 16.92 -19.26 -8.14
C HIS A 38 16.90 -18.94 -6.68
N GLN A 39 17.29 -17.71 -6.35
CA GLN A 39 17.36 -17.21 -5.00
C GLN A 39 15.98 -17.00 -4.36
N ARG A 40 14.99 -16.56 -5.15
CA ARG A 40 13.67 -16.18 -4.61
C ARG A 40 12.58 -17.21 -4.84
N GLY A 41 12.72 -18.01 -5.88
CA GLY A 41 11.66 -18.91 -6.30
C GLY A 41 10.73 -18.23 -7.30
N THR A 42 10.12 -19.05 -8.15
CA THR A 42 9.13 -18.60 -9.09
C THR A 42 7.90 -18.24 -8.27
N VAL A 43 7.28 -17.11 -8.58
CA VAL A 43 6.03 -16.72 -7.96
C VAL A 43 4.92 -17.31 -8.83
N VAL A 44 4.13 -18.20 -8.24
CA VAL A 44 3.10 -18.97 -8.96
C VAL A 44 1.74 -18.36 -8.68
N VAL A 45 1.11 -17.80 -9.70
CA VAL A 45 -0.12 -17.00 -9.55
C VAL A 45 -1.38 -17.82 -9.82
N THR A 46 -2.37 -17.72 -8.93
CA THR A 46 -3.55 -18.52 -9.08
C THR A 46 -4.75 -17.78 -9.65
N HIS A 47 -4.87 -16.49 -9.33
CA HIS A 47 -5.99 -15.64 -9.78
C HIS A 47 -5.71 -14.20 -9.52
N GLY A 48 -6.70 -13.36 -9.75
CA GLY A 48 -6.56 -11.92 -9.52
C GLY A 48 -7.89 -11.22 -9.21
N GLU A 49 -7.82 -9.96 -8.82
CA GLU A 49 -9.02 -9.16 -8.55
C GLU A 49 -8.70 -7.72 -8.93
N GLY A 50 -9.44 -7.21 -9.90
CA GLY A 50 -9.15 -5.89 -10.41
C GLY A 50 -7.70 -5.92 -10.89
N PRO A 51 -6.92 -4.92 -10.48
CA PRO A 51 -5.50 -4.83 -10.87
C PRO A 51 -4.57 -5.59 -9.93
N TYR A 52 -5.13 -6.51 -9.14
CA TYR A 52 -4.35 -7.33 -8.21
C TYR A 52 -4.21 -8.76 -8.67
N ILE A 53 -3.04 -9.32 -8.43
CA ILE A 53 -2.81 -10.75 -8.55
C ILE A 53 -2.51 -11.33 -7.16
N VAL A 54 -2.73 -12.64 -7.03
CA VAL A 54 -2.61 -13.35 -5.75
C VAL A 54 -1.89 -14.67 -6.02
N ASP A 55 -0.80 -14.94 -5.28
CA ASP A 55 -0.06 -16.19 -5.49
C ASP A 55 -0.55 -17.37 -4.64
N VAL A 56 0.16 -18.48 -4.75
CA VAL A 56 -0.22 -19.72 -4.09
C VAL A 56 -0.05 -19.70 -2.57
N HIS A 57 0.75 -18.77 -2.07
CA HIS A 57 0.91 -18.61 -0.63
C HIS A 57 -0.06 -17.60 -0.11
N GLY A 58 -0.96 -17.15 -0.97
CA GLY A 58 -1.93 -16.11 -0.60
C GLY A 58 -1.39 -14.69 -0.62
N ARG A 59 -0.14 -14.50 -1.05
CA ARG A 59 0.45 -13.17 -1.09
C ARG A 59 -0.10 -12.38 -2.27
N ARG A 60 -0.50 -11.14 -2.02
CA ARG A 60 -1.27 -10.35 -2.98
C ARG A 60 -0.45 -9.15 -3.47
N TYR A 61 -0.53 -8.88 -4.77
CA TYR A 61 0.28 -7.83 -5.41
C TYR A 61 -0.53 -6.92 -6.35
N LEU A 62 -0.24 -5.63 -6.34
CA LEU A 62 -0.77 -4.70 -7.33
C LEU A 62 0.10 -4.70 -8.59
N ASP A 63 -0.39 -5.35 -9.66
CA ASP A 63 0.42 -5.49 -10.89
C ASP A 63 0.33 -4.23 -11.74
N ALA A 64 1.29 -3.33 -11.57
CA ALA A 64 1.33 -2.05 -12.27
C ALA A 64 1.91 -2.19 -13.68
N ASN A 65 2.01 -3.42 -14.16
CA ASN A 65 2.54 -3.69 -15.50
C ASN A 65 1.46 -4.30 -16.37
N SER A 66 0.22 -4.26 -15.88
CA SER A 66 -0.94 -4.81 -16.57
C SER A 66 -0.68 -6.25 -16.95
N GLY A 67 -0.01 -6.98 -16.06
CA GLY A 67 0.63 -8.22 -16.42
C GLY A 67 1.71 -7.88 -17.42
N LEU A 68 1.34 -7.86 -18.70
CA LEU A 68 2.29 -7.55 -19.75
C LEU A 68 1.74 -6.53 -20.74
N TRP A 69 1.45 -5.32 -20.24
CA TRP A 69 0.79 -4.24 -21.01
C TRP A 69 -0.65 -4.50 -21.37
N ASN A 70 -1.04 -5.78 -21.40
CA ASN A 70 -2.27 -6.20 -22.06
C ASN A 70 -3.53 -6.37 -21.19
N MET A 71 -3.36 -6.57 -19.87
CA MET A 71 -4.54 -6.80 -19.01
C MET A 71 -5.23 -5.49 -18.57
N VAL A 72 -5.53 -4.64 -19.55
CA VAL A 72 -6.08 -3.30 -19.27
C VAL A 72 -7.40 -3.32 -18.50
N ALA A 73 -8.13 -4.42 -18.58
CA ALA A 73 -9.39 -4.53 -17.86
C ALA A 73 -9.25 -5.32 -16.56
N GLY A 74 -8.01 -5.44 -16.07
CA GLY A 74 -7.74 -6.19 -14.86
C GLY A 74 -7.77 -7.70 -15.02
N PHE A 75 -7.77 -8.40 -13.90
CA PHE A 75 -7.60 -9.85 -13.90
C PHE A 75 -8.87 -10.63 -13.59
N ASP A 76 -10.01 -9.93 -13.49
CA ASP A 76 -11.27 -10.63 -13.29
C ASP A 76 -12.49 -9.90 -13.82
N HIS A 77 -12.33 -9.13 -14.90
CA HIS A 77 -13.45 -8.40 -15.50
C HIS A 77 -14.59 -9.31 -15.87
N LYS A 78 -15.72 -9.11 -15.22
CA LYS A 78 -16.92 -9.96 -15.36
C LYS A 78 -17.48 -10.02 -16.77
N GLY A 79 -17.55 -8.87 -17.45
CA GLY A 79 -18.10 -8.79 -18.79
C GLY A 79 -17.28 -9.59 -19.77
N LEU A 80 -15.96 -9.43 -19.69
CA LEU A 80 -15.05 -10.18 -20.52
C LEU A 80 -15.04 -11.69 -20.19
N ILE A 81 -15.14 -12.05 -18.91
CA ILE A 81 -15.21 -13.46 -18.54
C ILE A 81 -16.46 -14.06 -19.18
N GLU A 82 -17.58 -13.35 -19.03
CA GLU A 82 -18.86 -13.82 -19.50
C GLU A 82 -18.91 -13.92 -21.03
N ALA A 83 -18.24 -12.98 -21.71
CA ALA A 83 -18.12 -13.01 -23.18
C ALA A 83 -17.35 -14.21 -23.73
N ALA A 84 -16.25 -14.55 -23.06
CA ALA A 84 -15.43 -15.69 -23.47
C ALA A 84 -16.20 -16.99 -23.33
N LYS A 85 -16.85 -17.16 -22.18
CA LYS A 85 -17.58 -18.39 -21.89
C LYS A 85 -18.73 -18.62 -22.89
N ALA A 86 -19.43 -17.54 -23.24
CA ALA A 86 -20.52 -17.60 -24.22
C ALA A 86 -20.03 -18.13 -25.56
N GLN A 87 -18.84 -17.69 -25.99
CA GLN A 87 -18.31 -18.16 -27.26
C GLN A 87 -17.87 -19.61 -27.22
N TYR A 88 -17.39 -20.07 -26.08
CA TYR A 88 -17.12 -21.50 -25.92
C TYR A 88 -18.39 -22.36 -25.93
N ASP A 89 -19.49 -21.81 -25.42
CA ASP A 89 -20.80 -22.48 -25.45
C ASP A 89 -21.28 -22.61 -26.87
N ARG A 90 -20.88 -21.66 -27.71
CA ARG A 90 -21.45 -21.49 -29.03
C ARG A 90 -20.62 -22.21 -30.08
N PHE A 91 -19.31 -21.99 -30.06
CA PHE A 91 -18.42 -22.51 -31.09
C PHE A 91 -16.99 -22.28 -30.63
N PRO A 92 -16.36 -23.33 -30.08
CA PRO A 92 -15.10 -23.22 -29.33
C PRO A 92 -13.82 -23.14 -30.16
N GLY A 93 -13.88 -23.52 -31.44
CA GLY A 93 -12.68 -23.48 -32.27
C GLY A 93 -12.92 -23.63 -33.76
N TYR A 94 -12.06 -23.01 -34.56
CA TYR A 94 -12.03 -23.19 -36.01
C TYR A 94 -10.90 -22.37 -36.65
N HIS A 95 -10.90 -22.32 -37.99
CA HIS A 95 -9.85 -21.69 -38.77
C HIS A 95 -10.41 -20.68 -39.76
N ALA A 96 -9.52 -20.09 -40.57
CA ALA A 96 -9.89 -19.10 -41.59
C ALA A 96 -9.29 -19.39 -42.99
N PHE A 97 -9.07 -20.67 -43.28
CA PHE A 97 -8.51 -21.09 -44.57
C PHE A 97 -9.58 -21.72 -45.49
N PHE A 98 -9.21 -21.88 -46.76
CA PHE A 98 -9.97 -22.63 -47.77
C PHE A 98 -11.35 -22.08 -48.12
N GLY A 99 -11.62 -20.84 -47.74
CA GLY A 99 -12.90 -20.20 -48.07
C GLY A 99 -13.95 -20.35 -46.98
N ARG A 100 -13.48 -20.71 -45.79
CA ARG A 100 -14.32 -20.86 -44.61
C ARG A 100 -13.74 -20.05 -43.47
N MET A 101 -14.64 -19.52 -42.64
CA MET A 101 -14.29 -18.78 -41.42
C MET A 101 -15.53 -18.64 -40.53
N SER A 102 -15.33 -18.27 -39.28
CA SER A 102 -16.45 -18.09 -38.35
C SER A 102 -17.18 -16.76 -38.63
N ASP A 103 -18.44 -16.68 -38.20
CA ASP A 103 -19.19 -15.42 -38.23
C ASP A 103 -18.45 -14.32 -37.43
N GLN A 104 -17.83 -14.77 -36.34
CA GLN A 104 -17.22 -13.91 -35.37
C GLN A 104 -16.00 -13.19 -35.98
N THR A 105 -15.31 -13.90 -36.86
CA THR A 105 -14.19 -13.36 -37.66
C THR A 105 -14.70 -12.23 -38.56
N VAL A 106 -15.68 -12.54 -39.40
CA VAL A 106 -16.28 -11.56 -40.29
C VAL A 106 -16.68 -10.30 -39.50
N MET A 107 -17.11 -10.50 -38.27
CA MET A 107 -17.52 -9.38 -37.42
C MET A 107 -16.37 -8.48 -36.97
N LEU A 108 -15.32 -9.08 -36.41
CA LEU A 108 -14.16 -8.32 -35.98
C LEU A 108 -13.48 -7.52 -37.09
N SER A 109 -13.20 -8.17 -38.23
CA SER A 109 -12.68 -7.47 -39.42
C SER A 109 -13.45 -6.16 -39.66
N GLU A 110 -14.77 -6.26 -39.76
CA GLU A 110 -15.65 -5.13 -39.97
C GLU A 110 -15.48 -4.09 -38.87
N LYS A 111 -15.52 -4.54 -37.62
CA LYS A 111 -15.35 -3.66 -36.48
C LYS A 111 -13.99 -2.96 -36.50
N LEU A 112 -12.94 -3.74 -36.73
CA LEU A 112 -11.57 -3.23 -36.75
C LEU A 112 -11.29 -2.15 -37.80
N VAL A 113 -11.75 -2.34 -39.04
CA VAL A 113 -11.54 -1.32 -40.07
C VAL A 113 -12.25 -0.06 -39.63
N GLU A 114 -13.41 -0.23 -39.00
CA GLU A 114 -14.18 0.90 -38.54
C GLU A 114 -13.44 1.76 -37.48
N VAL A 115 -13.00 1.12 -36.38
CA VAL A 115 -12.26 1.81 -35.30
C VAL A 115 -10.87 2.29 -35.75
N SER A 116 -10.40 1.75 -36.86
CA SER A 116 -9.11 2.12 -37.42
C SER A 116 -9.28 3.52 -37.99
N PRO A 117 -8.17 4.25 -38.16
CA PRO A 117 -8.23 5.56 -38.81
C PRO A 117 -8.52 5.50 -40.33
N PHE A 118 -8.42 4.33 -40.95
CA PHE A 118 -8.60 4.20 -42.40
C PHE A 118 -10.08 4.20 -42.81
N ASP A 119 -10.38 4.75 -43.99
CA ASP A 119 -11.79 4.71 -44.48
C ASP A 119 -12.28 3.32 -44.88
N ASN A 120 -11.41 2.53 -45.47
CA ASN A 120 -11.68 1.12 -45.75
C ASN A 120 -10.35 0.38 -45.68
N GLY A 121 -10.39 -0.94 -45.75
CA GLY A 121 -9.17 -1.71 -45.67
C GLY A 121 -9.37 -3.21 -45.57
N ARG A 122 -8.30 -3.92 -45.26
CA ARG A 122 -8.35 -5.38 -45.09
C ARG A 122 -7.57 -5.82 -43.84
N VAL A 123 -7.94 -6.98 -43.33
CA VAL A 123 -7.44 -7.49 -42.07
C VAL A 123 -6.95 -8.94 -42.24
N PHE A 124 -5.72 -9.19 -41.81
CA PHE A 124 -5.18 -10.56 -41.71
C PHE A 124 -4.84 -10.89 -40.24
N TYR A 125 -5.08 -12.14 -39.82
CA TYR A 125 -4.92 -12.48 -38.40
C TYR A 125 -3.69 -13.33 -38.06
N THR A 126 -3.20 -13.17 -36.83
CA THR A 126 -2.11 -13.96 -36.29
C THR A 126 -2.43 -14.30 -34.84
N ASN A 127 -1.50 -14.99 -34.19
CA ASN A 127 -1.67 -15.26 -32.75
C ASN A 127 -0.97 -14.23 -31.88
N SER A 128 0.19 -13.77 -32.32
CA SER A 128 1.00 -12.84 -31.53
C SER A 128 1.34 -11.60 -32.31
N GLY A 129 1.81 -10.56 -31.62
CA GLY A 129 2.28 -9.35 -32.29
C GLY A 129 3.52 -9.63 -33.12
N SER A 130 4.39 -10.50 -32.61
CA SER A 130 5.60 -10.94 -33.33
C SER A 130 5.28 -11.56 -34.69
N GLU A 131 4.36 -12.54 -34.71
CA GLU A 131 3.84 -13.11 -35.95
C GLU A 131 3.30 -12.04 -36.90
N ALA A 132 2.53 -11.08 -36.38
CA ALA A 132 1.98 -10.00 -37.18
C ALA A 132 3.06 -9.15 -37.87
N ASN A 133 4.12 -8.77 -37.15
CA ASN A 133 5.21 -8.04 -37.77
C ASN A 133 5.95 -8.88 -38.80
N ASP A 134 6.23 -10.13 -38.43
CA ASP A 134 6.78 -11.11 -39.34
C ASP A 134 5.94 -11.26 -40.64
N THR A 135 4.62 -11.45 -40.48
CA THR A 135 3.68 -11.47 -41.58
C THR A 135 3.77 -10.20 -42.42
N MET A 136 3.85 -9.04 -41.76
CA MET A 136 3.89 -7.74 -42.44
C MET A 136 5.09 -7.61 -43.36
N VAL A 137 6.24 -8.08 -42.89
CA VAL A 137 7.45 -8.06 -43.70
C VAL A 137 7.25 -8.93 -44.93
N LYS A 138 6.74 -10.15 -44.75
CA LYS A 138 6.51 -11.08 -45.86
C LYS A 138 5.54 -10.48 -46.89
N MET A 139 4.51 -9.80 -46.38
CA MET A 139 3.56 -9.09 -47.22
C MET A 139 4.28 -8.04 -48.05
N LEU A 140 5.16 -7.25 -47.42
CA LEU A 140 5.97 -6.28 -48.16
C LEU A 140 6.84 -6.97 -49.24
N TRP A 141 7.55 -8.04 -48.89
CA TRP A 141 8.35 -8.75 -49.88
C TRP A 141 7.56 -9.26 -51.04
N PHE A 142 6.48 -9.98 -50.76
CA PHE A 142 5.49 -10.42 -51.75
C PHE A 142 5.08 -9.26 -52.66
N LEU A 143 4.69 -8.14 -52.04
CA LEU A 143 4.13 -7.02 -52.78
C LEU A 143 5.12 -6.36 -53.75
N HIS A 144 6.29 -5.93 -53.26
CA HIS A 144 7.28 -5.29 -54.14
C HIS A 144 7.80 -6.21 -55.21
N ALA A 145 7.99 -7.49 -54.88
CA ALA A 145 8.39 -8.48 -55.91
C ALA A 145 7.35 -8.56 -57.03
N ALA A 146 6.07 -8.65 -56.65
CA ALA A 146 5.00 -8.77 -57.63
C ALA A 146 4.82 -7.47 -58.41
N GLU A 147 5.32 -6.38 -57.86
CA GLU A 147 5.21 -5.09 -58.53
C GLU A 147 6.49 -4.72 -59.27
N GLY A 148 7.38 -5.71 -59.42
CA GLY A 148 8.57 -5.62 -60.28
C GLY A 148 9.92 -5.39 -59.60
N LYS A 149 9.93 -5.32 -58.27
CA LYS A 149 11.16 -5.01 -57.52
C LYS A 149 11.47 -6.04 -56.43
N PRO A 150 12.04 -7.19 -56.85
CA PRO A 150 12.38 -8.28 -55.93
C PRO A 150 13.47 -7.85 -54.96
N GLN A 151 14.21 -6.80 -55.31
CA GLN A 151 15.31 -6.34 -54.46
C GLN A 151 14.81 -5.40 -53.36
N LYS A 152 13.54 -4.99 -53.44
CA LYS A 152 12.97 -4.07 -52.44
C LYS A 152 12.59 -4.80 -51.17
N ARG A 153 13.60 -5.08 -50.34
CA ARG A 153 13.44 -5.99 -49.22
C ARG A 153 13.86 -5.44 -47.86
N LYS A 154 14.74 -4.44 -47.84
CA LYS A 154 15.27 -3.91 -46.57
C LYS A 154 14.16 -3.37 -45.67
N ILE A 155 14.36 -3.48 -44.35
CA ILE A 155 13.38 -3.05 -43.35
C ILE A 155 14.01 -2.03 -42.40
N LEU A 156 13.41 -0.85 -42.34
CA LEU A 156 13.87 0.22 -41.43
C LEU A 156 13.11 0.23 -40.13
N THR A 157 13.84 0.17 -39.01
CA THR A 157 13.29 0.37 -37.66
C THR A 157 14.18 1.29 -36.85
N ARG A 158 13.91 1.46 -35.56
CA ARG A 158 14.76 2.33 -34.71
C ARG A 158 15.46 1.57 -33.60
N TRP A 159 16.65 2.04 -33.24
CA TRP A 159 17.30 1.58 -32.04
C TRP A 159 16.33 1.73 -30.89
N ASN A 160 16.38 0.79 -29.94
CA ASN A 160 15.40 0.68 -28.85
C ASN A 160 14.01 0.23 -29.29
N ALA A 161 13.77 0.03 -30.58
CA ALA A 161 12.46 -0.48 -31.01
C ALA A 161 12.22 -1.90 -30.48
N TYR A 162 10.98 -2.25 -30.27
CA TYR A 162 10.68 -3.64 -29.98
C TYR A 162 9.52 -4.09 -30.84
N HIS A 163 9.78 -5.04 -31.71
CA HIS A 163 8.75 -5.52 -32.62
C HIS A 163 8.51 -7.01 -32.55
N GLY A 164 9.30 -7.71 -31.72
CA GLY A 164 8.99 -9.10 -31.40
C GLY A 164 10.18 -10.04 -31.33
N VAL A 165 9.88 -11.34 -31.28
CA VAL A 165 10.90 -12.33 -31.03
C VAL A 165 11.12 -13.42 -32.09
N THR A 166 10.37 -13.43 -33.20
CA THR A 166 10.75 -14.34 -34.29
C THR A 166 12.07 -13.84 -34.91
N ALA A 167 12.76 -14.69 -35.68
CA ALA A 167 14.03 -14.26 -36.28
C ALA A 167 13.90 -12.86 -36.92
N VAL A 168 12.81 -12.65 -37.66
CA VAL A 168 12.61 -11.39 -38.38
C VAL A 168 12.23 -10.23 -37.44
N SER A 169 11.19 -10.41 -36.62
CA SER A 169 10.77 -9.39 -35.65
C SER A 169 11.87 -9.07 -34.61
N ALA A 170 12.73 -10.03 -34.31
CA ALA A 170 13.88 -9.77 -33.47
C ALA A 170 14.95 -8.96 -34.21
N SER A 171 15.07 -9.16 -35.53
CA SER A 171 16.00 -8.37 -36.35
C SER A 171 15.46 -6.95 -36.43
N MET A 172 14.15 -6.83 -36.27
CA MET A 172 13.48 -5.55 -36.23
C MET A 172 13.72 -4.78 -34.90
N THR A 173 13.95 -5.56 -33.85
CA THR A 173 14.09 -5.06 -32.49
C THR A 173 15.50 -4.52 -32.27
N GLY A 174 15.60 -3.29 -31.83
CA GLY A 174 16.92 -2.68 -31.70
C GLY A 174 17.46 -2.75 -30.30
N LYS A 175 18.02 -3.90 -29.92
CA LYS A 175 18.49 -4.17 -28.55
C LYS A 175 19.80 -5.00 -28.56
N PRO A 176 20.75 -4.68 -27.64
CA PRO A 176 22.01 -5.44 -27.67
C PRO A 176 21.82 -6.96 -27.58
N TYR A 177 20.80 -7.43 -26.89
CA TYR A 177 20.71 -8.85 -26.56
C TYR A 177 20.49 -9.81 -27.73
N ASN A 178 20.01 -9.31 -28.87
CA ASN A 178 19.83 -10.20 -30.03
C ASN A 178 21.13 -10.71 -30.69
N SER A 179 22.27 -10.22 -30.21
CA SER A 179 23.54 -10.73 -30.69
C SER A 179 23.78 -12.17 -30.23
N VAL A 180 23.10 -12.59 -29.16
CA VAL A 180 23.24 -13.97 -28.68
C VAL A 180 22.61 -15.00 -29.62
N PHE A 181 21.80 -14.51 -30.56
CA PHE A 181 21.20 -15.33 -31.59
C PHE A 181 21.88 -15.14 -32.94
N GLY A 182 22.91 -14.29 -32.97
CA GLY A 182 23.53 -13.88 -34.21
C GLY A 182 22.58 -13.05 -35.07
N LEU A 183 21.73 -12.25 -34.44
CA LEU A 183 20.87 -11.31 -35.16
C LEU A 183 21.35 -9.89 -34.91
N PRO A 184 20.80 -8.89 -35.65
CA PRO A 184 19.82 -8.95 -36.75
C PRO A 184 20.35 -9.72 -37.97
N LEU A 185 19.44 -10.29 -38.78
CA LEU A 185 19.76 -10.86 -40.10
C LEU A 185 20.12 -9.76 -41.12
N PRO A 186 20.80 -10.10 -42.24
CA PRO A 186 20.99 -9.05 -43.25
C PRO A 186 19.64 -8.39 -43.61
N GLY A 187 19.67 -7.09 -43.86
CA GLY A 187 18.50 -6.40 -44.40
C GLY A 187 17.67 -5.62 -43.39
N PHE A 188 18.17 -5.53 -42.16
CA PHE A 188 17.45 -4.82 -41.11
C PHE A 188 18.34 -3.73 -40.58
N ILE A 189 17.90 -2.48 -40.73
CA ILE A 189 18.68 -1.30 -40.40
C ILE A 189 18.06 -0.58 -39.23
N HIS A 190 18.88 -0.21 -38.24
CA HIS A 190 18.43 0.52 -37.08
C HIS A 190 18.89 1.96 -37.08
N LEU A 191 17.94 2.90 -37.15
CA LEU A 191 18.23 4.34 -37.18
C LEU A 191 18.17 4.88 -35.77
N THR A 192 18.59 6.12 -35.57
CA THR A 192 18.63 6.69 -34.22
C THR A 192 17.25 6.75 -33.57
N CYS A 193 17.21 6.40 -32.31
CA CYS A 193 16.00 6.45 -31.52
C CYS A 193 15.66 7.92 -31.20
N PRO A 194 14.40 8.37 -31.49
CA PRO A 194 14.03 9.78 -31.27
C PRO A 194 13.81 10.14 -29.80
N HIS A 195 14.76 9.76 -28.95
CA HIS A 195 14.75 10.04 -27.52
C HIS A 195 15.66 11.21 -27.33
N TYR A 196 15.04 12.38 -27.22
CA TYR A 196 15.78 13.63 -27.19
C TYR A 196 16.74 13.74 -26.01
N TRP A 197 16.27 13.34 -24.83
CA TRP A 197 17.05 13.40 -23.60
C TRP A 197 18.31 12.56 -23.68
N ARG A 198 18.21 11.39 -24.29
CA ARG A 198 19.38 10.52 -24.39
C ARG A 198 20.30 10.91 -25.54
N TYR A 199 19.75 11.17 -26.72
CA TYR A 199 20.56 11.23 -27.92
C TYR A 199 20.78 12.63 -28.50
N GLY A 200 20.14 13.63 -27.89
CA GLY A 200 20.31 15.03 -28.30
C GLY A 200 21.73 15.49 -28.00
N GLU A 201 22.30 16.32 -28.86
CA GLU A 201 23.69 16.76 -28.69
C GLU A 201 23.89 18.05 -27.87
N GLU A 202 25.13 18.26 -27.44
CA GLU A 202 25.52 19.46 -26.70
C GLU A 202 24.94 20.68 -27.39
N GLY A 203 24.09 21.41 -26.67
CA GLY A 203 23.44 22.61 -27.19
C GLY A 203 22.58 22.42 -28.43
N GLU A 204 22.05 21.22 -28.64
CA GLU A 204 21.14 20.94 -29.75
C GLU A 204 19.71 21.00 -29.26
N THR A 205 18.87 21.83 -29.88
CA THR A 205 17.45 21.92 -29.52
C THR A 205 16.67 20.72 -30.01
N GLU A 206 15.44 20.58 -29.51
CA GLU A 206 14.59 19.47 -29.89
C GLU A 206 14.27 19.49 -31.39
N ALA A 207 14.01 20.68 -31.92
CA ALA A 207 13.75 20.90 -33.36
C ALA A 207 14.96 20.55 -34.24
N GLN A 208 16.15 20.91 -33.77
CA GLN A 208 17.40 20.56 -34.43
C GLN A 208 17.65 19.05 -34.38
N PHE A 209 17.31 18.44 -33.25
CA PHE A 209 17.33 17.00 -33.10
C PHE A 209 16.41 16.30 -34.10
N VAL A 210 15.17 16.78 -34.25
CA VAL A 210 14.21 16.19 -35.17
C VAL A 210 14.66 16.36 -36.62
N ALA A 211 15.23 17.53 -36.92
CA ALA A 211 15.79 17.75 -38.25
C ALA A 211 16.98 16.81 -38.55
N ARG A 212 17.81 16.52 -37.54
CA ARG A 212 18.94 15.59 -37.73
C ARG A 212 18.45 14.19 -38.04
N LEU A 213 17.37 13.75 -37.39
CA LEU A 213 16.84 12.41 -37.70
C LEU A 213 16.15 12.34 -39.06
N ALA A 214 15.52 13.45 -39.49
CA ALA A 214 14.90 13.50 -40.81
C ALA A 214 16.02 13.36 -41.83
N ARG A 215 17.10 14.07 -41.57
CA ARG A 215 18.29 14.08 -42.39
C ARG A 215 18.95 12.71 -42.39
N GLU A 216 19.05 12.09 -41.22
CA GLU A 216 19.66 10.76 -41.09
C GLU A 216 18.91 9.72 -41.92
N LEU A 217 17.58 9.83 -41.96
CA LEU A 217 16.79 8.89 -42.75
C LEU A 217 17.10 9.06 -44.22
N GLU A 218 17.09 10.30 -44.69
CA GLU A 218 17.35 10.57 -46.09
C GLU A 218 18.72 10.06 -46.53
N ASP A 219 19.72 10.24 -45.66
CA ASP A 219 21.06 9.72 -45.90
C ASP A 219 21.03 8.20 -46.02
N THR A 220 20.28 7.53 -45.15
CA THR A 220 20.15 6.09 -45.24
C THR A 220 19.52 5.68 -46.58
N ILE A 221 18.47 6.40 -46.97
CA ILE A 221 17.79 6.13 -48.22
C ILE A 221 18.74 6.32 -49.41
N THR A 222 19.56 7.37 -49.37
CA THR A 222 20.59 7.63 -50.39
C THR A 222 21.67 6.53 -50.40
N ARG A 223 22.04 6.05 -49.21
CA ARG A 223 23.10 5.06 -49.04
C ARG A 223 22.65 3.70 -49.60
N GLU A 224 21.41 3.33 -49.31
CA GLU A 224 20.89 2.02 -49.65
C GLU A 224 20.21 2.02 -51.01
N GLY A 225 19.51 3.12 -51.33
CA GLY A 225 18.65 3.20 -52.51
C GLY A 225 17.24 2.71 -52.21
N ALA A 226 16.28 3.60 -52.44
CA ALA A 226 14.85 3.35 -52.22
C ALA A 226 14.34 2.03 -52.83
N ASP A 227 14.87 1.65 -53.98
CA ASP A 227 14.48 0.41 -54.64
C ASP A 227 14.89 -0.83 -53.88
N THR A 228 15.67 -0.66 -52.81
CA THR A 228 16.04 -1.81 -51.97
C THR A 228 15.35 -1.81 -50.60
N ILE A 229 14.54 -0.79 -50.33
CA ILE A 229 13.90 -0.66 -49.01
C ILE A 229 12.41 -0.91 -49.08
N ALA A 230 11.96 -1.91 -48.32
CA ALA A 230 10.61 -2.45 -48.40
C ALA A 230 9.62 -1.79 -47.44
N GLY A 231 10.13 -1.28 -46.32
CA GLY A 231 9.26 -0.71 -45.30
C GLY A 231 9.96 0.00 -44.15
N PHE A 232 9.16 0.73 -43.37
CA PHE A 232 9.58 1.44 -42.17
C PHE A 232 8.54 1.17 -41.10
N PHE A 233 8.96 0.53 -40.01
CA PHE A 233 8.08 0.29 -38.89
C PHE A 233 8.44 1.22 -37.74
N ALA A 234 7.42 1.70 -37.02
CA ALA A 234 7.62 2.46 -35.79
C ALA A 234 6.47 2.28 -34.83
N GLU A 235 6.80 2.09 -33.56
CA GLU A 235 5.85 2.27 -32.48
C GLU A 235 5.65 3.78 -32.31
N PRO A 236 4.39 4.24 -32.17
CA PRO A 236 4.23 5.69 -31.95
C PRO A 236 4.98 6.16 -30.69
N VAL A 237 4.78 5.43 -29.59
CA VAL A 237 5.54 5.59 -28.36
C VAL A 237 6.23 4.24 -28.15
N MET A 238 7.54 4.24 -27.92
CA MET A 238 8.28 3.00 -27.72
C MET A 238 7.95 2.34 -26.38
N GLY A 239 7.48 1.10 -26.42
CA GLY A 239 7.02 0.40 -25.22
C GLY A 239 8.14 -0.30 -24.47
N ALA A 240 8.46 -1.52 -24.92
CA ALA A 240 9.44 -2.37 -24.24
C ALA A 240 10.86 -1.82 -24.29
N GLY A 241 11.09 -0.86 -25.20
CA GLY A 241 12.33 -0.10 -25.18
C GLY A 241 12.43 0.90 -24.03
N GLY A 242 11.41 0.91 -23.16
CA GLY A 242 11.42 1.70 -21.93
C GLY A 242 10.59 2.97 -21.89
N VAL A 243 9.48 2.98 -22.63
CA VAL A 243 8.52 4.10 -22.68
C VAL A 243 9.14 5.38 -23.22
N ILE A 244 9.32 5.46 -24.52
CA ILE A 244 9.99 6.60 -25.12
C ILE A 244 9.05 7.31 -26.09
N PRO A 245 8.46 8.44 -25.64
CA PRO A 245 7.63 9.28 -26.53
C PRO A 245 8.53 9.94 -27.55
N PRO A 246 8.06 10.06 -28.80
CA PRO A 246 8.93 10.65 -29.82
C PRO A 246 9.16 12.13 -29.57
N ALA A 247 10.33 12.62 -29.99
CA ALA A 247 10.60 14.06 -30.00
C ALA A 247 9.54 14.79 -30.82
N LYS A 248 9.19 16.01 -30.42
CA LYS A 248 8.11 16.78 -31.05
C LYS A 248 8.31 16.99 -32.54
N GLY A 249 7.32 16.57 -33.34
CA GLY A 249 7.35 16.76 -34.79
C GLY A 249 8.12 15.70 -35.56
N TYR A 250 8.51 14.63 -34.86
CA TYR A 250 9.23 13.54 -35.50
C TYR A 250 8.47 12.93 -36.67
N PHE A 251 7.25 12.49 -36.43
CA PHE A 251 6.49 11.80 -37.46
C PHE A 251 6.11 12.73 -38.59
N GLN A 252 5.91 14.00 -38.25
CA GLN A 252 5.66 15.05 -39.23
C GLN A 252 6.84 15.27 -40.17
N ALA A 253 8.06 15.20 -39.66
CA ALA A 253 9.26 15.28 -40.51
C ALA A 253 9.56 13.96 -41.23
N ILE A 254 9.26 12.84 -40.55
CA ILE A 254 9.58 11.49 -41.02
C ILE A 254 8.70 11.00 -42.18
N LEU A 255 7.38 11.18 -42.07
CA LEU A 255 6.48 10.62 -43.09
C LEU A 255 6.62 11.10 -44.53
N PRO A 256 6.72 12.44 -44.74
CA PRO A 256 6.88 12.93 -46.12
C PRO A 256 8.08 12.33 -46.87
N ILE A 257 9.19 12.13 -46.16
CA ILE A 257 10.39 11.51 -46.76
C ILE A 257 10.03 10.10 -47.21
N LEU A 258 9.27 9.38 -46.39
CA LEU A 258 8.87 8.03 -46.75
C LEU A 258 7.89 7.99 -47.92
N ARG A 259 6.98 8.97 -47.97
CA ARG A 259 6.08 9.11 -49.14
C ARG A 259 6.88 9.41 -50.42
N LYS A 260 7.79 10.40 -50.33
CA LYS A 260 8.68 10.75 -51.45
C LYS A 260 9.41 9.54 -52.06
N TYR A 261 9.95 8.65 -51.25
CA TYR A 261 10.71 7.53 -51.77
C TYR A 261 9.94 6.21 -51.91
N ASP A 262 8.62 6.26 -51.81
CA ASP A 262 7.79 5.06 -51.92
C ASP A 262 8.22 3.95 -50.95
N ILE A 263 8.27 4.29 -49.67
CA ILE A 263 8.55 3.34 -48.59
C ILE A 263 7.34 3.27 -47.65
N PRO A 264 6.58 2.16 -47.70
CA PRO A 264 5.44 1.92 -46.83
C PRO A 264 5.76 2.20 -45.35
N MET A 265 4.86 2.88 -44.68
CA MET A 265 5.04 3.21 -43.28
C MET A 265 4.05 2.39 -42.46
N ILE A 266 4.60 1.59 -41.55
CA ILE A 266 3.79 0.70 -40.75
C ILE A 266 3.83 1.16 -39.31
N SER A 267 2.64 1.32 -38.73
CA SER A 267 2.55 1.71 -37.32
C SER A 267 2.33 0.50 -36.41
N ASP A 268 3.31 0.22 -35.58
CA ASP A 268 3.19 -0.86 -34.62
C ASP A 268 2.40 -0.36 -33.40
N GLU A 269 1.11 -0.68 -33.40
CA GLU A 269 0.17 -0.26 -32.38
C GLU A 269 -0.11 -1.40 -31.40
N VAL A 270 0.85 -2.30 -31.24
CA VAL A 270 0.65 -3.44 -30.34
C VAL A 270 0.44 -3.03 -28.87
N ILE A 271 1.03 -1.90 -28.47
CA ILE A 271 0.86 -1.35 -27.12
C ILE A 271 0.01 -0.08 -27.13
N CYS A 272 0.07 0.65 -28.23
CA CYS A 272 -0.56 1.95 -28.30
C CYS A 272 -1.99 1.86 -28.76
N GLY A 273 -2.34 0.70 -29.32
CA GLY A 273 -3.69 0.43 -29.80
C GLY A 273 -4.71 0.40 -28.67
N PHE A 274 -5.84 1.08 -28.88
CA PHE A 274 -6.94 1.15 -27.90
C PHE A 274 -6.54 1.69 -26.54
N GLY A 275 -6.00 2.91 -26.50
CA GLY A 275 -6.11 3.75 -25.30
C GLY A 275 -4.93 4.22 -24.46
N ARG A 276 -3.93 3.39 -24.29
CA ARG A 276 -2.86 3.70 -23.35
C ARG A 276 -2.25 5.10 -23.54
N THR A 277 -2.29 5.60 -24.78
CA THR A 277 -1.66 6.85 -25.16
C THR A 277 -2.52 8.07 -24.90
N GLY A 278 -3.82 7.84 -24.70
CA GLY A 278 -4.80 8.91 -24.58
C GLY A 278 -5.79 8.89 -25.73
N ASN A 279 -5.66 7.90 -26.61
CA ASN A 279 -6.49 7.77 -27.81
C ASN A 279 -6.62 6.36 -28.29
N THR A 280 -7.43 6.13 -29.31
CA THR A 280 -7.64 4.79 -29.83
C THR A 280 -6.36 4.24 -30.47
N TRP A 281 -5.52 5.15 -30.96
CA TRP A 281 -4.28 4.78 -31.61
C TRP A 281 -3.24 5.78 -31.29
N GLY A 282 -2.00 5.30 -31.21
CA GLY A 282 -0.85 6.17 -31.05
C GLY A 282 -0.68 7.16 -32.20
N CYS A 283 -1.02 6.72 -33.42
CA CYS A 283 -0.95 7.60 -34.58
C CYS A 283 -2.04 8.69 -34.58
N LEU A 284 -3.14 8.47 -33.88
CA LEU A 284 -4.06 9.56 -33.59
C LEU A 284 -3.37 10.57 -32.66
N THR A 285 -2.78 10.09 -31.56
CA THR A 285 -2.18 10.96 -30.54
C THR A 285 -1.06 11.85 -31.11
N TYR A 286 -0.27 11.28 -32.02
CA TYR A 286 0.85 11.97 -32.62
C TYR A 286 0.54 12.45 -34.03
N ASP A 287 -0.72 12.31 -34.43
CA ASP A 287 -1.27 12.96 -35.64
C ASP A 287 -0.53 12.63 -36.96
N PHE A 288 -0.42 11.33 -37.28
CA PHE A 288 0.07 10.91 -38.60
C PHE A 288 -0.80 9.77 -39.15
N MET A 289 -0.81 9.62 -40.47
CA MET A 289 -1.54 8.54 -41.16
C MET A 289 -0.57 7.44 -41.65
N PRO A 290 -0.67 6.23 -41.08
CA PRO A 290 0.20 5.15 -41.53
C PRO A 290 -0.43 4.48 -42.73
N ASP A 291 0.35 3.66 -43.42
CA ASP A 291 -0.14 2.88 -44.52
C ASP A 291 -0.74 1.56 -44.01
N ALA A 292 -0.35 1.15 -42.81
CA ALA A 292 -0.91 -0.04 -42.16
C ALA A 292 -0.73 0.00 -40.65
N ILE A 293 -1.45 -0.87 -39.94
CA ILE A 293 -1.38 -0.93 -38.49
C ILE A 293 -1.22 -2.36 -37.99
N ILE A 294 -0.31 -2.55 -37.03
CA ILE A 294 -0.12 -3.84 -36.39
C ILE A 294 -0.72 -3.76 -35.01
N SER A 295 -1.71 -4.62 -34.74
CA SER A 295 -2.42 -4.59 -33.48
C SER A 295 -2.38 -5.93 -32.74
N SER A 296 -2.43 -5.87 -31.41
CA SER A 296 -2.41 -7.07 -30.55
C SER A 296 -2.57 -6.64 -29.08
N ASN A 298 -3.75 -5.56 -25.93
CA ASN A 298 -5.03 -4.94 -25.55
C ASN A 298 -6.21 -5.38 -26.39
N LEU A 299 -5.90 -5.82 -27.61
CA LEU A 299 -6.92 -6.22 -28.57
C LEU A 299 -7.93 -7.19 -27.93
N THR A 300 -7.42 -8.09 -27.10
CA THR A 300 -8.24 -9.04 -26.35
C THR A 300 -8.14 -8.84 -24.83
N ALA A 301 -7.57 -7.71 -24.42
CA ALA A 301 -7.30 -7.46 -22.99
C ALA A 301 -6.57 -8.66 -22.34
N GLY A 302 -5.67 -9.28 -23.09
CA GLY A 302 -4.94 -10.46 -22.63
C GLY A 302 -5.75 -11.70 -22.30
N PHE A 303 -7.00 -11.76 -22.77
CA PHE A 303 -7.88 -12.93 -22.51
C PHE A 303 -7.67 -14.07 -23.50
N PHE A 304 -6.95 -13.80 -24.59
CA PHE A 304 -6.79 -14.75 -25.69
C PHE A 304 -5.71 -14.25 -26.67
N PRO A 305 -4.85 -15.17 -27.17
CA PRO A 305 -3.77 -14.81 -28.11
C PRO A 305 -4.27 -14.35 -29.49
N MET A 306 -4.12 -13.07 -29.79
CA MET A 306 -4.63 -12.53 -31.04
C MET A 306 -3.69 -11.47 -31.58
N GLY A 307 -3.49 -11.50 -32.88
CA GLY A 307 -2.80 -10.44 -33.61
C GLY A 307 -3.56 -10.04 -34.86
N ALA A 308 -3.40 -8.80 -35.28
CA ALA A 308 -4.04 -8.31 -36.50
C ALA A 308 -3.16 -7.33 -37.26
N VAL A 309 -3.08 -7.59 -38.56
CA VAL A 309 -2.50 -6.66 -39.50
C VAL A 309 -3.69 -5.99 -40.19
N ILE A 310 -3.80 -4.66 -40.04
CA ILE A 310 -4.83 -3.86 -40.72
C ILE A 310 -4.25 -2.98 -41.84
N LEU A 311 -4.42 -3.40 -43.08
CA LEU A 311 -3.93 -2.62 -44.22
C LEU A 311 -4.85 -1.45 -44.55
N GLY A 312 -4.28 -0.24 -44.63
CA GLY A 312 -5.01 0.94 -45.13
C GLY A 312 -5.39 0.77 -46.60
N PRO A 313 -6.23 1.67 -47.14
CA PRO A 313 -6.76 1.50 -48.52
C PRO A 313 -5.69 1.23 -49.60
N ASP A 314 -4.62 1.99 -49.63
CA ASP A 314 -3.68 1.86 -50.73
C ASP A 314 -3.01 0.47 -50.74
N LEU A 315 -2.48 0.04 -49.59
CA LEU A 315 -1.91 -1.30 -49.49
C LEU A 315 -2.96 -2.41 -49.68
N ALA A 316 -4.17 -2.22 -49.17
CA ALA A 316 -5.27 -3.16 -49.40
C ALA A 316 -5.49 -3.38 -50.89
N LYS A 317 -5.65 -2.32 -51.67
CA LYS A 317 -5.80 -2.45 -53.12
C LYS A 317 -4.63 -3.26 -53.68
N ARG A 318 -3.42 -2.77 -53.44
CA ARG A 318 -2.20 -3.33 -54.04
C ARG A 318 -1.94 -4.80 -53.70
N VAL A 319 -2.10 -5.15 -52.41
CA VAL A 319 -1.95 -6.54 -51.96
C VAL A 319 -3.01 -7.42 -52.62
N GLU A 320 -4.27 -6.98 -52.56
CA GLU A 320 -5.38 -7.70 -53.17
C GLU A 320 -5.12 -8.01 -54.65
N ALA A 321 -4.77 -6.98 -55.43
CA ALA A 321 -4.44 -7.17 -56.85
C ALA A 321 -3.30 -8.15 -57.03
N ALA A 322 -2.23 -7.99 -56.24
CA ALA A 322 -1.03 -8.83 -56.32
C ALA A 322 -1.36 -10.30 -56.10
N VAL A 323 -2.26 -10.57 -55.14
CA VAL A 323 -2.76 -11.90 -54.81
C VAL A 323 -3.43 -12.55 -56.02
N GLU A 324 -4.44 -11.88 -56.58
CA GLU A 324 -5.22 -12.43 -57.70
C GLU A 324 -4.40 -12.76 -58.95
N ALA A 325 -3.24 -12.11 -59.11
CA ALA A 325 -2.33 -12.43 -60.21
C ALA A 325 -1.73 -13.84 -60.07
N ILE A 326 -1.73 -14.36 -58.85
CA ILE A 326 -1.03 -15.60 -58.48
C ILE A 326 -2.01 -16.66 -57.96
N GLU A 327 -3.14 -16.18 -57.41
CA GLU A 327 -4.34 -16.99 -57.05
C GLU A 327 -4.45 -17.52 -55.62
N GLU A 328 -3.45 -17.23 -54.77
CA GLU A 328 -3.48 -17.63 -53.36
C GLU A 328 -2.46 -16.83 -52.54
N PHE A 329 -2.85 -16.38 -51.35
CA PHE A 329 -1.89 -15.86 -50.38
C PHE A 329 -1.38 -17.03 -49.52
N PRO A 330 -0.25 -17.65 -49.92
CA PRO A 330 0.22 -18.89 -49.28
C PRO A 330 0.81 -18.63 -47.89
N HIS A 331 0.00 -18.05 -47.02
CA HIS A 331 0.43 -17.66 -45.71
C HIS A 331 -0.72 -17.75 -44.74
N GLY A 332 -0.43 -18.06 -43.49
CA GLY A 332 -1.46 -18.20 -42.44
C GLY A 332 -1.13 -19.18 -41.32
N PHE A 333 -1.66 -18.89 -40.12
CA PHE A 333 -1.43 -19.69 -38.90
C PHE A 333 -2.68 -20.50 -38.53
N THR A 334 -2.48 -21.72 -38.00
CA THR A 334 -3.56 -22.65 -37.65
C THR A 334 -4.72 -22.00 -36.91
N ALA A 335 -4.42 -21.24 -35.87
CA ALA A 335 -5.42 -20.64 -34.99
C ALA A 335 -5.79 -19.20 -35.37
N SER A 336 -5.25 -18.68 -36.48
CA SER A 336 -5.53 -17.31 -36.89
C SER A 336 -6.99 -17.16 -37.39
N GLY A 337 -7.67 -16.13 -36.85
CA GLY A 337 -9.08 -15.84 -37.17
C GLY A 337 -10.03 -16.62 -36.27
N HIS A 338 -9.59 -16.87 -35.04
CA HIS A 338 -10.26 -17.79 -34.13
C HIS A 338 -11.59 -17.26 -33.65
N PRO A 339 -12.64 -18.10 -33.68
CA PRO A 339 -13.98 -17.69 -33.23
C PRO A 339 -13.97 -17.13 -31.80
N VAL A 340 -13.38 -17.86 -30.86
CA VAL A 340 -13.27 -17.40 -29.49
C VAL A 340 -12.53 -16.05 -29.39
N GLY A 341 -11.36 -15.97 -30.01
CA GLY A 341 -10.54 -14.79 -29.90
C GLY A 341 -11.16 -13.55 -30.53
N CYS A 342 -11.92 -13.77 -31.59
CA CYS A 342 -12.58 -12.67 -32.28
C CYS A 342 -13.70 -12.11 -31.44
N ALA A 343 -14.54 -12.99 -30.90
CA ALA A 343 -15.59 -12.64 -29.94
C ALA A 343 -15.05 -11.79 -28.80
N ILE A 344 -13.92 -12.24 -28.23
CA ILE A 344 -13.32 -11.60 -27.08
C ILE A 344 -12.85 -10.18 -27.43
N ALA A 345 -12.25 -10.06 -28.61
CA ALA A 345 -11.77 -8.79 -29.08
C ALA A 345 -12.93 -7.80 -29.27
N LEU A 346 -14.03 -8.26 -29.86
CA LEU A 346 -15.22 -7.44 -29.99
C LEU A 346 -15.61 -6.89 -28.62
N LYS A 347 -15.77 -7.78 -27.64
CA LYS A 347 -16.04 -7.38 -26.28
C LYS A 347 -14.97 -6.46 -25.69
N ALA A 348 -13.70 -6.78 -25.92
CA ALA A 348 -12.62 -5.93 -25.38
C ALA A 348 -12.65 -4.52 -25.99
N ILE A 349 -12.79 -4.44 -27.31
CA ILE A 349 -12.94 -3.16 -28.00
C ILE A 349 -14.14 -2.37 -27.44
N ASP A 350 -15.27 -3.05 -27.27
CA ASP A 350 -16.45 -2.42 -26.70
C ASP A 350 -16.20 -1.94 -25.27
N VAL A 351 -15.63 -2.79 -24.42
CA VAL A 351 -15.34 -2.44 -23.02
C VAL A 351 -14.46 -1.19 -22.91
N VAL A 352 -13.36 -1.17 -23.67
CA VAL A 352 -12.39 -0.08 -23.61
C VAL A 352 -13.03 1.26 -24.05
N MET A 353 -13.62 1.28 -25.23
CA MET A 353 -14.10 2.53 -25.82
C MET A 353 -15.47 3.01 -25.35
N ASN A 354 -16.30 2.11 -24.83
CA ASN A 354 -17.70 2.45 -24.52
C ASN A 354 -18.14 2.23 -23.07
N GLU A 355 -17.32 1.53 -22.29
CA GLU A 355 -17.61 1.30 -20.88
C GLU A 355 -16.58 1.99 -20.01
N GLY A 356 -15.98 3.06 -20.54
CA GLY A 356 -15.23 4.02 -19.75
C GLY A 356 -13.76 3.81 -19.46
N LEU A 357 -13.19 2.71 -19.93
CA LEU A 357 -11.79 2.41 -19.59
C LEU A 357 -10.80 3.41 -20.17
N ALA A 358 -10.87 3.60 -21.48
CA ALA A 358 -10.08 4.62 -22.20
C ALA A 358 -10.27 6.04 -21.65
N GLU A 359 -11.52 6.41 -21.34
CA GLU A 359 -11.77 7.74 -20.76
C GLU A 359 -11.11 7.85 -19.39
N ASN A 360 -11.14 6.76 -18.63
CA ASN A 360 -10.43 6.71 -17.34
C ASN A 360 -8.94 7.07 -17.45
N VAL A 361 -8.32 6.68 -18.56
CA VAL A 361 -6.91 6.99 -18.83
C VAL A 361 -6.73 8.48 -19.06
N ARG A 362 -7.57 9.06 -19.92
CA ARG A 362 -7.48 10.48 -20.23
C ARG A 362 -7.66 11.28 -18.96
N ARG A 363 -8.62 10.87 -18.12
CA ARG A 363 -8.97 11.55 -16.86
C ARG A 363 -7.86 11.54 -15.79
N LEU A 364 -7.11 10.44 -15.71
CA LEU A 364 -6.17 10.26 -14.61
C LEU A 364 -4.72 10.51 -15.00
N ALA A 365 -4.49 10.76 -16.29
CA ALA A 365 -3.15 11.07 -16.81
C ALA A 365 -2.50 12.27 -16.14
N PRO A 366 -3.27 13.36 -15.88
CA PRO A 366 -2.67 14.49 -15.17
C PRO A 366 -2.12 14.12 -13.81
N ARG A 367 -2.91 13.43 -13.00
CA ARG A 367 -2.49 12.97 -11.68
C ARG A 367 -1.29 12.01 -11.70
N PHE A 368 -1.30 11.09 -12.67
CA PHE A 368 -0.22 10.12 -12.91
C PHE A 368 1.07 10.88 -13.18
N GLU A 369 0.98 11.87 -14.07
CA GLU A 369 2.10 12.73 -14.41
C GLU A 369 2.62 13.56 -13.22
N ALA A 370 1.69 13.98 -12.35
CA ALA A 370 2.05 14.72 -11.15
C ALA A 370 2.86 13.86 -10.18
N GLY A 371 2.47 12.58 -10.03
CA GLY A 371 3.18 11.64 -9.17
C GLY A 371 4.62 11.42 -9.59
N LEU A 372 4.84 11.21 -10.88
CA LEU A 372 6.18 10.95 -11.39
C LEU A 372 7.09 12.16 -11.29
N LYS A 373 6.56 13.34 -11.63
CA LYS A 373 7.28 14.61 -11.48
C LYS A 373 7.74 14.83 -10.03
N ARG A 374 6.87 14.48 -9.08
CA ARG A 374 7.22 14.50 -7.66
C ARG A 374 8.34 13.48 -7.39
N ILE A 375 8.19 12.26 -7.92
CA ILE A 375 9.15 11.17 -7.69
C ILE A 375 10.51 11.43 -8.33
N ALA A 376 10.51 12.08 -9.49
CA ALA A 376 11.74 12.37 -10.24
C ALA A 376 12.63 13.42 -9.58
N ASP A 377 12.16 14.00 -8.47
CA ASP A 377 12.86 15.11 -7.82
C ASP A 377 14.25 14.75 -7.27
N ARG A 378 14.41 13.50 -6.83
CA ARG A 378 15.64 13.03 -6.19
C ARG A 378 16.89 12.97 -7.09
N PRO A 379 18.08 12.83 -6.45
CA PRO A 379 19.41 12.73 -7.13
C PRO A 379 19.53 11.63 -8.18
N ASN A 380 18.89 10.49 -7.98
CA ASN A 380 19.11 9.30 -8.82
C ASN A 380 18.06 8.96 -9.87
N ILE A 381 17.17 9.91 -10.15
CA ILE A 381 16.28 9.82 -11.29
C ILE A 381 16.72 10.91 -12.26
N GLY A 382 17.02 10.53 -13.49
CA GLY A 382 17.47 11.46 -14.53
C GLY A 382 16.34 12.25 -15.13
N GLU A 383 15.19 11.59 -15.32
CA GLU A 383 14.01 12.19 -15.94
C GLU A 383 12.80 11.28 -15.74
N TYR A 384 11.63 11.85 -15.93
CA TYR A 384 10.41 11.06 -16.08
C TYR A 384 9.89 11.36 -17.48
N ARG A 385 9.06 10.47 -18.03
CA ARG A 385 8.57 10.58 -19.40
C ARG A 385 7.41 9.61 -19.63
N GLY A 386 6.61 9.93 -20.65
CA GLY A 386 5.51 9.08 -21.06
C GLY A 386 4.28 9.90 -21.38
N ILE A 387 3.13 9.24 -21.31
CA ILE A 387 1.87 9.84 -21.70
C ILE A 387 0.73 8.89 -21.30
N GLY A 388 -0.47 9.44 -21.10
CA GLY A 388 -1.64 8.63 -20.73
C GLY A 388 -1.33 7.70 -19.59
N PHE A 389 -1.50 6.40 -19.81
CA PHE A 389 -1.18 5.40 -18.78
C PHE A 389 0.06 4.57 -19.14
N MET A 390 1.08 5.23 -19.68
CA MET A 390 2.37 4.58 -19.89
C MET A 390 3.50 5.54 -19.57
N TRP A 391 4.36 5.13 -18.64
CA TRP A 391 5.33 6.04 -18.03
C TRP A 391 6.58 5.35 -17.62
N ALA A 392 7.67 6.12 -17.53
CA ALA A 392 8.95 5.61 -17.03
C ALA A 392 9.80 6.65 -16.29
N LEU A 393 10.49 6.17 -15.26
CA LEU A 393 11.52 6.91 -14.56
C LEU A 393 12.90 6.34 -14.94
N GLU A 394 13.85 7.22 -15.26
CA GLU A 394 15.19 6.75 -15.60
C GLU A 394 16.16 6.86 -14.42
N ALA A 395 16.71 5.75 -13.97
CA ALA A 395 17.65 5.76 -12.84
C ALA A 395 19.06 6.13 -13.30
N VAL A 396 19.69 7.04 -12.60
CA VAL A 396 21.05 7.45 -12.96
C VAL A 396 21.93 7.43 -11.71
N LYS A 397 23.20 7.07 -11.88
CA LYS A 397 24.22 7.25 -10.83
C LYS A 397 24.48 8.74 -10.58
N ASP A 398 24.78 9.47 -11.66
CA ASP A 398 24.96 10.91 -11.58
C ASP A 398 24.01 11.62 -12.54
N LYS A 399 23.22 12.54 -11.99
CA LYS A 399 22.19 13.26 -12.74
C LYS A 399 22.72 14.30 -13.76
N PRO A 400 23.52 15.30 -13.32
CA PRO A 400 24.06 16.23 -14.31
C PRO A 400 24.67 15.55 -15.55
N THR A 401 25.52 14.55 -15.35
CA THR A 401 26.20 13.87 -16.47
C THR A 401 25.40 12.76 -17.13
N LYS A 402 24.27 12.40 -16.54
CA LYS A 402 23.38 11.38 -17.12
C LYS A 402 23.90 9.94 -17.08
N THR A 403 24.90 9.67 -16.24
CA THR A 403 25.60 8.40 -16.26
C THR A 403 24.80 7.32 -15.51
N PRO A 404 24.66 6.13 -16.12
CA PRO A 404 23.86 5.06 -15.52
C PRO A 404 24.61 4.38 -14.38
N PHE A 405 23.93 3.54 -13.62
CA PHE A 405 24.60 2.73 -12.59
C PHE A 405 25.41 1.63 -13.28
N ASP A 406 26.46 1.15 -12.61
CA ASP A 406 27.23 0.01 -13.09
C ASP A 406 26.39 -1.24 -13.27
N ALA A 407 26.64 -1.95 -14.36
CA ALA A 407 25.99 -3.24 -14.62
C ALA A 407 26.04 -4.16 -13.40
N ASN A 408 27.16 -4.18 -12.69
CA ASN A 408 27.33 -5.13 -11.59
C ASN A 408 26.46 -4.81 -10.37
N LEU A 409 25.92 -3.61 -10.33
CA LEU A 409 25.01 -3.24 -9.25
C LEU A 409 23.62 -3.85 -9.43
N SER A 410 23.25 -4.16 -10.69
CA SER A 410 21.99 -4.85 -11.01
C SER A 410 20.78 -4.04 -10.52
N VAL A 411 20.86 -2.73 -10.71
CA VAL A 411 19.88 -1.80 -10.15
C VAL A 411 18.44 -2.14 -10.56
N SER A 412 18.29 -2.47 -11.83
CA SER A 412 17.05 -2.99 -12.39
C SER A 412 16.43 -4.11 -11.57
N GLU A 413 17.20 -5.16 -11.30
CA GLU A 413 16.70 -6.29 -10.48
C GLU A 413 16.35 -5.86 -9.06
N ARG A 414 17.21 -5.06 -8.43
CA ARG A 414 16.99 -4.63 -7.08
C ARG A 414 15.64 -3.92 -6.96
N ILE A 415 15.31 -3.11 -7.97
CA ILE A 415 14.07 -2.37 -7.95
C ILE A 415 12.84 -3.28 -8.16
N ALA A 416 12.89 -4.14 -9.17
CA ALA A 416 11.89 -5.19 -9.40
C ALA A 416 11.66 -6.01 -8.14
N ASN A 417 12.72 -6.67 -7.67
CA ASN A 417 12.69 -7.46 -6.43
C ASN A 417 12.13 -6.73 -5.18
N THR A 418 12.66 -5.54 -4.88
CA THR A 418 12.17 -4.78 -3.75
C THR A 418 10.70 -4.41 -3.89
N CYS A 419 10.27 -4.03 -5.08
CA CYS A 419 8.85 -3.72 -5.35
C CYS A 419 7.95 -4.93 -5.08
N THR A 420 8.33 -6.07 -5.66
CA THR A 420 7.64 -7.31 -5.39
C THR A 420 7.52 -7.57 -3.88
N ASP A 421 8.59 -7.33 -3.13
CA ASP A 421 8.58 -7.62 -1.69
C ASP A 421 7.62 -6.75 -0.93
N LEU A 422 7.30 -5.58 -1.51
CA LEU A 422 6.37 -4.61 -0.92
C LEU A 422 4.96 -4.72 -1.50
N GLY A 423 4.73 -5.75 -2.32
CA GLY A 423 3.43 -5.98 -2.92
C GLY A 423 3.12 -5.16 -4.16
N LEU A 424 4.15 -4.84 -4.96
CA LEU A 424 3.96 -4.06 -6.20
C LEU A 424 4.66 -4.73 -7.36
N ILE A 425 3.92 -5.23 -8.33
CA ILE A 425 4.58 -5.73 -9.53
C ILE A 425 4.96 -4.52 -10.38
N CYS A 426 6.26 -4.31 -10.53
CA CYS A 426 6.80 -3.23 -11.32
C CYS A 426 8.00 -3.80 -12.03
N ARG A 427 7.99 -3.76 -13.36
CA ARG A 427 9.08 -4.35 -14.12
C ARG A 427 9.94 -3.35 -14.89
N PRO A 428 11.14 -3.05 -14.37
CA PRO A 428 12.11 -2.18 -15.02
C PRO A 428 12.76 -2.86 -16.19
N LEU A 429 12.88 -2.11 -17.28
CA LEU A 429 13.52 -2.61 -18.46
C LEU A 429 14.77 -1.77 -18.56
N GLY A 430 15.92 -2.39 -18.35
CA GLY A 430 17.18 -1.67 -18.24
C GLY A 430 17.10 -0.85 -16.99
N GLN A 431 17.57 0.40 -17.05
CA GLN A 431 17.44 1.29 -15.91
C GLN A 431 16.22 2.23 -16.03
N SER A 432 15.25 1.80 -16.84
CA SER A 432 13.99 2.49 -17.05
C SER A 432 12.89 1.82 -16.22
N ILE A 433 12.50 2.46 -15.12
CA ILE A 433 11.40 1.97 -14.27
C ILE A 433 10.06 2.28 -14.94
N VAL A 434 9.39 1.23 -15.38
CA VAL A 434 8.20 1.36 -16.21
C VAL A 434 6.93 1.14 -15.39
N LEU A 435 5.93 1.95 -15.69
CA LEU A 435 4.64 1.82 -15.07
C LEU A 435 3.60 1.87 -16.17
N CYS A 436 2.81 0.78 -16.25
CA CYS A 436 1.75 0.67 -17.26
C CYS A 436 0.57 -0.13 -16.71
N PRO A 437 -0.10 0.43 -15.68
CA PRO A 437 -1.16 -0.26 -14.96
C PRO A 437 -2.43 -0.49 -15.81
N PRO A 438 -3.33 -1.40 -15.39
CA PRO A 438 -4.59 -1.50 -16.14
C PRO A 438 -5.36 -0.17 -16.17
N PHE A 439 -6.21 -0.03 -17.18
CA PHE A 439 -7.07 1.14 -17.31
C PHE A 439 -8.10 1.24 -16.18
N ILE A 440 -8.54 0.11 -15.62
CA ILE A 440 -9.53 0.10 -14.52
C ILE A 440 -9.01 0.66 -13.17
N LEU A 441 -7.83 1.28 -13.22
CA LEU A 441 -7.13 1.74 -12.02
C LEU A 441 -7.79 2.96 -11.37
N THR A 442 -8.04 2.86 -10.06
CA THR A 442 -8.72 3.92 -9.29
C THR A 442 -7.69 4.86 -8.65
N GLU A 443 -8.10 6.09 -8.37
CA GLU A 443 -7.19 7.09 -7.76
C GLU A 443 -6.47 6.55 -6.52
N ALA A 444 -7.16 5.70 -5.76
CA ALA A 444 -6.60 5.12 -4.54
C ALA A 444 -5.53 4.11 -4.87
N GLN A 445 -5.80 3.26 -5.85
CA GLN A 445 -4.83 2.32 -6.37
C GLN A 445 -3.59 3.02 -6.96
N MET A 446 -3.79 4.16 -7.61
CA MET A 446 -2.68 4.92 -8.18
C MET A 446 -1.76 5.44 -7.07
N ASP A 447 -2.38 5.89 -5.98
CA ASP A 447 -1.65 6.28 -4.77
C ASP A 447 -0.90 5.11 -4.16
N GLU A 448 -1.53 3.93 -4.17
CA GLU A 448 -0.90 2.73 -3.63
C GLU A 448 0.39 2.43 -4.37
N MET A 449 0.29 2.44 -5.71
CA MET A 449 1.42 2.21 -6.61
C MET A 449 2.57 3.18 -6.39
N PHE A 450 2.29 4.48 -6.25
CA PHE A 450 3.32 5.48 -6.01
C PHE A 450 4.02 5.27 -4.68
N GLU A 451 3.25 5.28 -3.60
CA GLU A 451 3.77 5.02 -2.25
C GLU A 451 4.68 3.78 -2.22
N LYS A 452 4.23 2.68 -2.83
CA LYS A 452 5.05 1.46 -2.89
C LYS A 452 6.36 1.65 -3.70
N LEU A 453 6.24 2.27 -4.87
CA LEU A 453 7.39 2.56 -5.71
C LEU A 453 8.43 3.41 -5.00
N GLU A 454 7.97 4.42 -4.28
CA GLU A 454 8.85 5.37 -3.60
C GLU A 454 9.67 4.73 -2.51
N LYS A 455 9.03 3.88 -1.73
CA LYS A 455 9.69 3.13 -0.66
C LYS A 455 10.81 2.27 -1.27
N ALA A 456 10.44 1.49 -2.30
CA ALA A 456 11.39 0.71 -3.07
C ALA A 456 12.58 1.55 -3.53
N LEU A 457 12.32 2.71 -4.11
CA LEU A 457 13.41 3.59 -4.55
C LEU A 457 14.31 4.06 -3.38
N ASP A 458 13.70 4.44 -2.26
CA ASP A 458 14.47 4.89 -1.09
C ASP A 458 15.43 3.79 -0.67
N LYS A 459 14.87 2.59 -0.53
CA LYS A 459 15.61 1.43 -0.06
C LYS A 459 16.78 1.11 -0.99
N VAL A 460 16.52 0.96 -2.28
CA VAL A 460 17.55 0.58 -3.25
C VAL A 460 18.63 1.64 -3.44
N PHE A 461 18.25 2.90 -3.63
CA PHE A 461 19.25 3.96 -3.80
C PHE A 461 20.15 4.14 -2.58
N ALA A 462 19.66 3.77 -1.41
CA ALA A 462 20.47 3.88 -0.20
C ALA A 462 21.41 2.68 -0.05
N GLU A 463 21.01 1.53 -0.56
CA GLU A 463 21.87 0.34 -0.60
C GLU A 463 23.05 0.58 -1.53
N VAL A 464 22.85 1.48 -2.48
CA VAL A 464 23.67 1.57 -3.68
C VAL A 464 24.32 2.97 -3.88
N ALA A 465 24.39 3.77 -2.80
CA ALA A 465 25.01 5.11 -2.87
C ALA A 465 26.38 5.17 -2.18
N GLN B 17 -26.71 -6.59 -47.01
CA GLN B 17 -25.30 -7.05 -46.85
C GLN B 17 -25.22 -8.49 -46.31
N SER B 18 -25.02 -9.45 -47.22
CA SER B 18 -24.97 -10.86 -46.85
C SER B 18 -23.69 -11.22 -46.07
N TRP B 19 -23.64 -12.45 -45.57
CA TRP B 19 -22.46 -12.93 -44.88
C TRP B 19 -21.33 -13.10 -45.83
N GLU B 20 -21.63 -13.62 -47.03
CA GLU B 20 -20.64 -13.83 -48.08
C GLU B 20 -19.94 -12.53 -48.49
N ALA B 21 -20.74 -11.45 -48.58
CA ALA B 21 -20.29 -10.14 -49.06
C ALA B 21 -19.48 -9.35 -48.03
N ARG B 22 -19.92 -9.41 -46.76
CA ARG B 22 -19.20 -8.78 -45.66
C ARG B 22 -17.85 -9.49 -45.43
N ALA B 23 -17.81 -10.79 -45.73
CA ALA B 23 -16.58 -11.57 -45.72
C ALA B 23 -15.56 -11.06 -46.75
N GLU B 24 -15.96 -10.98 -48.02
CA GLU B 24 -15.12 -10.47 -49.11
C GLU B 24 -14.55 -9.07 -48.83
N THR B 25 -15.31 -8.24 -48.12
CA THR B 25 -15.03 -6.81 -48.04
C THR B 25 -13.88 -6.43 -47.10
N TYR B 26 -13.88 -7.03 -45.92
CA TYR B 26 -12.92 -6.66 -44.87
C TYR B 26 -11.84 -7.72 -44.67
N SER B 27 -12.00 -8.86 -45.34
CA SER B 27 -11.08 -9.98 -45.16
C SER B 27 -9.99 -10.10 -46.21
N LEU B 28 -8.80 -10.45 -45.72
CA LEU B 28 -7.68 -10.86 -46.52
C LEU B 28 -7.51 -12.37 -46.27
N TYR B 29 -7.63 -13.15 -47.33
CA TYR B 29 -7.72 -14.61 -47.22
C TYR B 29 -6.36 -15.29 -47.18
N GLY B 30 -6.16 -16.12 -46.15
CA GLY B 30 -4.96 -16.93 -46.01
C GLY B 30 -5.19 -18.35 -46.47
N PHE B 31 -4.23 -18.91 -47.21
CA PHE B 31 -4.31 -20.26 -47.81
C PHE B 31 -5.67 -20.59 -48.49
N THR B 32 -6.16 -19.65 -49.31
CA THR B 32 -7.49 -19.74 -49.95
C THR B 32 -7.44 -19.48 -51.47
N ASP B 33 -7.99 -20.40 -52.25
CA ASP B 33 -8.18 -20.18 -53.69
C ASP B 33 -9.12 -19.01 -53.91
N MET B 34 -8.65 -18.01 -54.66
CA MET B 34 -9.48 -16.83 -54.94
C MET B 34 -10.47 -17.01 -56.10
N PRO B 35 -10.08 -17.74 -57.18
CA PRO B 35 -11.07 -18.08 -58.23
C PRO B 35 -12.32 -18.86 -57.80
N SER B 36 -12.25 -19.62 -56.70
CA SER B 36 -13.42 -20.39 -56.23
C SER B 36 -14.10 -19.88 -54.94
N VAL B 37 -13.45 -18.96 -54.22
CA VAL B 37 -14.12 -18.26 -53.11
C VAL B 37 -14.86 -17.02 -53.63
N HIS B 38 -14.39 -16.49 -54.77
CA HIS B 38 -15.13 -15.47 -55.52
C HIS B 38 -16.26 -16.12 -56.28
N GLN B 39 -16.04 -17.34 -56.75
CA GLN B 39 -17.04 -18.13 -57.47
C GLN B 39 -18.15 -18.67 -56.56
N ARG B 40 -17.79 -19.51 -55.60
CA ARG B 40 -18.74 -20.12 -54.67
C ARG B 40 -18.89 -19.24 -53.45
N GLY B 41 -19.94 -19.47 -52.66
CA GLY B 41 -20.12 -18.72 -51.42
C GLY B 41 -18.94 -18.91 -50.47
N THR B 42 -18.45 -17.81 -49.89
CA THR B 42 -17.53 -17.88 -48.76
C THR B 42 -18.33 -18.47 -47.61
N VAL B 43 -17.98 -19.69 -47.22
CA VAL B 43 -18.74 -20.39 -46.18
C VAL B 43 -18.41 -19.81 -44.80
N VAL B 44 -19.44 -19.33 -44.13
CA VAL B 44 -19.31 -18.73 -42.82
C VAL B 44 -19.93 -19.70 -41.79
N VAL B 45 -19.16 -20.06 -40.77
CA VAL B 45 -19.52 -21.14 -39.83
C VAL B 45 -19.99 -20.61 -38.47
N THR B 46 -21.08 -21.18 -37.95
CA THR B 46 -21.68 -20.72 -36.68
C THR B 46 -21.39 -21.62 -35.49
N HIS B 47 -21.55 -22.94 -35.67
CA HIS B 47 -21.35 -23.93 -34.60
C HIS B 47 -21.04 -25.29 -35.15
N GLY B 48 -20.92 -26.28 -34.27
CA GLY B 48 -20.72 -27.67 -34.66
C GLY B 48 -21.39 -28.69 -33.75
N GLU B 49 -21.21 -29.96 -34.10
CA GLU B 49 -21.80 -31.08 -33.36
C GLU B 49 -20.99 -32.33 -33.68
N GLY B 50 -20.36 -32.93 -32.69
CA GLY B 50 -19.52 -34.10 -32.96
C GLY B 50 -18.52 -33.73 -34.04
N PRO B 51 -18.48 -34.50 -35.13
CA PRO B 51 -17.59 -34.15 -36.21
C PRO B 51 -18.25 -33.35 -37.35
N TYR B 52 -19.37 -32.69 -37.06
CA TYR B 52 -20.12 -31.95 -38.08
C TYR B 52 -20.08 -30.46 -37.80
N ILE B 53 -19.96 -29.65 -38.86
CA ILE B 53 -20.13 -28.18 -38.74
C ILE B 53 -21.40 -27.67 -39.43
N VAL B 54 -21.90 -26.55 -38.92
CA VAL B 54 -23.11 -25.89 -39.45
C VAL B 54 -22.83 -24.44 -39.85
N ASP B 55 -23.17 -24.09 -41.09
CA ASP B 55 -22.91 -22.74 -41.58
C ASP B 55 -24.07 -21.79 -41.25
N VAL B 56 -23.97 -20.56 -41.77
CA VAL B 56 -24.85 -19.46 -41.38
C VAL B 56 -26.25 -19.57 -41.99
N HIS B 57 -26.40 -20.46 -42.98
CA HIS B 57 -27.69 -20.72 -43.59
C HIS B 57 -28.31 -22.00 -43.07
N GLY B 58 -27.49 -22.90 -42.54
CA GLY B 58 -27.97 -24.10 -41.87
C GLY B 58 -27.58 -25.43 -42.48
N ARG B 59 -26.62 -25.42 -43.40
CA ARG B 59 -26.14 -26.66 -44.00
C ARG B 59 -25.16 -27.33 -43.05
N ARG B 60 -25.25 -28.65 -42.97
CA ARG B 60 -24.35 -29.48 -42.17
C ARG B 60 -23.29 -30.16 -43.05
N TYR B 61 -22.07 -30.29 -42.55
CA TYR B 61 -21.00 -30.97 -43.29
C TYR B 61 -20.17 -31.85 -42.34
N LEU B 62 -19.86 -33.07 -42.77
CA LEU B 62 -18.92 -33.93 -42.04
C LEU B 62 -17.47 -33.49 -42.31
N ASP B 63 -16.80 -32.95 -41.30
CA ASP B 63 -15.47 -32.40 -41.48
C ASP B 63 -14.42 -33.51 -41.30
N ALA B 64 -14.03 -34.14 -42.40
CA ALA B 64 -13.01 -35.17 -42.37
C ALA B 64 -11.58 -34.59 -42.23
N ASN B 65 -11.50 -33.33 -41.80
CA ASN B 65 -10.23 -32.62 -41.63
C ASN B 65 -9.99 -32.08 -40.21
N SER B 66 -10.91 -32.42 -39.30
CA SER B 66 -10.83 -31.99 -37.91
C SER B 66 -10.55 -30.52 -37.81
N GLY B 67 -11.37 -29.73 -38.50
CA GLY B 67 -11.11 -28.31 -38.67
C GLY B 67 -9.90 -28.19 -39.55
N LEU B 68 -8.75 -28.07 -38.90
CA LEU B 68 -7.47 -28.07 -39.58
C LEU B 68 -6.54 -29.00 -38.79
N TRP B 69 -6.84 -30.29 -38.85
CA TRP B 69 -6.06 -31.35 -38.16
C TRP B 69 -6.22 -31.38 -36.67
N ASN B 70 -6.79 -30.31 -36.10
CA ASN B 70 -6.64 -30.06 -34.68
C ASN B 70 -7.86 -30.32 -33.80
N MET B 71 -9.05 -30.35 -34.40
CA MET B 71 -10.28 -30.54 -33.63
C MET B 71 -10.55 -32.01 -33.31
N VAL B 72 -9.53 -32.71 -32.81
CA VAL B 72 -9.60 -34.15 -32.59
C VAL B 72 -10.80 -34.62 -31.72
N ALA B 73 -11.30 -33.76 -30.84
CA ALA B 73 -12.42 -34.10 -29.95
C ALA B 73 -13.74 -33.64 -30.52
N GLY B 74 -13.71 -33.13 -31.75
CA GLY B 74 -14.92 -32.62 -32.37
C GLY B 74 -15.14 -31.18 -31.99
N PHE B 75 -16.31 -30.66 -32.33
CA PHE B 75 -16.57 -29.23 -32.30
C PHE B 75 -17.42 -28.81 -31.13
N ASP B 76 -17.91 -29.76 -30.33
CA ASP B 76 -18.76 -29.42 -29.20
C ASP B 76 -18.53 -30.29 -27.98
N HIS B 77 -17.32 -30.81 -27.82
CA HIS B 77 -17.00 -31.64 -26.69
C HIS B 77 -17.35 -30.99 -25.38
N LYS B 78 -18.12 -31.69 -24.55
CA LYS B 78 -18.60 -31.15 -23.27
C LYS B 78 -17.46 -30.77 -22.32
N GLY B 79 -16.62 -31.74 -21.98
CA GLY B 79 -15.52 -31.56 -21.01
C GLY B 79 -14.61 -30.38 -21.31
N LEU B 80 -14.07 -30.35 -22.53
CA LEU B 80 -13.23 -29.26 -22.92
C LEU B 80 -13.97 -27.93 -22.82
N ILE B 81 -15.25 -27.92 -23.20
CA ILE B 81 -15.99 -26.67 -23.13
C ILE B 81 -16.03 -26.16 -21.69
N GLU B 82 -16.29 -27.05 -20.75
CA GLU B 82 -16.37 -26.68 -19.34
C GLU B 82 -15.00 -26.35 -18.76
N ALA B 83 -13.97 -27.09 -19.18
CA ALA B 83 -12.60 -26.80 -18.71
C ALA B 83 -12.17 -25.38 -19.12
N ALA B 84 -12.38 -25.02 -20.38
CA ALA B 84 -12.12 -23.66 -20.86
C ALA B 84 -12.83 -22.62 -20.01
N LYS B 85 -14.14 -22.79 -19.86
CA LYS B 85 -15.00 -21.89 -19.10
C LYS B 85 -14.61 -21.82 -17.64
N ALA B 86 -14.29 -22.98 -17.05
CA ALA B 86 -13.88 -23.05 -15.65
C ALA B 86 -12.67 -22.17 -15.39
N GLN B 87 -11.75 -22.12 -16.35
CA GLN B 87 -10.51 -21.35 -16.19
C GLN B 87 -10.68 -19.86 -16.41
N TYR B 88 -11.61 -19.49 -17.29
CA TYR B 88 -11.97 -18.09 -17.46
C TYR B 88 -12.57 -17.55 -16.16
N ASP B 89 -13.26 -18.43 -15.42
CA ASP B 89 -13.84 -18.11 -14.11
C ASP B 89 -12.83 -17.96 -12.97
N ARG B 90 -11.62 -18.47 -13.18
CA ARG B 90 -10.68 -18.58 -12.09
C ARG B 90 -9.48 -17.65 -12.33
N PHE B 91 -9.02 -17.56 -13.58
CA PHE B 91 -7.89 -16.69 -13.91
C PHE B 91 -7.77 -16.64 -15.42
N PRO B 92 -8.40 -15.64 -16.05
CA PRO B 92 -8.58 -15.57 -17.50
C PRO B 92 -7.38 -15.13 -18.36
N GLY B 93 -6.22 -14.87 -17.75
CA GLY B 93 -5.08 -14.37 -18.52
C GLY B 93 -3.90 -13.98 -17.65
N TYR B 94 -2.72 -14.35 -18.12
CA TYR B 94 -1.46 -13.92 -17.53
C TYR B 94 -0.34 -14.26 -18.51
N HIS B 95 0.92 -14.10 -18.06
CA HIS B 95 2.12 -14.39 -18.83
C HIS B 95 3.05 -15.31 -18.04
N ALA B 96 4.25 -15.57 -18.57
CA ALA B 96 5.19 -16.43 -17.88
C ALA B 96 6.61 -15.87 -17.85
N PHE B 97 6.73 -14.55 -17.66
CA PHE B 97 8.05 -13.90 -17.64
C PHE B 97 8.39 -13.30 -16.29
N PHE B 98 9.63 -12.85 -16.19
CA PHE B 98 10.16 -12.10 -15.06
C PHE B 98 10.02 -12.80 -13.71
N GLY B 99 10.04 -14.12 -13.71
CA GLY B 99 9.95 -14.88 -12.47
C GLY B 99 8.55 -15.14 -11.96
N ARG B 100 7.58 -15.04 -12.87
CA ARG B 100 6.17 -15.35 -12.57
C ARG B 100 5.56 -16.23 -13.65
N MET B 101 4.51 -16.96 -13.27
CA MET B 101 3.71 -17.79 -14.17
C MET B 101 2.54 -18.35 -13.38
N SER B 102 1.46 -18.72 -14.07
CA SER B 102 0.26 -19.27 -13.45
C SER B 102 0.46 -20.71 -12.93
N ASP B 103 -0.43 -21.18 -12.05
CA ASP B 103 -0.37 -22.57 -11.59
C ASP B 103 -0.60 -23.54 -12.76
N GLN B 104 -1.54 -23.19 -13.64
CA GLN B 104 -1.76 -23.97 -14.85
C GLN B 104 -0.44 -24.19 -15.60
N THR B 105 0.35 -23.13 -15.76
CA THR B 105 1.60 -23.23 -16.49
C THR B 105 2.49 -24.32 -15.93
N VAL B 106 2.66 -24.33 -14.61
CA VAL B 106 3.54 -25.28 -13.94
C VAL B 106 3.01 -26.71 -14.06
N MET B 107 1.69 -26.89 -13.95
CA MET B 107 1.10 -28.21 -14.10
C MET B 107 1.37 -28.73 -15.51
N LEU B 108 1.11 -27.91 -16.52
CA LEU B 108 1.34 -28.33 -17.90
C LEU B 108 2.79 -28.71 -18.23
N SER B 109 3.76 -27.96 -17.71
CA SER B 109 5.14 -28.29 -18.02
C SER B 109 5.45 -29.66 -17.46
N GLU B 110 5.01 -29.90 -16.23
CA GLU B 110 5.12 -31.18 -15.56
C GLU B 110 4.49 -32.27 -16.42
N LYS B 111 3.29 -32.02 -16.90
CA LYS B 111 2.53 -33.04 -17.60
C LYS B 111 3.12 -33.28 -18.99
N LEU B 112 3.69 -32.25 -19.61
CA LEU B 112 4.29 -32.45 -20.92
C LEU B 112 5.57 -33.30 -20.89
N VAL B 113 6.41 -33.09 -19.88
CA VAL B 113 7.58 -33.95 -19.69
C VAL B 113 7.18 -35.40 -19.43
N GLU B 114 6.20 -35.60 -18.56
CA GLU B 114 5.73 -36.95 -18.23
C GLU B 114 5.23 -37.65 -19.51
N VAL B 115 4.25 -37.05 -20.14
CA VAL B 115 3.59 -37.54 -21.35
C VAL B 115 4.50 -37.64 -22.60
N SER B 116 5.62 -36.93 -22.60
CA SER B 116 6.57 -37.00 -23.68
C SER B 116 7.44 -38.24 -23.55
N PRO B 117 8.17 -38.61 -24.62
CA PRO B 117 9.02 -39.79 -24.61
C PRO B 117 10.28 -39.63 -23.76
N PHE B 118 10.61 -38.38 -23.42
CA PHE B 118 11.74 -38.06 -22.58
C PHE B 118 11.48 -38.42 -21.13
N ASP B 119 12.50 -38.90 -20.42
CA ASP B 119 12.33 -39.17 -19.01
C ASP B 119 12.20 -37.86 -18.23
N ASN B 120 13.10 -36.92 -18.51
CA ASN B 120 13.14 -35.60 -17.91
C ASN B 120 13.42 -34.57 -19.00
N GLY B 121 13.37 -33.28 -18.65
CA GLY B 121 13.62 -32.20 -19.60
C GLY B 121 12.79 -30.95 -19.34
N ARG B 122 12.82 -30.00 -20.27
CA ARG B 122 12.19 -28.70 -20.07
C ARG B 122 11.31 -28.22 -21.22
N VAL B 123 10.35 -27.36 -20.88
CA VAL B 123 9.32 -26.92 -21.83
C VAL B 123 9.37 -25.42 -22.04
N PHE B 124 9.33 -25.00 -23.30
CA PHE B 124 9.16 -23.58 -23.62
C PHE B 124 7.87 -23.35 -24.43
N TYR B 125 7.11 -22.31 -24.06
CA TYR B 125 5.77 -22.10 -24.65
C TYR B 125 5.68 -21.07 -25.75
N THR B 126 4.92 -21.41 -26.80
CA THR B 126 4.57 -20.47 -27.87
C THR B 126 3.05 -20.48 -28.08
N ASN B 127 2.57 -19.69 -29.05
CA ASN B 127 1.16 -19.69 -29.44
C ASN B 127 0.85 -20.60 -30.63
N SER B 128 1.84 -20.84 -31.48
CA SER B 128 1.61 -21.59 -32.71
C SER B 128 2.77 -22.53 -32.98
N GLY B 129 2.56 -23.49 -33.87
CA GLY B 129 3.65 -24.37 -34.31
C GLY B 129 4.75 -23.64 -35.05
N SER B 130 4.36 -22.64 -35.85
CA SER B 130 5.30 -21.80 -36.59
C SER B 130 6.19 -21.08 -35.61
N GLU B 131 5.60 -20.38 -34.64
CA GLU B 131 6.39 -19.74 -33.60
C GLU B 131 7.38 -20.72 -32.98
N ALA B 132 6.91 -21.94 -32.69
CA ALA B 132 7.70 -22.91 -31.97
C ALA B 132 8.92 -23.42 -32.79
N ASN B 133 8.70 -23.68 -34.08
CA ASN B 133 9.80 -24.00 -34.97
C ASN B 133 10.78 -22.87 -35.09
N ASP B 134 10.26 -21.63 -35.22
CA ASP B 134 11.12 -20.46 -35.33
C ASP B 134 12.01 -20.40 -34.08
N THR B 135 11.37 -20.61 -32.93
CA THR B 135 12.01 -20.61 -31.62
C THR B 135 13.09 -21.65 -31.48
N MET B 136 12.78 -22.88 -31.86
CA MET B 136 13.75 -23.96 -31.80
C MET B 136 15.01 -23.57 -32.56
N VAL B 137 14.83 -23.04 -33.77
CA VAL B 137 15.97 -22.57 -34.56
C VAL B 137 16.79 -21.54 -33.78
N LYS B 138 16.12 -20.50 -33.28
CA LYS B 138 16.79 -19.47 -32.47
C LYS B 138 17.52 -20.12 -31.29
N MET B 139 16.87 -21.08 -30.62
CA MET B 139 17.54 -21.80 -29.53
C MET B 139 18.85 -22.44 -30.00
N LEU B 140 18.80 -23.11 -31.16
CA LEU B 140 20.01 -23.75 -31.71
C LEU B 140 21.13 -22.76 -32.00
N TRP B 141 20.80 -21.60 -32.59
CA TRP B 141 21.79 -20.54 -32.88
C TRP B 141 22.42 -20.05 -31.62
N PHE B 142 21.57 -19.76 -30.66
CA PHE B 142 21.97 -19.40 -29.32
C PHE B 142 22.93 -20.44 -28.72
N LEU B 143 22.51 -21.70 -28.70
CA LEU B 143 23.26 -22.74 -27.98
C LEU B 143 24.64 -22.98 -28.55
N HIS B 144 24.72 -23.23 -29.87
CA HIS B 144 26.01 -23.52 -30.52
C HIS B 144 26.95 -22.36 -30.43
N ALA B 145 26.42 -21.15 -30.61
CA ALA B 145 27.17 -19.92 -30.37
C ALA B 145 27.75 -19.90 -28.96
N ALA B 146 26.94 -20.20 -27.94
CA ALA B 146 27.42 -20.22 -26.55
C ALA B 146 28.52 -21.24 -26.35
N GLU B 147 28.47 -22.34 -27.13
CA GLU B 147 29.42 -23.45 -27.00
C GLU B 147 30.58 -23.31 -27.99
N GLY B 148 30.74 -22.11 -28.55
CA GLY B 148 31.95 -21.77 -29.29
C GLY B 148 31.91 -22.00 -30.79
N LYS B 149 30.72 -22.20 -31.36
CA LYS B 149 30.62 -22.36 -32.81
C LYS B 149 29.50 -21.49 -33.42
N PRO B 150 29.71 -20.16 -33.44
CA PRO B 150 28.68 -19.24 -33.94
C PRO B 150 28.30 -19.47 -35.43
N GLN B 151 29.09 -20.23 -36.16
CA GLN B 151 28.85 -20.49 -37.58
C GLN B 151 27.94 -21.70 -37.79
N LYS B 152 27.62 -22.42 -36.71
CA LYS B 152 26.76 -23.60 -36.76
C LYS B 152 25.31 -23.15 -36.86
N ARG B 153 24.90 -22.73 -38.06
CA ARG B 153 23.61 -22.05 -38.20
C ARG B 153 22.63 -22.74 -39.15
N LYS B 154 23.18 -23.48 -40.13
CA LYS B 154 22.36 -24.10 -41.18
C LYS B 154 21.36 -25.13 -40.65
N ILE B 155 20.20 -25.15 -41.28
CA ILE B 155 19.09 -26.03 -40.87
C ILE B 155 18.66 -26.99 -41.99
N LEU B 156 18.66 -28.27 -41.66
CA LEU B 156 18.28 -29.32 -42.62
C LEU B 156 16.81 -29.70 -42.45
N THR B 157 16.07 -29.70 -43.56
CA THR B 157 14.72 -30.25 -43.61
C THR B 157 14.58 -30.99 -44.92
N ARG B 158 13.36 -31.43 -45.23
CA ARG B 158 13.13 -32.19 -46.45
C ARG B 158 12.17 -31.48 -47.38
N TRP B 159 12.35 -31.71 -48.68
CA TRP B 159 11.39 -31.25 -49.66
C TRP B 159 10.00 -31.77 -49.35
N ASN B 160 8.99 -30.91 -49.45
CA ASN B 160 7.64 -31.29 -49.06
C ASN B 160 7.31 -31.12 -47.57
N ALA B 161 8.33 -30.93 -46.74
CA ALA B 161 8.15 -30.63 -45.33
C ALA B 161 7.27 -29.39 -45.16
N TYR B 162 6.46 -29.38 -44.10
CA TYR B 162 5.75 -28.16 -43.73
C TYR B 162 5.99 -27.87 -42.26
N HIS B 163 6.59 -26.70 -41.96
CA HIS B 163 6.98 -26.31 -40.59
C HIS B 163 6.44 -24.99 -40.08
N GLY B 164 5.65 -24.29 -40.90
CA GLY B 164 5.11 -22.99 -40.50
C GLY B 164 5.27 -21.91 -41.56
N VAL B 165 5.01 -20.66 -41.15
CA VAL B 165 4.91 -19.55 -42.09
C VAL B 165 5.62 -18.26 -41.69
N THR B 166 6.30 -18.24 -40.54
CA THR B 166 7.21 -17.12 -40.23
C THR B 166 8.33 -17.22 -41.26
N ALA B 167 9.13 -16.18 -41.42
CA ALA B 167 10.19 -16.23 -42.44
C ALA B 167 11.07 -17.46 -42.24
N VAL B 168 11.44 -17.73 -41.00
CA VAL B 168 12.31 -18.87 -40.72
C VAL B 168 11.57 -20.20 -40.95
N SER B 169 10.37 -20.33 -40.40
CA SER B 169 9.61 -21.57 -40.54
C SER B 169 9.15 -21.83 -41.96
N ALA B 170 8.97 -20.77 -42.75
CA ALA B 170 8.59 -20.93 -44.16
C ALA B 170 9.81 -21.33 -44.99
N SER B 171 10.99 -20.87 -44.59
CA SER B 171 12.24 -21.27 -45.21
C SER B 171 12.51 -22.76 -44.99
N MET B 172 12.13 -23.25 -43.82
CA MET B 172 12.22 -24.66 -43.48
C MET B 172 11.27 -25.55 -44.30
N THR B 173 10.19 -24.95 -44.80
CA THR B 173 9.12 -25.60 -45.52
C THR B 173 9.53 -25.79 -46.97
N GLY B 174 9.33 -26.99 -47.50
CA GLY B 174 9.83 -27.34 -48.81
C GLY B 174 8.72 -27.38 -49.83
N LYS B 175 8.25 -26.19 -50.20
CA LYS B 175 7.12 -26.01 -51.09
C LYS B 175 7.48 -24.88 -52.04
N PRO B 176 7.18 -25.04 -53.35
CA PRO B 176 7.62 -24.03 -54.31
C PRO B 176 6.98 -22.66 -54.10
N TYR B 177 5.84 -22.61 -53.40
CA TYR B 177 5.06 -21.36 -53.26
C TYR B 177 5.74 -20.24 -52.48
N ASN B 178 6.70 -20.60 -51.61
CA ASN B 178 7.46 -19.62 -50.85
C ASN B 178 8.41 -18.75 -51.72
N SER B 179 8.50 -19.06 -53.01
CA SER B 179 9.32 -18.23 -53.89
C SER B 179 8.71 -16.85 -54.09
N VAL B 180 7.39 -16.74 -53.91
CA VAL B 180 6.71 -15.43 -54.00
C VAL B 180 7.23 -14.44 -52.95
N PHE B 181 7.90 -14.96 -51.92
CA PHE B 181 8.47 -14.12 -50.86
C PHE B 181 9.99 -13.95 -50.97
N GLY B 182 10.61 -14.54 -51.98
CA GLY B 182 12.06 -14.60 -52.03
C GLY B 182 12.63 -15.46 -50.91
N LEU B 183 11.89 -16.50 -50.52
CA LEU B 183 12.36 -17.48 -49.56
C LEU B 183 12.67 -18.80 -50.29
N PRO B 184 13.51 -19.67 -49.71
CA PRO B 184 14.14 -19.66 -48.35
C PRO B 184 15.30 -18.68 -48.16
N LEU B 185 15.44 -18.16 -46.95
CA LEU B 185 16.63 -17.40 -46.56
C LEU B 185 17.88 -18.26 -46.76
N PRO B 186 19.07 -17.63 -46.86
CA PRO B 186 20.28 -18.44 -46.83
C PRO B 186 20.33 -19.33 -45.58
N GLY B 187 20.96 -20.50 -45.70
CA GLY B 187 21.15 -21.41 -44.57
C GLY B 187 20.13 -22.54 -44.46
N PHE B 188 19.21 -22.63 -45.41
CA PHE B 188 18.10 -23.54 -45.23
C PHE B 188 18.10 -24.53 -46.37
N ILE B 189 18.29 -25.81 -46.02
CA ILE B 189 18.58 -26.84 -47.01
C ILE B 189 17.50 -27.90 -47.02
N HIS B 190 17.00 -28.24 -48.20
CA HIS B 190 15.98 -29.27 -48.32
C HIS B 190 16.52 -30.52 -48.94
N LEU B 191 16.52 -31.60 -48.17
CA LEU B 191 16.91 -32.90 -48.65
C LEU B 191 15.75 -33.55 -49.44
N THR B 192 16.02 -34.66 -50.12
CA THR B 192 14.95 -35.42 -50.76
C THR B 192 13.91 -35.88 -49.74
N CYS B 193 12.66 -35.81 -50.15
CA CYS B 193 11.52 -36.33 -49.43
C CYS B 193 11.56 -37.88 -49.39
N PRO B 194 11.39 -38.51 -48.21
CA PRO B 194 11.35 -39.97 -48.11
C PRO B 194 10.05 -40.63 -48.62
N HIS B 195 9.62 -40.23 -49.82
CA HIS B 195 8.41 -40.77 -50.43
C HIS B 195 8.76 -41.69 -51.55
N TYR B 196 8.87 -42.97 -51.22
CA TYR B 196 9.35 -43.99 -52.16
C TYR B 196 8.61 -44.01 -53.49
N TRP B 197 7.28 -44.05 -53.43
CA TRP B 197 6.43 -44.09 -54.61
C TRP B 197 6.69 -42.99 -55.61
N ARG B 198 6.88 -41.75 -55.13
CA ARG B 198 7.23 -40.62 -56.02
C ARG B 198 8.72 -40.55 -56.38
N TYR B 199 9.62 -40.59 -55.40
CA TYR B 199 11.04 -40.33 -55.68
C TYR B 199 11.99 -41.53 -55.83
N GLY B 200 11.43 -42.74 -55.80
CA GLY B 200 12.20 -43.94 -56.12
C GLY B 200 12.50 -44.02 -57.60
N GLU B 201 13.78 -44.23 -57.93
CA GLU B 201 14.30 -44.32 -59.29
C GLU B 201 14.02 -45.69 -59.90
N GLU B 202 13.83 -45.75 -61.21
CA GLU B 202 13.47 -46.99 -61.91
C GLU B 202 14.30 -48.20 -61.45
N GLY B 203 13.62 -49.29 -61.10
CA GLY B 203 14.29 -50.51 -60.61
C GLY B 203 14.70 -50.52 -59.15
N GLU B 204 15.11 -49.35 -58.64
CA GLU B 204 15.54 -49.16 -57.24
C GLU B 204 14.51 -49.63 -56.21
N THR B 205 14.96 -50.47 -55.28
CA THR B 205 14.10 -50.96 -54.21
C THR B 205 13.91 -49.94 -53.09
N GLU B 206 12.95 -50.18 -52.21
CA GLU B 206 12.76 -49.32 -51.05
C GLU B 206 13.97 -49.27 -50.13
N ALA B 207 14.59 -50.42 -49.87
CA ALA B 207 15.83 -50.47 -49.05
C ALA B 207 16.96 -49.64 -49.68
N GLN B 208 17.10 -49.75 -51.00
CA GLN B 208 18.09 -48.96 -51.74
C GLN B 208 17.76 -47.47 -51.69
N PHE B 209 16.46 -47.13 -51.78
CA PHE B 209 15.99 -45.74 -51.69
C PHE B 209 16.54 -45.09 -50.44
N VAL B 210 16.23 -45.70 -49.30
CA VAL B 210 16.67 -45.25 -47.99
C VAL B 210 18.19 -45.13 -47.92
N ALA B 211 18.88 -46.15 -48.40
CA ALA B 211 20.34 -46.16 -48.43
C ALA B 211 20.86 -44.93 -49.15
N ARG B 212 20.18 -44.56 -50.25
CA ARG B 212 20.59 -43.42 -51.06
C ARG B 212 20.35 -42.08 -50.35
N LEU B 213 19.22 -41.94 -49.66
CA LEU B 213 18.94 -40.70 -48.92
C LEU B 213 19.90 -40.57 -47.75
N ALA B 214 20.30 -41.71 -47.19
CA ALA B 214 21.27 -41.73 -46.13
C ALA B 214 22.57 -41.13 -46.66
N ARG B 215 23.01 -41.64 -47.80
CA ARG B 215 24.22 -41.20 -48.48
C ARG B 215 24.13 -39.71 -48.79
N GLU B 216 22.96 -39.27 -49.27
CA GLU B 216 22.71 -37.86 -49.59
C GLU B 216 22.87 -36.93 -48.36
N LEU B 217 22.34 -37.37 -47.22
CA LEU B 217 22.54 -36.66 -45.97
C LEU B 217 24.03 -36.52 -45.61
N GLU B 218 24.76 -37.63 -45.68
CA GLU B 218 26.17 -37.60 -45.31
C GLU B 218 27.03 -36.76 -46.27
N ASP B 219 26.73 -36.85 -47.57
CA ASP B 219 27.36 -36.02 -48.59
C ASP B 219 27.09 -34.54 -48.33
N THR B 220 25.85 -34.22 -47.94
CA THR B 220 25.47 -32.82 -47.66
C THR B 220 26.24 -32.32 -46.43
N ILE B 221 26.32 -33.14 -45.37
CA ILE B 221 27.07 -32.78 -44.17
C ILE B 221 28.56 -32.55 -44.48
N THR B 222 29.15 -33.50 -45.21
CA THR B 222 30.56 -33.45 -45.57
C THR B 222 30.87 -32.20 -46.39
N ARG B 223 29.92 -31.84 -47.25
CA ARG B 223 30.11 -30.78 -48.22
C ARG B 223 29.96 -29.41 -47.58
N GLU B 224 29.02 -29.27 -46.63
CA GLU B 224 28.79 -28.01 -45.93
C GLU B 224 29.74 -27.85 -44.74
N GLY B 225 30.11 -28.98 -44.13
CA GLY B 225 30.92 -28.98 -42.90
C GLY B 225 29.97 -29.08 -41.71
N ALA B 226 30.11 -30.16 -40.94
CA ALA B 226 29.27 -30.38 -39.77
C ALA B 226 29.21 -29.18 -38.82
N ASP B 227 30.31 -28.45 -38.66
CA ASP B 227 30.34 -27.26 -37.80
C ASP B 227 29.44 -26.10 -38.24
N THR B 228 28.85 -26.21 -39.43
CA THR B 228 28.05 -25.13 -39.98
C THR B 228 26.57 -25.51 -39.93
N ILE B 229 26.25 -26.68 -39.38
CA ILE B 229 24.90 -27.23 -39.41
C ILE B 229 24.32 -27.35 -38.00
N ALA B 230 23.22 -26.64 -37.77
CA ALA B 230 22.74 -26.39 -36.42
C ALA B 230 21.75 -27.44 -35.93
N GLY B 231 21.06 -28.09 -36.86
CA GLY B 231 19.99 -29.01 -36.53
C GLY B 231 19.31 -29.61 -37.75
N PHE B 232 18.57 -30.68 -37.51
CA PHE B 232 17.82 -31.40 -38.52
C PHE B 232 16.38 -31.51 -38.02
N PHE B 233 15.41 -30.99 -38.75
CA PHE B 233 14.00 -31.11 -38.33
C PHE B 233 13.19 -32.06 -39.20
N ALA B 234 12.33 -32.88 -38.58
CA ALA B 234 11.42 -33.71 -39.40
C ALA B 234 10.08 -33.98 -38.76
N GLU B 235 9.03 -33.91 -39.57
CA GLU B 235 7.76 -34.53 -39.24
C GLU B 235 7.92 -36.02 -39.40
N PRO B 236 7.57 -36.83 -38.37
CA PRO B 236 7.65 -38.30 -38.55
C PRO B 236 6.84 -38.76 -39.77
N VAL B 237 5.57 -38.34 -39.84
CA VAL B 237 4.79 -38.45 -41.08
C VAL B 237 4.52 -37.03 -41.51
N MET B 238 4.78 -36.70 -42.79
CA MET B 238 4.59 -35.33 -43.27
C MET B 238 3.12 -35.08 -43.51
N GLY B 239 2.58 -33.99 -42.96
CA GLY B 239 1.14 -33.73 -42.95
C GLY B 239 0.64 -32.92 -44.12
N ALA B 240 0.82 -31.60 -44.04
CA ALA B 240 0.37 -30.67 -45.08
C ALA B 240 1.15 -30.82 -46.38
N GLY B 241 2.19 -31.63 -46.35
CA GLY B 241 2.90 -31.99 -47.57
C GLY B 241 2.19 -33.13 -48.27
N GLY B 242 1.06 -33.58 -47.71
CA GLY B 242 0.18 -34.53 -48.38
C GLY B 242 0.06 -35.92 -47.77
N VAL B 243 0.31 -36.02 -46.46
CA VAL B 243 0.24 -37.29 -45.72
C VAL B 243 1.27 -38.27 -46.30
N ILE B 244 2.51 -38.16 -45.85
CA ILE B 244 3.58 -39.02 -46.36
C ILE B 244 4.28 -39.75 -45.22
N PRO B 245 4.05 -41.07 -45.11
CA PRO B 245 4.88 -41.83 -44.18
C PRO B 245 6.25 -42.00 -44.79
N PRO B 246 7.30 -42.05 -43.95
CA PRO B 246 8.63 -42.21 -44.52
C PRO B 246 8.80 -43.60 -45.09
N ALA B 247 9.65 -43.73 -46.10
CA ALA B 247 10.11 -45.03 -46.55
C ALA B 247 10.60 -45.83 -45.34
N LYS B 248 10.38 -47.15 -45.38
CA LYS B 248 10.74 -48.04 -44.28
C LYS B 248 12.22 -47.95 -43.93
N GLY B 249 12.53 -47.74 -42.66
CA GLY B 249 13.92 -47.72 -42.19
C GLY B 249 14.60 -46.37 -42.21
N TYR B 250 13.92 -45.37 -42.79
CA TYR B 250 14.47 -44.03 -42.98
C TYR B 250 15.10 -43.46 -41.73
N PHE B 251 14.29 -43.28 -40.69
CA PHE B 251 14.77 -42.71 -39.43
C PHE B 251 15.81 -43.58 -38.77
N GLN B 252 15.77 -44.89 -39.02
CA GLN B 252 16.81 -45.82 -38.57
C GLN B 252 18.17 -45.60 -39.26
N ALA B 253 18.14 -45.11 -40.50
CA ALA B 253 19.36 -44.70 -41.21
C ALA B 253 19.79 -43.25 -40.92
N ILE B 254 18.82 -42.35 -40.80
CA ILE B 254 19.07 -40.91 -40.60
C ILE B 254 19.69 -40.60 -39.23
N LEU B 255 19.16 -41.20 -38.16
CA LEU B 255 19.60 -40.86 -36.80
C LEU B 255 21.08 -41.11 -36.52
N PRO B 256 21.57 -42.34 -36.76
CA PRO B 256 23.01 -42.56 -36.51
C PRO B 256 23.90 -41.50 -37.18
N ILE B 257 23.54 -41.06 -38.38
CA ILE B 257 24.34 -40.08 -39.11
C ILE B 257 24.36 -38.72 -38.39
N LEU B 258 23.19 -38.27 -37.94
CA LEU B 258 23.06 -37.01 -37.20
C LEU B 258 23.87 -37.03 -35.89
N ARG B 259 23.84 -38.15 -35.17
CA ARG B 259 24.64 -38.32 -33.95
C ARG B 259 26.15 -38.39 -34.22
N LYS B 260 26.55 -39.04 -35.30
CA LYS B 260 27.97 -39.08 -35.66
C LYS B 260 28.52 -37.66 -35.91
N TYR B 261 27.66 -36.76 -36.38
CA TYR B 261 28.15 -35.43 -36.76
C TYR B 261 27.68 -34.29 -35.84
N ASP B 262 27.15 -34.63 -34.66
CA ASP B 262 26.68 -33.62 -33.68
C ASP B 262 25.67 -32.66 -34.27
N ILE B 263 24.63 -33.21 -34.87
CA ILE B 263 23.56 -32.39 -35.38
C ILE B 263 22.28 -32.78 -34.66
N PRO B 264 21.79 -31.88 -33.79
CA PRO B 264 20.54 -32.09 -33.07
C PRO B 264 19.40 -32.49 -34.01
N MET B 265 18.69 -33.52 -33.61
CA MET B 265 17.53 -33.99 -34.33
C MET B 265 16.27 -33.49 -33.60
N ILE B 266 15.40 -32.78 -34.33
CA ILE B 266 14.12 -32.29 -33.77
C ILE B 266 12.95 -32.94 -34.49
N SER B 267 12.10 -33.62 -33.73
CA SER B 267 10.89 -34.18 -34.30
C SER B 267 9.77 -33.16 -34.22
N ASP B 268 9.23 -32.78 -35.37
CA ASP B 268 8.14 -31.81 -35.46
C ASP B 268 6.85 -32.60 -35.32
N GLU B 269 6.27 -32.55 -34.12
CA GLU B 269 5.14 -33.40 -33.78
C GLU B 269 3.83 -32.61 -33.76
N VAL B 270 3.85 -31.48 -34.46
CA VAL B 270 2.69 -30.59 -34.51
C VAL B 270 1.39 -31.29 -34.97
N ILE B 271 1.47 -32.16 -35.98
CA ILE B 271 0.31 -32.96 -36.43
C ILE B 271 0.26 -34.31 -35.71
N CYS B 272 1.41 -34.95 -35.58
CA CYS B 272 1.52 -36.32 -35.07
C CYS B 272 1.40 -36.44 -33.56
N GLY B 273 1.66 -35.36 -32.82
CA GLY B 273 1.53 -35.41 -31.37
C GLY B 273 0.11 -35.74 -30.90
N PHE B 274 0.03 -36.62 -29.91
CA PHE B 274 -1.22 -37.01 -29.26
C PHE B 274 -2.20 -37.79 -30.12
N GLY B 275 -1.73 -38.89 -30.70
CA GLY B 275 -2.65 -39.91 -31.14
C GLY B 275 -2.84 -40.24 -32.61
N ARG B 276 -2.63 -39.27 -33.50
CA ARG B 276 -3.06 -39.45 -34.89
C ARG B 276 -2.34 -40.58 -35.63
N THR B 277 -1.15 -40.97 -35.18
CA THR B 277 -0.43 -42.06 -35.84
C THR B 277 -0.63 -43.42 -35.15
N GLY B 278 -1.47 -43.45 -34.11
CA GLY B 278 -1.76 -44.68 -33.39
C GLY B 278 -0.93 -44.82 -32.12
N ASN B 279 -0.16 -43.78 -31.81
CA ASN B 279 0.63 -43.69 -30.59
C ASN B 279 0.68 -42.28 -30.14
N THR B 280 1.15 -42.07 -28.92
CA THR B 280 1.24 -40.75 -28.34
C THR B 280 2.08 -39.81 -29.19
N TRP B 281 3.13 -40.33 -29.83
CA TRP B 281 3.98 -39.49 -30.69
C TRP B 281 4.39 -40.18 -31.97
N GLY B 282 4.54 -39.40 -33.04
CA GLY B 282 5.04 -39.92 -34.30
C GLY B 282 6.35 -40.66 -34.14
N CYS B 283 7.24 -40.10 -33.33
CA CYS B 283 8.54 -40.72 -33.05
C CYS B 283 8.45 -42.10 -32.37
N LEU B 284 7.45 -42.33 -31.53
CA LEU B 284 7.22 -43.67 -31.00
C LEU B 284 6.76 -44.64 -32.12
N THR B 285 5.87 -44.17 -32.99
CA THR B 285 5.35 -45.00 -34.06
C THR B 285 6.47 -45.43 -35.01
N TYR B 286 7.46 -44.58 -35.21
CA TYR B 286 8.54 -44.90 -36.13
C TYR B 286 9.84 -45.29 -35.43
N ASP B 287 9.70 -45.57 -34.14
CA ASP B 287 10.80 -45.99 -33.30
C ASP B 287 12.11 -45.22 -33.53
N PHE B 288 12.06 -43.92 -33.31
CA PHE B 288 13.28 -43.14 -33.17
C PHE B 288 13.15 -42.23 -31.97
N MET B 289 14.30 -41.81 -31.44
CA MET B 289 14.34 -40.95 -30.27
C MET B 289 14.98 -39.60 -30.55
N PRO B 290 14.17 -38.52 -30.59
CA PRO B 290 14.72 -37.23 -30.97
C PRO B 290 15.32 -36.52 -29.77
N ASP B 291 15.92 -35.37 -30.05
CA ASP B 291 16.58 -34.57 -29.03
C ASP B 291 15.62 -33.53 -28.43
N ALA B 292 14.67 -33.06 -29.23
CA ALA B 292 13.56 -32.20 -28.75
C ALA B 292 12.30 -32.46 -29.56
N ILE B 293 11.16 -31.99 -29.05
CA ILE B 293 9.89 -32.14 -29.76
C ILE B 293 9.18 -30.80 -29.92
N ILE B 294 8.63 -30.56 -31.11
CA ILE B 294 7.73 -29.44 -31.34
C ILE B 294 6.29 -29.95 -31.25
N SER B 295 5.49 -29.34 -30.38
CA SER B 295 4.09 -29.76 -30.23
C SER B 295 3.14 -28.58 -30.34
N SER B 296 1.98 -28.84 -30.91
CA SER B 296 0.91 -27.84 -31.01
C SER B 296 -0.40 -28.57 -31.44
N ASN B 298 -3.13 -30.51 -31.66
CA ASN B 298 -3.89 -31.42 -30.79
C ASN B 298 -3.75 -31.13 -29.30
N LEU B 299 -2.63 -30.54 -28.92
CA LEU B 299 -2.37 -30.11 -27.55
C LEU B 299 -3.59 -29.50 -26.84
N THR B 300 -4.36 -28.71 -27.57
CA THR B 300 -5.55 -28.07 -27.04
C THR B 300 -6.83 -28.53 -27.75
N ALA B 301 -6.74 -29.60 -28.54
CA ALA B 301 -7.86 -30.09 -29.34
C ALA B 301 -8.46 -28.96 -30.19
N GLY B 302 -7.67 -27.92 -30.37
CA GLY B 302 -8.05 -26.80 -31.22
C GLY B 302 -8.80 -25.71 -30.48
N PHE B 303 -8.90 -25.85 -29.17
CA PHE B 303 -9.70 -24.93 -28.36
C PHE B 303 -8.99 -23.61 -28.03
N PHE B 304 -7.67 -23.59 -28.20
CA PHE B 304 -6.87 -22.44 -27.80
C PHE B 304 -5.55 -22.48 -28.56
N PRO B 305 -5.01 -21.31 -28.94
CA PRO B 305 -3.70 -21.28 -29.60
C PRO B 305 -2.58 -21.58 -28.63
N MET B 306 -1.92 -22.72 -28.79
CA MET B 306 -0.75 -23.04 -27.99
C MET B 306 0.29 -23.82 -28.78
N GLY B 307 1.56 -23.53 -28.54
CA GLY B 307 2.67 -24.26 -29.10
C GLY B 307 3.63 -24.58 -27.97
N ALA B 308 4.34 -25.70 -28.09
CA ALA B 308 5.36 -26.02 -27.12
C ALA B 308 6.63 -26.60 -27.72
N VAL B 309 7.74 -26.28 -27.08
CA VAL B 309 9.01 -26.90 -27.38
C VAL B 309 9.39 -27.67 -26.13
N ILE B 310 9.56 -28.97 -26.31
CA ILE B 310 9.93 -29.88 -25.23
C ILE B 310 11.34 -30.37 -25.51
N LEU B 311 12.30 -29.88 -24.73
CA LEU B 311 13.70 -30.29 -24.85
C LEU B 311 14.02 -31.54 -24.00
N GLY B 312 14.65 -32.54 -24.63
CA GLY B 312 15.10 -33.74 -23.94
C GLY B 312 16.26 -33.49 -22.99
N PRO B 313 16.69 -34.54 -22.26
CA PRO B 313 17.72 -34.40 -21.23
C PRO B 313 18.95 -33.64 -21.69
N ASP B 314 19.54 -34.00 -22.83
CA ASP B 314 20.77 -33.34 -23.23
C ASP B 314 20.59 -31.86 -23.59
N LEU B 315 19.64 -31.52 -24.45
CA LEU B 315 19.48 -30.14 -24.87
C LEU B 315 18.98 -29.29 -23.71
N ALA B 316 18.20 -29.88 -22.82
CA ALA B 316 17.74 -29.16 -21.63
C ALA B 316 18.90 -28.69 -20.78
N LYS B 317 19.82 -29.60 -20.48
CA LYS B 317 20.95 -29.31 -19.61
C LYS B 317 21.80 -28.22 -20.25
N ARG B 318 22.03 -28.39 -21.55
CA ARG B 318 22.89 -27.53 -22.35
C ARG B 318 22.34 -26.11 -22.57
N VAL B 319 21.07 -26.00 -22.93
CA VAL B 319 20.40 -24.70 -23.03
C VAL B 319 20.36 -23.97 -21.67
N GLU B 320 19.97 -24.68 -20.61
CA GLU B 320 19.96 -24.11 -19.26
C GLU B 320 21.34 -23.60 -18.85
N ALA B 321 22.41 -24.33 -19.19
CA ALA B 321 23.76 -23.89 -18.85
C ALA B 321 24.14 -22.60 -19.63
N ALA B 322 23.72 -22.51 -20.89
CA ALA B 322 23.96 -21.31 -21.70
C ALA B 322 23.20 -20.09 -21.19
N VAL B 323 21.91 -20.26 -20.86
CA VAL B 323 21.06 -19.22 -20.29
C VAL B 323 21.71 -18.71 -19.02
N GLU B 324 22.05 -19.65 -18.14
CA GLU B 324 22.73 -19.38 -16.90
C GLU B 324 23.99 -18.50 -17.10
N ALA B 325 24.80 -18.81 -18.09
CA ALA B 325 26.01 -18.01 -18.35
C ALA B 325 25.75 -16.50 -18.58
N ILE B 326 24.64 -16.16 -19.23
CA ILE B 326 24.30 -14.76 -19.55
C ILE B 326 23.17 -14.24 -18.65
N GLU B 327 22.63 -15.13 -17.83
CA GLU B 327 21.68 -14.82 -16.75
C GLU B 327 20.20 -14.66 -17.12
N GLU B 328 19.92 -14.51 -18.41
CA GLU B 328 18.54 -14.31 -18.89
C GLU B 328 18.39 -14.74 -20.34
N PHE B 329 17.34 -15.50 -20.64
CA PHE B 329 17.08 -15.91 -22.02
C PHE B 329 16.16 -14.87 -22.70
N PRO B 330 16.70 -14.08 -23.63
CA PRO B 330 15.94 -12.95 -24.16
C PRO B 330 14.95 -13.34 -25.24
N HIS B 331 13.98 -14.18 -24.89
CA HIS B 331 13.03 -14.69 -25.86
C HIS B 331 11.72 -15.08 -25.20
N GLY B 332 10.62 -14.84 -25.90
CA GLY B 332 9.30 -15.18 -25.39
C GLY B 332 8.17 -14.40 -26.03
N PHE B 333 6.99 -15.02 -26.09
CA PHE B 333 5.82 -14.39 -26.67
C PHE B 333 4.91 -13.98 -25.54
N THR B 334 4.28 -12.81 -25.70
CA THR B 334 3.42 -12.20 -24.66
C THR B 334 2.43 -13.18 -24.03
N ALA B 335 1.78 -13.99 -24.86
CA ALA B 335 0.80 -14.99 -24.40
C ALA B 335 1.39 -16.39 -24.08
N SER B 336 2.73 -16.51 -24.07
CA SER B 336 3.39 -17.78 -23.72
C SER B 336 2.91 -18.28 -22.35
N GLY B 337 2.54 -19.55 -22.29
CA GLY B 337 2.14 -20.19 -21.03
C GLY B 337 0.86 -19.65 -20.41
N HIS B 338 -0.05 -19.15 -21.26
CA HIS B 338 -1.34 -18.55 -20.84
C HIS B 338 -2.13 -19.47 -19.94
N PRO B 339 -2.74 -18.92 -18.88
CA PRO B 339 -3.46 -19.78 -17.93
C PRO B 339 -4.61 -20.57 -18.53
N VAL B 340 -5.41 -19.95 -19.40
CA VAL B 340 -6.54 -20.62 -20.02
C VAL B 340 -6.01 -21.73 -20.92
N GLY B 341 -5.17 -21.36 -21.88
CA GLY B 341 -4.54 -22.34 -22.78
C GLY B 341 -3.99 -23.56 -22.07
N CYS B 342 -3.23 -23.34 -20.99
CA CYS B 342 -2.65 -24.44 -20.23
C CYS B 342 -3.73 -25.31 -19.64
N ALA B 343 -4.69 -24.69 -18.94
CA ALA B 343 -5.82 -25.43 -18.38
C ALA B 343 -6.55 -26.24 -19.45
N ILE B 344 -6.74 -25.65 -20.62
CA ILE B 344 -7.37 -26.37 -21.71
C ILE B 344 -6.48 -27.54 -22.19
N ALA B 345 -5.20 -27.26 -22.41
CA ALA B 345 -4.21 -28.29 -22.81
C ALA B 345 -4.24 -29.48 -21.86
N LEU B 346 -4.20 -29.16 -20.58
CA LEU B 346 -4.18 -30.14 -19.54
C LEU B 346 -5.43 -31.05 -19.64
N LYS B 347 -6.53 -30.49 -20.13
CA LYS B 347 -7.77 -31.24 -20.23
C LYS B 347 -7.83 -32.07 -21.50
N ALA B 348 -7.30 -31.51 -22.59
CA ALA B 348 -7.29 -32.21 -23.86
C ALA B 348 -6.42 -33.45 -23.75
N ILE B 349 -5.19 -33.27 -23.29
CA ILE B 349 -4.29 -34.39 -22.96
C ILE B 349 -5.00 -35.48 -22.17
N ASP B 350 -5.76 -35.10 -21.15
CA ASP B 350 -6.43 -36.10 -20.35
C ASP B 350 -7.55 -36.80 -21.14
N VAL B 351 -8.27 -36.04 -21.96
CA VAL B 351 -9.36 -36.60 -22.74
C VAL B 351 -8.83 -37.56 -23.81
N VAL B 352 -7.85 -37.12 -24.58
CA VAL B 352 -7.27 -37.97 -25.64
C VAL B 352 -6.73 -39.29 -25.09
N MET B 353 -5.98 -39.22 -23.98
CA MET B 353 -5.21 -40.34 -23.49
C MET B 353 -5.94 -41.25 -22.52
N ASN B 354 -6.90 -40.69 -21.80
CA ASN B 354 -7.60 -41.46 -20.78
C ASN B 354 -9.07 -41.70 -21.03
N GLU B 355 -9.64 -41.03 -22.02
CA GLU B 355 -11.07 -41.14 -22.28
C GLU B 355 -11.40 -41.74 -23.64
N GLY B 356 -10.49 -42.57 -24.15
CA GLY B 356 -10.76 -43.41 -25.31
C GLY B 356 -10.43 -42.86 -26.68
N LEU B 357 -10.22 -41.55 -26.79
CA LEU B 357 -9.99 -40.92 -28.09
C LEU B 357 -8.79 -41.47 -28.87
N ALA B 358 -7.60 -41.44 -28.26
CA ALA B 358 -6.43 -42.09 -28.87
C ALA B 358 -6.71 -43.55 -29.18
N GLU B 359 -7.23 -44.28 -28.20
CA GLU B 359 -7.54 -45.69 -28.35
C GLU B 359 -8.49 -45.98 -29.50
N ASN B 360 -9.45 -45.09 -29.73
CA ASN B 360 -10.41 -45.29 -30.80
C ASN B 360 -9.72 -45.24 -32.17
N VAL B 361 -8.70 -44.39 -32.30
CA VAL B 361 -7.87 -44.35 -33.49
C VAL B 361 -7.28 -45.73 -33.77
N ARG B 362 -6.66 -46.35 -32.76
CA ARG B 362 -6.09 -47.69 -32.92
C ARG B 362 -7.17 -48.72 -33.26
N ARG B 363 -8.28 -48.66 -32.53
CA ARG B 363 -9.47 -49.47 -32.79
C ARG B 363 -9.96 -49.44 -34.25
N LEU B 364 -9.87 -48.29 -34.91
CA LEU B 364 -10.51 -48.11 -36.21
C LEU B 364 -9.57 -47.91 -37.40
N ALA B 365 -8.26 -47.88 -37.14
CA ALA B 365 -7.24 -47.71 -38.18
C ALA B 365 -7.18 -48.81 -39.25
N PRO B 366 -7.45 -50.08 -38.87
CA PRO B 366 -7.43 -51.13 -39.90
C PRO B 366 -8.67 -51.06 -40.81
N ARG B 367 -9.81 -50.66 -40.24
CA ARG B 367 -11.01 -50.40 -40.97
C ARG B 367 -10.85 -49.16 -41.89
N PHE B 368 -10.11 -48.17 -41.39
CA PHE B 368 -9.75 -46.99 -42.18
C PHE B 368 -8.91 -47.43 -43.38
N GLU B 369 -7.89 -48.26 -43.13
CA GLU B 369 -7.06 -48.81 -44.20
C GLU B 369 -7.90 -49.60 -45.23
N ALA B 370 -8.75 -50.49 -44.73
CA ALA B 370 -9.62 -51.33 -45.55
C ALA B 370 -10.44 -50.52 -46.56
N GLY B 371 -10.95 -49.38 -46.11
CA GLY B 371 -11.71 -48.48 -46.97
C GLY B 371 -10.90 -47.92 -48.14
N LEU B 372 -9.77 -47.30 -47.81
CA LEU B 372 -8.89 -46.74 -48.84
C LEU B 372 -8.31 -47.82 -49.74
N LYS B 373 -8.04 -48.99 -49.16
CA LYS B 373 -7.57 -50.15 -49.90
C LYS B 373 -8.54 -50.47 -51.05
N ARG B 374 -9.84 -50.38 -50.76
CA ARG B 374 -10.86 -50.66 -51.75
C ARG B 374 -10.91 -49.53 -52.77
N ILE B 375 -10.88 -48.29 -52.28
CA ILE B 375 -10.96 -47.15 -53.18
C ILE B 375 -9.78 -47.10 -54.15
N ALA B 376 -8.57 -47.37 -53.63
CA ALA B 376 -7.34 -47.34 -54.43
C ALA B 376 -7.32 -48.38 -55.55
N ASP B 377 -8.41 -49.13 -55.65
CA ASP B 377 -8.60 -50.15 -56.67
C ASP B 377 -8.84 -49.57 -58.06
N ARG B 378 -9.49 -48.41 -58.12
CA ARG B 378 -9.78 -47.72 -59.36
C ARG B 378 -8.51 -47.52 -60.19
N PRO B 379 -8.66 -47.42 -61.52
CA PRO B 379 -7.54 -47.09 -62.42
C PRO B 379 -6.99 -45.68 -62.24
N ASN B 380 -7.68 -44.84 -61.46
CA ASN B 380 -7.31 -43.43 -61.29
C ASN B 380 -6.76 -43.01 -59.93
N ILE B 381 -6.83 -43.90 -58.94
CA ILE B 381 -6.06 -43.69 -57.71
C ILE B 381 -4.73 -44.41 -57.90
N GLY B 382 -3.64 -43.67 -57.87
CA GLY B 382 -2.32 -44.25 -58.10
C GLY B 382 -1.74 -44.95 -56.90
N GLU B 383 -2.30 -44.69 -55.71
CA GLU B 383 -1.71 -45.13 -54.45
C GLU B 383 -2.52 -44.56 -53.29
N TYR B 384 -2.74 -45.36 -52.25
CA TYR B 384 -3.14 -44.82 -50.93
C TYR B 384 -1.94 -44.91 -49.99
N ARG B 385 -1.98 -44.11 -48.92
CA ARG B 385 -0.91 -44.04 -47.95
C ARG B 385 -1.38 -43.36 -46.68
N GLY B 386 -0.59 -43.51 -45.61
CA GLY B 386 -0.96 -42.97 -44.31
C GLY B 386 -0.88 -44.01 -43.22
N ILE B 387 -1.58 -43.75 -42.11
CA ILE B 387 -1.50 -44.56 -40.88
C ILE B 387 -2.38 -43.92 -39.80
N GLY B 388 -2.96 -44.76 -38.95
CA GLY B 388 -3.81 -44.27 -37.89
C GLY B 388 -5.04 -43.54 -38.40
N PHE B 389 -5.06 -42.22 -38.21
CA PHE B 389 -6.18 -41.39 -38.67
C PHE B 389 -5.69 -40.26 -39.55
N MET B 390 -4.68 -40.56 -40.37
CA MET B 390 -4.20 -39.64 -41.41
C MET B 390 -3.91 -40.41 -42.69
N TRP B 391 -4.62 -40.07 -43.74
CA TRP B 391 -4.55 -40.80 -45.01
C TRP B 391 -4.67 -39.91 -46.22
N ALA B 392 -3.97 -40.29 -47.29
CA ALA B 392 -4.14 -39.66 -48.58
C ALA B 392 -4.48 -40.67 -49.66
N LEU B 393 -5.28 -40.23 -50.64
CA LEU B 393 -5.38 -40.90 -51.94
C LEU B 393 -4.78 -39.99 -53.00
N GLU B 394 -3.92 -40.57 -53.84
CA GLU B 394 -3.27 -39.84 -54.93
C GLU B 394 -3.98 -40.16 -56.24
N ALA B 395 -4.39 -39.11 -56.96
CA ALA B 395 -5.08 -39.29 -58.24
C ALA B 395 -4.07 -39.36 -59.35
N VAL B 396 -4.30 -40.22 -60.32
CA VAL B 396 -3.41 -40.29 -61.47
C VAL B 396 -4.18 -40.46 -62.77
N LYS B 397 -3.59 -40.01 -63.87
CA LYS B 397 -4.13 -40.32 -65.16
C LYS B 397 -3.82 -41.77 -65.52
N ASP B 398 -2.53 -42.14 -65.56
CA ASP B 398 -2.13 -43.53 -65.91
C ASP B 398 -1.40 -44.22 -64.77
N LYS B 399 -2.02 -45.28 -64.24
CA LYS B 399 -1.54 -45.99 -63.05
C LYS B 399 -0.21 -46.72 -63.30
N PRO B 400 -0.11 -47.50 -64.40
CA PRO B 400 1.17 -48.16 -64.67
C PRO B 400 2.38 -47.23 -64.67
N THR B 401 2.23 -46.03 -65.23
CA THR B 401 3.33 -45.09 -65.41
C THR B 401 3.45 -44.02 -64.32
N LYS B 402 2.41 -43.87 -63.50
CA LYS B 402 2.36 -42.87 -62.39
C LYS B 402 2.28 -41.39 -62.84
N THR B 403 1.94 -41.15 -64.10
CA THR B 403 1.74 -39.79 -64.57
C THR B 403 0.45 -39.20 -63.97
N PRO B 404 0.52 -37.94 -63.51
CA PRO B 404 -0.68 -37.30 -63.00
C PRO B 404 -1.56 -36.80 -64.14
N PHE B 405 -2.74 -36.29 -63.80
CA PHE B 405 -3.55 -35.51 -64.73
C PHE B 405 -2.89 -34.18 -64.90
N ASP B 406 -3.15 -33.54 -66.04
CA ASP B 406 -2.73 -32.17 -66.30
C ASP B 406 -3.19 -31.23 -65.18
N ALA B 407 -2.32 -30.31 -64.79
CA ALA B 407 -2.64 -29.33 -63.76
C ALA B 407 -3.90 -28.49 -64.05
N ASN B 408 -4.11 -28.15 -65.32
CA ASN B 408 -5.25 -27.29 -65.69
C ASN B 408 -6.62 -27.99 -65.61
N LEU B 409 -6.64 -29.26 -65.18
CA LEU B 409 -7.88 -29.94 -64.93
C LEU B 409 -8.34 -29.73 -63.49
N SER B 410 -7.47 -29.13 -62.67
CA SER B 410 -7.71 -28.86 -61.23
C SER B 410 -8.42 -30.02 -60.56
N VAL B 411 -7.96 -31.21 -60.90
CA VAL B 411 -8.64 -32.47 -60.58
C VAL B 411 -8.90 -32.64 -59.08
N SER B 412 -8.06 -32.03 -58.25
CA SER B 412 -8.25 -32.08 -56.80
C SER B 412 -9.30 -31.05 -56.34
N GLU B 413 -9.09 -29.79 -56.74
CA GLU B 413 -10.01 -28.69 -56.41
C GLU B 413 -11.46 -28.99 -56.84
N ARG B 414 -11.64 -30.03 -57.66
CA ARG B 414 -12.96 -30.50 -58.04
C ARG B 414 -13.49 -31.48 -57.01
N ILE B 415 -12.68 -32.49 -56.69
CA ILE B 415 -13.07 -33.51 -55.71
C ILE B 415 -13.39 -32.83 -54.38
N ALA B 416 -12.59 -31.85 -53.99
CA ALA B 416 -12.84 -31.08 -52.78
C ALA B 416 -14.18 -30.39 -52.90
N ASN B 417 -14.38 -29.66 -54.00
CA ASN B 417 -15.62 -28.92 -54.25
C ASN B 417 -16.89 -29.78 -54.29
N THR B 418 -16.86 -30.90 -55.02
CA THR B 418 -18.07 -31.72 -55.15
C THR B 418 -18.31 -32.49 -53.87
N CYS B 419 -17.23 -32.71 -53.11
CA CYS B 419 -17.34 -33.25 -51.74
C CYS B 419 -18.14 -32.31 -50.84
N THR B 420 -17.75 -31.03 -50.83
CA THR B 420 -18.43 -30.01 -50.03
C THR B 420 -19.91 -29.93 -50.41
N ASP B 421 -20.20 -30.11 -51.70
CA ASP B 421 -21.58 -30.15 -52.18
C ASP B 421 -22.35 -31.29 -51.54
N LEU B 422 -21.69 -32.44 -51.37
CA LEU B 422 -22.30 -33.64 -50.83
C LEU B 422 -22.27 -33.73 -49.30
N GLY B 423 -21.75 -32.71 -48.63
CA GLY B 423 -21.74 -32.64 -47.15
C GLY B 423 -20.52 -33.26 -46.48
N LEU B 424 -19.39 -33.20 -47.17
CA LEU B 424 -18.13 -33.73 -46.67
C LEU B 424 -16.98 -32.74 -46.90
N ILE B 425 -16.39 -32.24 -45.81
CA ILE B 425 -15.18 -31.43 -45.93
C ILE B 425 -13.99 -32.35 -46.12
N CYS B 426 -13.25 -32.09 -47.19
CA CYS B 426 -12.12 -32.89 -47.60
C CYS B 426 -11.13 -31.96 -48.30
N ARG B 427 -9.86 -32.02 -47.92
CA ARG B 427 -8.86 -31.07 -48.38
C ARG B 427 -8.06 -31.61 -49.57
N PRO B 428 -7.98 -30.83 -50.65
CA PRO B 428 -7.14 -31.21 -51.76
C PRO B 428 -5.71 -30.68 -51.59
N LEU B 429 -4.69 -31.51 -51.74
CA LEU B 429 -3.30 -31.02 -51.76
C LEU B 429 -2.57 -31.57 -52.97
N GLY B 430 -2.31 -30.71 -53.95
CA GLY B 430 -1.77 -31.15 -55.24
C GLY B 430 -2.75 -32.12 -55.88
N GLN B 431 -2.22 -33.23 -56.41
CA GLN B 431 -3.03 -34.27 -57.02
C GLN B 431 -3.56 -35.29 -56.01
N SER B 432 -3.53 -34.98 -54.72
CA SER B 432 -3.94 -35.97 -53.73
C SER B 432 -5.03 -35.47 -52.80
N ILE B 433 -5.80 -36.41 -52.23
CA ILE B 433 -6.94 -36.10 -51.39
C ILE B 433 -6.63 -36.53 -49.95
N VAL B 434 -6.77 -35.61 -49.01
CA VAL B 434 -6.32 -35.82 -47.63
C VAL B 434 -7.47 -36.01 -46.65
N LEU B 435 -7.36 -37.06 -45.84
CA LEU B 435 -8.34 -37.35 -44.79
C LEU B 435 -7.66 -37.44 -43.42
N CYS B 436 -8.12 -36.61 -42.48
CA CYS B 436 -7.67 -36.69 -41.08
C CYS B 436 -8.81 -36.21 -40.20
N PRO B 437 -9.79 -37.10 -39.97
CA PRO B 437 -11.02 -36.77 -39.25
C PRO B 437 -10.81 -36.73 -37.74
N PRO B 438 -11.82 -36.25 -36.98
CA PRO B 438 -11.69 -36.19 -35.53
C PRO B 438 -11.61 -37.58 -34.90
N PHE B 439 -10.97 -37.67 -33.73
CA PHE B 439 -10.70 -38.95 -33.08
C PHE B 439 -11.99 -39.61 -32.58
N ILE B 440 -13.05 -38.81 -32.44
CA ILE B 440 -14.33 -39.27 -31.95
C ILE B 440 -15.20 -40.00 -32.99
N LEU B 441 -14.70 -40.15 -34.21
CA LEU B 441 -15.51 -40.65 -35.33
C LEU B 441 -16.04 -42.04 -35.02
N THR B 442 -17.33 -42.26 -35.30
CA THR B 442 -17.94 -43.57 -35.13
C THR B 442 -17.85 -44.35 -36.44
N GLU B 443 -17.97 -45.67 -36.33
CA GLU B 443 -17.97 -46.56 -37.51
C GLU B 443 -18.96 -46.13 -38.58
N ALA B 444 -20.14 -45.70 -38.12
CA ALA B 444 -21.20 -45.21 -39.01
C ALA B 444 -20.78 -43.90 -39.71
N GLN B 445 -20.12 -43.01 -38.98
CA GLN B 445 -19.66 -41.75 -39.55
C GLN B 445 -18.49 -41.97 -40.50
N MET B 446 -17.63 -42.95 -40.17
CA MET B 446 -16.56 -43.35 -41.08
C MET B 446 -17.13 -43.82 -42.43
N ASP B 447 -18.14 -44.68 -42.40
CA ASP B 447 -18.77 -45.17 -43.63
C ASP B 447 -19.48 -44.08 -44.42
N GLU B 448 -20.03 -43.10 -43.70
CA GLU B 448 -20.62 -41.91 -44.32
C GLU B 448 -19.56 -41.12 -45.10
N MET B 449 -18.39 -40.98 -44.49
CA MET B 449 -17.21 -40.43 -45.12
C MET B 449 -16.83 -41.13 -46.43
N PHE B 450 -16.78 -42.47 -46.41
CA PHE B 450 -16.45 -43.22 -47.62
C PHE B 450 -17.53 -43.08 -48.68
N GLU B 451 -18.77 -43.25 -48.24
CA GLU B 451 -19.94 -43.12 -49.08
C GLU B 451 -19.87 -41.80 -49.83
N LYS B 452 -19.72 -40.70 -49.10
CA LYS B 452 -19.72 -39.39 -49.73
C LYS B 452 -18.52 -39.17 -50.66
N LEU B 453 -17.38 -39.76 -50.30
CA LEU B 453 -16.17 -39.61 -51.10
C LEU B 453 -16.21 -40.40 -52.41
N GLU B 454 -16.67 -41.65 -52.34
CA GLU B 454 -16.75 -42.48 -53.54
C GLU B 454 -17.66 -41.87 -54.60
N LYS B 455 -18.73 -41.22 -54.14
CA LYS B 455 -19.65 -40.52 -55.03
C LYS B 455 -18.98 -39.30 -55.69
N ALA B 456 -18.22 -38.54 -54.91
CA ALA B 456 -17.42 -37.43 -55.45
C ALA B 456 -16.40 -37.90 -56.49
N LEU B 457 -15.65 -38.94 -56.14
CA LEU B 457 -14.70 -39.57 -57.07
C LEU B 457 -15.38 -40.11 -58.35
N ASP B 458 -16.54 -40.77 -58.23
CA ASP B 458 -17.27 -41.26 -59.40
C ASP B 458 -17.59 -40.11 -60.35
N LYS B 459 -18.15 -39.03 -59.79
CA LYS B 459 -18.51 -37.85 -60.56
C LYS B 459 -17.30 -37.19 -61.21
N VAL B 460 -16.22 -37.02 -60.45
CA VAL B 460 -15.04 -36.32 -60.97
C VAL B 460 -14.24 -37.17 -61.96
N PHE B 461 -14.00 -38.44 -61.66
CA PHE B 461 -13.29 -39.31 -62.62
C PHE B 461 -14.08 -39.62 -63.90
N ALA B 462 -15.41 -39.64 -63.81
CA ALA B 462 -16.21 -39.78 -65.02
C ALA B 462 -15.86 -38.60 -65.92
N GLU B 463 -16.04 -37.39 -65.39
CA GLU B 463 -15.78 -36.19 -66.16
C GLU B 463 -14.35 -36.08 -66.70
N VAL B 464 -13.36 -36.28 -65.83
CA VAL B 464 -11.96 -36.00 -66.14
C VAL B 464 -11.18 -37.10 -66.84
N ALA B 465 -11.43 -38.37 -66.52
CA ALA B 465 -10.82 -39.49 -67.25
C ALA B 465 -11.49 -39.69 -68.61
N GLN C 17 -20.92 -7.77 46.75
CA GLN C 17 -21.03 -6.61 45.81
C GLN C 17 -20.45 -6.89 44.42
N SER C 18 -21.27 -6.72 43.40
CA SER C 18 -20.84 -6.91 42.02
C SER C 18 -20.00 -5.73 41.55
N TRP C 19 -19.31 -5.91 40.44
CA TRP C 19 -18.56 -4.84 39.78
C TRP C 19 -19.37 -3.60 39.53
N GLU C 20 -20.57 -3.80 38.99
CA GLU C 20 -21.52 -2.72 38.69
C GLU C 20 -21.83 -1.88 39.91
N ALA C 21 -22.15 -2.56 41.02
CA ALA C 21 -22.45 -1.89 42.29
C ALA C 21 -21.22 -1.18 42.81
N ARG C 22 -20.06 -1.86 42.77
CA ARG C 22 -18.81 -1.25 43.24
C ARG C 22 -18.42 0.00 42.45
N ALA C 23 -18.64 -0.03 41.14
CA ALA C 23 -18.42 1.13 40.29
C ALA C 23 -19.32 2.31 40.69
N GLU C 24 -20.63 2.07 40.76
CA GLU C 24 -21.61 3.12 41.06
C GLU C 24 -21.34 3.78 42.41
N THR C 25 -20.88 2.99 43.37
CA THR C 25 -20.70 3.41 44.77
C THR C 25 -19.53 4.39 44.96
N TYR C 26 -18.44 4.20 44.22
CA TYR C 26 -17.23 4.99 44.43
C TYR C 26 -16.86 5.94 43.30
N SER C 27 -17.57 5.90 42.18
CA SER C 27 -17.19 6.73 41.05
C SER C 27 -17.94 8.05 40.92
N LEU C 28 -17.23 9.05 40.43
CA LEU C 28 -17.86 10.23 39.90
C LEU C 28 -17.50 10.12 38.45
N TYR C 29 -18.52 9.98 37.61
CA TYR C 29 -18.29 9.62 36.23
C TYR C 29 -18.11 10.88 35.38
N GLY C 30 -17.10 10.85 34.52
CA GLY C 30 -16.93 11.91 33.53
C GLY C 30 -17.51 11.48 32.21
N PHE C 31 -18.08 12.44 31.47
CA PHE C 31 -18.59 12.21 30.10
C PHE C 31 -19.36 10.90 29.99
N THR C 32 -20.20 10.64 31.00
CA THR C 32 -21.02 9.45 31.01
C THR C 32 -22.50 9.87 31.20
N ASP C 33 -23.37 9.24 30.42
CA ASP C 33 -24.80 9.48 30.50
C ASP C 33 -25.37 8.70 31.68
N MET C 34 -25.91 9.40 32.66
CA MET C 34 -26.31 8.79 33.92
C MET C 34 -27.58 7.93 33.82
N PRO C 35 -28.59 8.37 33.05
CA PRO C 35 -29.70 7.43 32.81
C PRO C 35 -29.23 6.08 32.25
N SER C 36 -28.35 6.10 31.25
CA SER C 36 -27.82 4.88 30.64
C SER C 36 -27.06 4.03 31.63
N VAL C 37 -26.12 4.63 32.35
CA VAL C 37 -25.32 3.86 33.28
C VAL C 37 -26.15 3.32 34.47
N HIS C 38 -27.17 4.06 34.88
CA HIS C 38 -28.06 3.59 35.94
C HIS C 38 -28.96 2.49 35.48
N GLN C 39 -29.27 2.45 34.20
CA GLN C 39 -30.15 1.42 33.68
C GLN C 39 -29.34 0.18 33.31
N ARG C 40 -28.28 0.36 32.52
CA ARG C 40 -27.45 -0.72 31.98
C ARG C 40 -26.37 -1.28 32.92
N GLY C 41 -25.89 -0.47 33.86
CA GLY C 41 -24.75 -0.80 34.70
C GLY C 41 -23.47 -0.37 34.03
N THR C 42 -22.46 0.01 34.80
CA THR C 42 -21.14 0.24 34.22
C THR C 42 -20.62 -1.03 33.52
N VAL C 43 -19.94 -0.88 32.39
CA VAL C 43 -19.28 -2.01 31.75
C VAL C 43 -17.81 -1.99 32.21
N VAL C 44 -17.41 -3.02 32.95
CA VAL C 44 -16.11 -3.01 33.59
C VAL C 44 -15.15 -3.90 32.79
N VAL C 45 -14.10 -3.30 32.25
CA VAL C 45 -13.27 -3.97 31.25
C VAL C 45 -11.96 -4.53 31.87
N THR C 46 -11.66 -5.80 31.61
CA THR C 46 -10.51 -6.46 32.22
C THR C 46 -9.27 -6.61 31.30
N HIS C 47 -9.48 -6.61 29.98
CA HIS C 47 -8.38 -6.80 29.00
C HIS C 47 -8.91 -6.81 27.60
N GLY C 48 -8.00 -6.96 26.64
CA GLY C 48 -8.36 -6.99 25.21
C GLY C 48 -7.41 -7.75 24.31
N GLU C 49 -7.86 -8.05 23.10
CA GLU C 49 -7.06 -8.73 22.10
C GLU C 49 -7.34 -8.08 20.76
N GLY C 50 -6.29 -7.59 20.10
CA GLY C 50 -6.42 -6.84 18.84
C GLY C 50 -7.33 -5.65 19.09
N PRO C 51 -8.28 -5.38 18.17
CA PRO C 51 -9.22 -4.27 18.39
C PRO C 51 -10.37 -4.60 19.36
N TYR C 52 -10.23 -5.70 20.10
CA TYR C 52 -11.30 -6.19 20.97
C TYR C 52 -11.04 -5.94 22.46
N ILE C 53 -12.14 -5.71 23.19
CA ILE C 53 -12.14 -5.62 24.65
C ILE C 53 -13.11 -6.63 25.28
N VAL C 54 -12.80 -7.06 26.50
CA VAL C 54 -13.52 -8.12 27.18
C VAL C 54 -13.88 -7.62 28.55
N ASP C 55 -15.13 -7.80 28.98
CA ASP C 55 -15.54 -7.31 30.28
C ASP C 55 -15.47 -8.40 31.35
N VAL C 56 -15.94 -8.07 32.55
CA VAL C 56 -15.86 -8.99 33.69
C VAL C 56 -16.70 -10.27 33.52
N HIS C 57 -17.59 -10.24 32.53
CA HIS C 57 -18.51 -11.35 32.27
C HIS C 57 -18.17 -12.09 31.02
N GLY C 58 -17.19 -11.57 30.30
CA GLY C 58 -16.65 -12.27 29.14
C GLY C 58 -17.29 -11.88 27.84
N ARG C 59 -18.10 -10.83 27.85
CA ARG C 59 -18.59 -10.25 26.60
C ARG C 59 -17.43 -9.59 25.89
N ARG C 60 -17.27 -9.97 24.63
CA ARG C 60 -16.25 -9.44 23.75
C ARG C 60 -16.91 -8.30 22.94
N TYR C 61 -16.21 -7.18 22.78
CA TYR C 61 -16.70 -6.06 21.99
C TYR C 61 -15.63 -5.64 21.02
N LEU C 62 -16.00 -5.37 19.77
CA LEU C 62 -15.11 -4.66 18.85
C LEU C 62 -15.14 -3.15 19.17
N ASP C 63 -14.00 -2.61 19.58
CA ASP C 63 -13.95 -1.21 19.99
C ASP C 63 -13.55 -0.37 18.76
N ALA C 64 -14.55 0.00 17.98
CA ALA C 64 -14.38 0.80 16.76
C ALA C 64 -14.06 2.27 17.07
N ASN C 65 -13.70 2.54 18.32
CA ASN C 65 -13.45 3.88 18.74
C ASN C 65 -12.03 4.03 19.31
N SER C 66 -11.23 2.98 19.17
CA SER C 66 -9.84 2.93 19.66
C SER C 66 -9.76 3.21 21.15
N GLY C 67 -10.78 2.76 21.88
CA GLY C 67 -11.03 3.26 23.21
C GLY C 67 -11.46 4.71 23.08
N LEU C 68 -10.48 5.59 23.07
CA LEU C 68 -10.74 7.02 22.99
C LEU C 68 -9.78 7.67 21.95
N TRP C 69 -9.89 7.21 20.70
CA TRP C 69 -9.06 7.69 19.61
C TRP C 69 -7.66 7.17 19.63
N ASN C 70 -7.21 6.68 20.79
CA ASN C 70 -5.77 6.56 21.07
C ASN C 70 -5.13 5.18 21.02
N MET C 71 -5.90 4.13 21.30
CA MET C 71 -5.36 2.77 21.25
C MET C 71 -5.17 2.27 19.81
N VAL C 72 -4.33 2.94 19.04
CA VAL C 72 -4.23 2.67 17.60
C VAL C 72 -3.55 1.34 17.27
N ALA C 73 -2.87 0.77 18.25
CA ALA C 73 -2.21 -0.53 18.08
C ALA C 73 -3.05 -1.63 18.71
N GLY C 74 -4.28 -1.28 19.10
CA GLY C 74 -5.17 -2.22 19.78
C GLY C 74 -4.78 -2.42 21.23
N PHE C 75 -5.28 -3.49 21.83
CA PHE C 75 -5.25 -3.60 23.28
C PHE C 75 -4.25 -4.60 23.85
N ASP C 76 -3.44 -5.24 23.01
CA ASP C 76 -2.40 -6.13 23.53
C ASP C 76 -1.16 -6.29 22.64
N HIS C 77 -0.82 -5.23 21.93
CA HIS C 77 0.38 -5.19 21.08
C HIS C 77 1.65 -5.66 21.78
N LYS C 78 2.13 -6.84 21.42
CA LYS C 78 3.34 -7.43 22.03
C LYS C 78 4.57 -6.49 22.03
N GLY C 79 4.85 -5.86 20.89
CA GLY C 79 5.93 -4.88 20.82
C GLY C 79 5.85 -3.74 21.83
N LEU C 80 4.69 -3.08 21.88
CA LEU C 80 4.52 -1.93 22.75
C LEU C 80 4.53 -2.34 24.21
N ILE C 81 3.95 -3.50 24.52
CA ILE C 81 3.96 -4.04 25.88
C ILE C 81 5.40 -4.25 26.33
N GLU C 82 6.20 -4.87 25.47
CA GLU C 82 7.62 -5.10 25.72
C GLU C 82 8.42 -3.82 26.00
N ALA C 83 8.29 -2.81 25.14
CA ALA C 83 8.94 -1.52 25.36
C ALA C 83 8.57 -0.95 26.75
N ALA C 84 7.28 -1.02 27.11
CA ALA C 84 6.84 -0.49 28.38
C ALA C 84 7.46 -1.26 29.54
N LYS C 85 7.53 -2.58 29.41
CA LYS C 85 8.15 -3.42 30.44
C LYS C 85 9.65 -3.19 30.55
N ALA C 86 10.34 -3.08 29.41
CA ALA C 86 11.81 -2.91 29.39
C ALA C 86 12.23 -1.62 30.10
N GLN C 87 11.43 -0.57 29.95
CA GLN C 87 11.75 0.72 30.54
C GLN C 87 11.52 0.77 32.05
N TYR C 88 10.53 0.02 32.54
CA TYR C 88 10.39 -0.15 34.00
C TYR C 88 11.58 -0.89 34.60
N ASP C 89 12.09 -1.89 33.88
CA ASP C 89 13.27 -2.65 34.29
C ASP C 89 14.46 -1.73 34.45
N ARG C 90 14.53 -0.71 33.60
CA ARG C 90 15.71 0.11 33.46
C ARG C 90 15.73 1.32 34.40
N PHE C 91 14.62 2.04 34.46
CA PHE C 91 14.52 3.34 35.15
C PHE C 91 13.05 3.79 35.11
N PRO C 92 12.30 3.55 36.21
CA PRO C 92 10.84 3.69 36.27
C PRO C 92 10.33 5.10 36.54
N GLY C 93 11.20 6.10 36.44
CA GLY C 93 10.73 7.46 36.52
C GLY C 93 11.69 8.51 37.01
N TYR C 94 11.54 9.70 36.45
CA TYR C 94 12.17 10.91 36.94
C TYR C 94 11.35 12.13 36.50
N HIS C 95 12.06 13.18 36.08
CA HIS C 95 11.44 14.43 35.67
C HIS C 95 12.35 15.18 34.71
N ALA C 96 11.93 16.41 34.36
CA ALA C 96 12.66 17.24 33.39
C ALA C 96 12.79 18.70 33.81
N PHE C 97 13.08 18.94 35.10
CA PHE C 97 13.36 20.27 35.63
C PHE C 97 14.81 20.38 36.13
N PHE C 98 15.17 21.59 36.57
CA PHE C 98 16.46 21.90 37.23
C PHE C 98 17.71 21.39 36.51
N GLY C 99 17.72 21.46 35.18
CA GLY C 99 18.87 20.98 34.41
C GLY C 99 19.10 19.48 34.61
N ARG C 100 18.02 18.74 34.76
CA ARG C 100 18.06 17.30 34.87
C ARG C 100 16.96 16.71 34.00
N MET C 101 17.24 15.56 33.39
CA MET C 101 16.25 14.86 32.57
C MET C 101 16.83 13.54 32.11
N SER C 102 15.94 12.56 31.88
CA SER C 102 16.35 11.22 31.46
C SER C 102 16.91 11.21 30.04
N ASP C 103 17.62 10.13 29.70
CA ASP C 103 18.08 9.88 28.33
C ASP C 103 16.88 9.72 27.37
N GLN C 104 15.87 8.99 27.83
CA GLN C 104 14.65 8.82 27.05
C GLN C 104 14.03 10.17 26.69
N THR C 105 14.03 11.10 27.63
CA THR C 105 13.47 12.43 27.39
C THR C 105 14.21 13.12 26.26
N VAL C 106 15.53 12.99 26.25
CA VAL C 106 16.37 13.59 25.21
C VAL C 106 16.04 13.00 23.84
N MET C 107 16.03 11.67 23.78
CA MET C 107 15.78 10.92 22.54
C MET C 107 14.43 11.19 21.88
N LEU C 108 13.36 11.26 22.68
CA LEU C 108 12.05 11.57 22.13
C LEU C 108 12.00 12.96 21.51
N SER C 109 12.65 13.92 22.17
CA SER C 109 12.67 15.32 21.72
C SER C 109 13.34 15.41 20.35
N GLU C 110 14.34 14.56 20.15
CA GLU C 110 15.07 14.43 18.89
C GLU C 110 14.17 13.76 17.83
N LYS C 111 13.49 12.69 18.23
CA LYS C 111 12.56 12.03 17.32
C LYS C 111 11.40 12.91 16.88
N LEU C 112 10.85 13.70 17.81
CA LEU C 112 9.66 14.52 17.53
C LEU C 112 9.94 15.67 16.57
N VAL C 113 11.09 16.34 16.70
CA VAL C 113 11.43 17.38 15.73
C VAL C 113 11.71 16.77 14.35
N GLU C 114 12.34 15.61 14.33
CA GLU C 114 12.58 14.91 13.06
C GLU C 114 11.23 14.57 12.38
N VAL C 115 10.35 13.85 13.08
CA VAL C 115 9.10 13.40 12.47
C VAL C 115 8.15 14.54 12.14
N SER C 116 8.24 15.65 12.87
CA SER C 116 7.41 16.83 12.60
C SER C 116 7.80 17.53 11.29
N PRO C 117 6.89 18.35 10.71
CA PRO C 117 7.22 19.08 9.47
C PRO C 117 8.30 20.16 9.64
N PHE C 118 8.73 20.41 10.88
CA PHE C 118 9.74 21.44 11.15
C PHE C 118 11.13 20.86 11.00
N ASP C 119 12.08 21.71 10.57
CA ASP C 119 13.49 21.32 10.48
C ASP C 119 14.20 21.39 11.82
N ASN C 120 13.87 22.41 12.60
CA ASN C 120 14.26 22.44 14.01
C ASN C 120 13.20 23.04 14.94
N GLY C 121 13.45 22.93 16.24
CA GLY C 121 12.54 23.48 17.21
C GLY C 121 12.82 22.87 18.55
N ARG C 122 11.87 23.04 19.45
CA ARG C 122 12.01 22.62 20.83
C ARG C 122 10.68 22.04 21.34
N VAL C 123 10.81 21.15 22.31
CA VAL C 123 9.70 20.36 22.77
C VAL C 123 9.55 20.61 24.25
N PHE C 124 8.31 20.82 24.67
CA PHE C 124 7.95 20.87 26.06
C PHE C 124 6.88 19.80 26.31
N TYR C 125 6.96 19.14 27.47
CA TYR C 125 6.09 18.00 27.76
C TYR C 125 5.03 18.31 28.77
N THR C 126 3.89 17.66 28.59
CA THR C 126 2.79 17.63 29.56
C THR C 126 2.26 16.20 29.65
N ASN C 127 1.24 15.99 30.47
CA ASN C 127 0.59 14.68 30.62
C ASN C 127 -0.58 14.49 29.65
N SER C 128 -1.31 15.57 29.39
CA SER C 128 -2.57 15.48 28.65
C SER C 128 -2.57 16.51 27.53
N GLY C 129 -3.53 16.37 26.62
CA GLY C 129 -3.73 17.34 25.54
C GLY C 129 -4.24 18.64 26.11
N SER C 130 -5.18 18.52 27.06
CA SER C 130 -5.68 19.65 27.83
C SER C 130 -4.56 20.52 28.41
N GLU C 131 -3.62 19.91 29.13
CA GLU C 131 -2.51 20.65 29.72
C GLU C 131 -1.67 21.28 28.63
N ALA C 132 -1.49 20.55 27.52
CA ALA C 132 -0.65 21.02 26.41
C ALA C 132 -1.25 22.28 25.78
N ASN C 133 -2.57 22.27 25.59
CA ASN C 133 -3.24 23.46 25.08
C ASN C 133 -3.22 24.58 26.11
N ASP C 134 -3.47 24.25 27.37
CA ASP C 134 -3.37 25.22 28.48
C ASP C 134 -1.97 25.84 28.49
N THR C 135 -0.94 25.00 28.45
CA THR C 135 0.47 25.40 28.38
C THR C 135 0.78 26.27 27.18
N MET C 136 0.24 25.92 26.01
CA MET C 136 0.49 26.70 24.81
C MET C 136 -0.04 28.11 24.99
N VAL C 137 -1.25 28.23 25.51
CA VAL C 137 -1.84 29.54 25.76
C VAL C 137 -0.93 30.38 26.68
N LYS C 138 -0.49 29.78 27.77
CA LYS C 138 0.34 30.49 28.73
C LYS C 138 1.65 30.98 28.11
N MET C 139 2.15 30.24 27.14
CA MET C 139 3.40 30.63 26.50
C MET C 139 3.20 31.86 25.65
N LEU C 140 2.08 31.89 24.93
CA LEU C 140 1.74 33.06 24.13
C LEU C 140 1.65 34.33 25.01
N TRP C 141 0.94 34.22 26.13
CA TRP C 141 0.94 35.26 27.15
C TRP C 141 2.32 35.62 27.65
N PHE C 142 3.17 34.62 27.87
CA PHE C 142 4.56 34.87 28.26
C PHE C 142 5.31 35.64 27.14
N LEU C 143 5.16 35.15 25.92
CA LEU C 143 5.89 35.68 24.78
C LEU C 143 5.50 37.11 24.42
N HIS C 144 4.19 37.34 24.27
CA HIS C 144 3.68 38.64 23.85
C HIS C 144 3.96 39.76 24.83
N ALA C 145 3.85 39.44 26.12
CA ALA C 145 4.21 40.36 27.20
C ALA C 145 5.68 40.75 27.17
N ALA C 146 6.55 39.76 26.96
CA ALA C 146 8.00 39.95 26.95
C ALA C 146 8.43 40.68 25.69
N GLU C 147 7.61 40.58 24.65
CA GLU C 147 7.82 41.33 23.40
C GLU C 147 7.06 42.67 23.45
N GLY C 148 6.51 43.01 24.60
CA GLY C 148 6.00 44.34 24.84
C GLY C 148 4.54 44.56 24.45
N LYS C 149 3.78 43.49 24.26
CA LYS C 149 2.32 43.64 24.11
C LYS C 149 1.58 42.80 25.15
N PRO C 150 1.53 43.28 26.41
CA PRO C 150 0.86 42.45 27.42
C PRO C 150 -0.66 42.32 27.20
N GLN C 151 -1.27 43.25 26.47
CA GLN C 151 -2.71 43.18 26.20
C GLN C 151 -3.04 42.10 25.14
N LYS C 152 -2.00 41.50 24.56
CA LYS C 152 -2.15 40.51 23.47
C LYS C 152 -2.45 39.13 24.04
N ARG C 153 -3.73 38.89 24.33
CA ARG C 153 -4.10 37.74 25.14
C ARG C 153 -5.22 36.86 24.57
N LYS C 154 -6.06 37.41 23.70
CA LYS C 154 -7.25 36.70 23.25
C LYS C 154 -6.90 35.48 22.43
N ILE C 155 -7.74 34.46 22.53
CA ILE C 155 -7.53 33.20 21.80
C ILE C 155 -8.70 32.92 20.89
N LEU C 156 -8.37 32.67 19.61
CA LEU C 156 -9.35 32.33 18.60
C LEU C 156 -9.40 30.83 18.44
N THR C 157 -10.61 30.27 18.49
CA THR C 157 -10.85 28.87 18.09
C THR C 157 -12.16 28.84 17.29
N ARG C 158 -12.62 27.65 16.91
CA ARG C 158 -13.82 27.53 16.11
C ARG C 158 -14.91 26.85 16.91
N TRP C 159 -16.16 27.22 16.63
CA TRP C 159 -17.28 26.48 17.20
C TRP C 159 -17.14 25.02 16.81
N ASN C 160 -17.54 24.11 17.70
CA ASN C 160 -17.32 22.67 17.56
C ASN C 160 -15.88 22.17 17.75
N ALA C 161 -14.94 23.06 18.05
CA ALA C 161 -13.60 22.62 18.37
C ALA C 161 -13.59 21.96 19.74
N TYR C 162 -12.69 21.01 19.93
CA TYR C 162 -12.44 20.41 21.24
C TYR C 162 -10.95 20.54 21.57
N HIS C 163 -10.62 21.32 22.60
CA HIS C 163 -9.20 21.44 22.99
C HIS C 163 -8.93 20.95 24.40
N GLY C 164 -9.96 20.44 25.05
CA GLY C 164 -9.80 19.84 26.36
C GLY C 164 -10.70 20.46 27.41
N VAL C 165 -10.34 20.26 28.68
CA VAL C 165 -11.28 20.41 29.77
C VAL C 165 -10.77 21.21 30.97
N THR C 166 -9.51 21.64 30.95
CA THR C 166 -9.06 22.63 31.95
C THR C 166 -9.84 23.92 31.70
N ALA C 167 -9.89 24.82 32.69
CA ALA C 167 -10.72 26.00 32.51
C ALA C 167 -10.35 26.74 31.21
N VAL C 168 -9.05 26.83 30.90
CA VAL C 168 -8.62 27.48 29.65
C VAL C 168 -8.93 26.60 28.42
N SER C 169 -8.58 25.31 28.46
CA SER C 169 -8.84 24.45 27.30
C SER C 169 -10.34 24.26 27.07
N ALA C 170 -11.12 24.19 28.14
CA ALA C 170 -12.56 24.15 28.04
C ALA C 170 -13.10 25.46 27.46
N SER C 171 -12.49 26.59 27.83
CA SER C 171 -12.88 27.87 27.22
C SER C 171 -12.60 27.85 25.72
N MET C 172 -11.52 27.17 25.33
CA MET C 172 -11.11 27.05 23.94
C MET C 172 -12.07 26.15 23.14
N THR C 173 -12.65 25.20 23.84
CA THR C 173 -13.59 24.25 23.29
C THR C 173 -14.91 24.93 22.98
N GLY C 174 -15.42 24.73 21.76
CA GLY C 174 -16.68 25.33 21.30
C GLY C 174 -17.88 24.40 21.37
N LYS C 175 -18.30 24.08 22.59
CA LYS C 175 -19.42 23.16 22.84
C LYS C 175 -20.34 23.83 23.83
N PRO C 176 -21.67 23.72 23.62
CA PRO C 176 -22.59 24.39 24.56
C PRO C 176 -22.44 24.00 26.05
N TYR C 177 -22.12 22.74 26.36
CA TYR C 177 -22.16 22.25 27.76
C TYR C 177 -21.29 23.02 28.78
N ASN C 178 -20.29 23.75 28.29
CA ASN C 178 -19.36 24.47 29.16
C ASN C 178 -20.00 25.63 29.93
N SER C 179 -21.25 25.93 29.62
CA SER C 179 -21.96 26.97 30.36
C SER C 179 -22.31 26.51 31.77
N VAL C 180 -22.43 25.21 32.01
CA VAL C 180 -22.56 24.70 33.40
C VAL C 180 -21.37 25.09 34.30
N PHE C 181 -20.21 25.39 33.70
CA PHE C 181 -19.05 25.86 34.45
C PHE C 181 -18.92 27.39 34.46
N GLY C 182 -19.73 28.10 33.70
CA GLY C 182 -19.56 29.54 33.58
C GLY C 182 -18.42 29.80 32.63
N LEU C 183 -18.35 29.01 31.57
CA LEU C 183 -17.32 29.19 30.56
C LEU C 183 -17.97 29.40 29.19
N PRO C 184 -17.24 30.00 28.23
CA PRO C 184 -15.80 30.32 28.27
C PRO C 184 -15.46 31.45 29.21
N LEU C 185 -14.21 31.48 29.69
CA LEU C 185 -13.64 32.64 30.35
C LEU C 185 -13.61 33.80 29.37
N PRO C 186 -13.44 35.04 29.88
CA PRO C 186 -13.26 36.17 28.96
C PRO C 186 -11.98 35.96 28.15
N GLY C 187 -11.97 36.40 26.90
CA GLY C 187 -10.78 36.27 26.05
C GLY C 187 -10.81 35.14 25.04
N PHE C 188 -11.88 34.36 24.99
CA PHE C 188 -11.88 33.21 24.09
C PHE C 188 -13.00 33.36 23.10
N ILE C 189 -12.64 33.39 21.82
CA ILE C 189 -13.59 33.72 20.79
C ILE C 189 -13.78 32.57 19.81
N HIS C 190 -15.03 32.30 19.45
CA HIS C 190 -15.37 31.16 18.62
C HIS C 190 -15.82 31.55 17.26
N LEU C 191 -14.98 31.29 16.27
CA LEU C 191 -15.36 31.54 14.87
C LEU C 191 -16.27 30.40 14.34
N THR C 192 -16.82 30.58 13.14
CA THR C 192 -17.66 29.56 12.49
C THR C 192 -16.87 28.30 12.16
N CYS C 193 -17.43 27.15 12.54
CA CYS C 193 -16.93 25.85 12.10
C CYS C 193 -16.96 25.76 10.57
N PRO C 194 -15.86 25.29 9.94
CA PRO C 194 -15.82 25.12 8.49
C PRO C 194 -16.49 23.84 8.02
N HIS C 195 -17.68 23.57 8.55
CA HIS C 195 -18.56 22.45 8.16
C HIS C 195 -19.58 23.00 7.17
N TYR C 196 -19.26 22.84 5.89
CA TYR C 196 -20.04 23.42 4.79
C TYR C 196 -21.47 22.88 4.71
N TRP C 197 -21.62 21.58 4.99
CA TRP C 197 -22.92 20.93 4.98
C TRP C 197 -23.84 21.52 6.02
N ARG C 198 -23.33 21.81 7.21
CA ARG C 198 -24.17 22.36 8.27
C ARG C 198 -24.29 23.89 8.21
N TYR C 199 -23.17 24.58 7.99
CA TYR C 199 -23.14 26.03 8.17
C TYR C 199 -23.16 26.88 6.89
N GLY C 200 -23.23 26.23 5.72
CA GLY C 200 -23.28 26.94 4.46
C GLY C 200 -24.69 27.44 4.12
N GLU C 201 -24.80 28.70 3.71
CA GLU C 201 -26.08 29.30 3.40
C GLU C 201 -26.70 28.86 2.05
N GLU C 202 -27.94 29.31 1.84
CA GLU C 202 -28.74 29.01 0.66
C GLU C 202 -28.06 29.51 -0.63
N GLY C 203 -27.78 28.60 -1.56
CA GLY C 203 -27.10 28.95 -2.82
C GLY C 203 -25.64 29.38 -2.71
N GLU C 204 -24.99 29.05 -1.58
CA GLU C 204 -23.59 29.40 -1.37
C GLU C 204 -22.73 28.18 -1.69
N THR C 205 -21.78 28.34 -2.61
CA THR C 205 -20.88 27.24 -2.99
C THR C 205 -19.85 27.04 -1.90
N GLU C 206 -19.13 25.92 -1.97
CA GLU C 206 -18.08 25.67 -0.99
C GLU C 206 -17.02 26.75 -1.01
N ALA C 207 -16.63 27.19 -2.20
CA ALA C 207 -15.58 28.20 -2.35
C ALA C 207 -15.98 29.54 -1.72
N GLN C 208 -17.23 29.92 -1.97
CA GLN C 208 -17.79 31.14 -1.43
C GLN C 208 -17.83 31.13 0.10
N PHE C 209 -18.19 29.98 0.66
CA PHE C 209 -18.19 29.69 2.11
C PHE C 209 -16.80 29.88 2.75
N VAL C 210 -15.77 29.31 2.13
CA VAL C 210 -14.40 29.46 2.60
C VAL C 210 -14.01 30.93 2.55
N ALA C 211 -14.50 31.65 1.54
CA ALA C 211 -14.28 33.09 1.43
C ALA C 211 -14.98 33.85 2.55
N ARG C 212 -16.16 33.41 2.93
CA ARG C 212 -16.94 34.07 4.00
C ARG C 212 -16.28 33.85 5.36
N LEU C 213 -15.71 32.67 5.59
CA LEU C 213 -15.00 32.42 6.85
C LEU C 213 -13.73 33.23 6.91
N ALA C 214 -13.09 33.38 5.74
CA ALA C 214 -11.87 34.16 5.63
C ALA C 214 -12.20 35.58 6.02
N ARG C 215 -13.31 36.10 5.50
CA ARG C 215 -13.76 37.45 5.81
C ARG C 215 -14.17 37.58 7.28
N GLU C 216 -14.87 36.58 7.80
CA GLU C 216 -15.28 36.55 9.21
C GLU C 216 -14.09 36.66 10.18
N LEU C 217 -12.99 36.00 9.83
CA LEU C 217 -11.78 36.09 10.62
C LEU C 217 -11.22 37.52 10.57
N GLU C 218 -10.99 38.05 9.38
CA GLU C 218 -10.50 39.41 9.25
C GLU C 218 -11.42 40.44 9.91
N ASP C 219 -12.73 40.19 9.90
CA ASP C 219 -13.68 41.08 10.55
C ASP C 219 -13.48 41.08 12.05
N THR C 220 -13.33 39.86 12.59
CA THR C 220 -13.03 39.63 14.00
C THR C 220 -11.73 40.33 14.40
N ILE C 221 -10.67 40.16 13.60
CA ILE C 221 -9.42 40.86 13.88
C ILE C 221 -9.61 42.38 13.87
N THR C 222 -10.31 42.90 12.85
CA THR C 222 -10.58 44.33 12.79
C THR C 222 -11.39 44.83 14.02
N ARG C 223 -12.33 44.01 14.49
CA ARG C 223 -13.17 44.31 15.66
C ARG C 223 -12.38 44.41 16.98
N GLU C 224 -11.49 43.45 17.22
CA GLU C 224 -10.81 43.33 18.52
C GLU C 224 -9.45 44.04 18.54
N GLY C 225 -8.81 44.11 17.38
CA GLY C 225 -7.44 44.62 17.27
C GLY C 225 -6.42 43.51 17.33
N ALA C 226 -5.63 43.39 16.27
CA ALA C 226 -4.52 42.42 16.18
C ALA C 226 -3.64 42.38 17.42
N ASP C 227 -3.43 43.54 18.05
CA ASP C 227 -2.60 43.64 19.24
C ASP C 227 -3.23 43.06 20.53
N THR C 228 -4.47 42.59 20.45
CA THR C 228 -5.08 41.89 21.59
C THR C 228 -5.34 40.41 21.33
N ILE C 229 -4.84 39.87 20.22
CA ILE C 229 -5.05 38.44 19.94
C ILE C 229 -3.74 37.66 19.94
N ALA C 230 -3.65 36.65 20.81
CA ALA C 230 -2.42 35.91 21.07
C ALA C 230 -2.16 34.76 20.10
N GLY C 231 -3.25 34.19 19.60
CA GLY C 231 -3.18 33.00 18.78
C GLY C 231 -4.52 32.45 18.31
N PHE C 232 -4.39 31.49 17.39
CA PHE C 232 -5.49 30.83 16.74
C PHE C 232 -5.13 29.36 16.82
N PHE C 233 -6.02 28.56 17.40
CA PHE C 233 -5.83 27.09 17.42
C PHE C 233 -6.83 26.39 16.51
N ALA C 234 -6.38 25.34 15.83
CA ALA C 234 -7.28 24.52 15.00
C ALA C 234 -6.85 23.06 14.92
N GLU C 235 -7.82 22.17 15.15
CA GLU C 235 -7.71 20.82 14.65
C GLU C 235 -7.87 20.86 13.12
N PRO C 236 -6.98 20.15 12.40
CA PRO C 236 -7.12 20.01 10.96
C PRO C 236 -8.49 19.45 10.61
N VAL C 237 -8.76 18.25 11.12
CA VAL C 237 -10.08 17.63 11.06
C VAL C 237 -10.53 17.58 12.50
N MET C 238 -11.71 18.13 12.79
CA MET C 238 -12.23 18.16 14.15
C MET C 238 -12.70 16.78 14.59
N GLY C 239 -12.31 16.38 15.78
CA GLY C 239 -12.57 15.02 16.25
C GLY C 239 -13.83 14.88 17.07
N ALA C 240 -13.71 15.20 18.36
CA ALA C 240 -14.86 15.22 19.27
C ALA C 240 -16.00 16.12 18.81
N GLY C 241 -15.74 17.07 17.93
CA GLY C 241 -16.81 17.88 17.36
C GLY C 241 -17.63 17.06 16.39
N GLY C 242 -17.16 15.87 16.04
CA GLY C 242 -17.96 14.92 15.27
C GLY C 242 -17.37 14.57 13.91
N VAL C 243 -16.05 14.68 13.80
CA VAL C 243 -15.31 14.35 12.58
C VAL C 243 -15.70 15.29 11.46
N ILE C 244 -15.14 16.49 11.49
CA ILE C 244 -15.44 17.52 10.50
C ILE C 244 -14.17 17.98 9.77
N PRO C 245 -13.90 17.39 8.59
CA PRO C 245 -12.86 17.92 7.72
C PRO C 245 -13.22 19.33 7.29
N PRO C 246 -12.21 20.21 7.12
CA PRO C 246 -12.46 21.59 6.71
C PRO C 246 -13.00 21.66 5.29
N ALA C 247 -13.71 22.73 4.95
CA ALA C 247 -14.16 22.92 3.58
C ALA C 247 -12.91 23.13 2.72
N LYS C 248 -12.96 22.71 1.46
CA LYS C 248 -11.79 22.75 0.58
C LYS C 248 -11.18 24.16 0.50
N GLY C 249 -9.89 24.27 0.76
CA GLY C 249 -9.19 25.55 0.66
C GLY C 249 -9.17 26.42 1.88
N TYR C 250 -9.74 25.92 2.99
CA TYR C 250 -9.89 26.66 4.26
C TYR C 250 -8.60 27.22 4.87
N PHE C 251 -7.63 26.35 5.12
CA PHE C 251 -6.36 26.79 5.70
C PHE C 251 -5.53 27.66 4.74
N GLN C 252 -5.70 27.44 3.43
CA GLN C 252 -5.05 28.24 2.40
C GLN C 252 -5.53 29.69 2.49
N ALA C 253 -6.80 29.87 2.87
CA ALA C 253 -7.33 31.21 3.07
C ALA C 253 -7.03 31.75 4.48
N ILE C 254 -7.02 30.87 5.49
CA ILE C 254 -6.87 31.30 6.89
C ILE C 254 -5.45 31.76 7.20
N LEU C 255 -4.46 30.93 6.87
CA LEU C 255 -3.09 31.22 7.24
C LEU C 255 -2.55 32.58 6.79
N PRO C 256 -2.81 32.97 5.53
CA PRO C 256 -2.28 34.29 5.12
C PRO C 256 -2.79 35.45 6.00
N ILE C 257 -4.08 35.42 6.33
CA ILE C 257 -4.64 36.44 7.23
C ILE C 257 -3.96 36.43 8.60
N LEU C 258 -3.73 35.25 9.17
CA LEU C 258 -3.12 35.16 10.48
C LEU C 258 -1.68 35.63 10.43
N ARG C 259 -0.96 35.24 9.37
CA ARG C 259 0.42 35.66 9.22
C ARG C 259 0.53 37.16 8.96
N LYS C 260 -0.51 37.74 8.37
CA LYS C 260 -0.56 39.18 8.14
C LYS C 260 -0.61 39.99 9.43
N TYR C 261 -1.36 39.49 10.42
CA TYR C 261 -1.61 40.26 11.63
C TYR C 261 -0.83 39.76 12.84
N ASP C 262 0.26 39.03 12.58
CA ASP C 262 1.13 38.50 13.63
C ASP C 262 0.35 37.72 14.69
N ILE C 263 -0.43 36.75 14.23
CA ILE C 263 -1.15 35.85 15.12
C ILE C 263 -0.63 34.44 14.89
N PRO C 264 0.17 33.94 15.83
CA PRO C 264 0.65 32.57 15.74
C PRO C 264 -0.48 31.59 15.49
N MET C 265 -0.20 30.59 14.67
CA MET C 265 -1.16 29.59 14.29
C MET C 265 -0.68 28.21 14.78
N ILE C 266 -1.53 27.58 15.58
CA ILE C 266 -1.17 26.35 16.29
C ILE C 266 -2.04 25.24 15.78
N SER C 267 -1.40 24.17 15.29
CA SER C 267 -2.19 23.03 14.85
C SER C 267 -2.32 22.04 15.98
N ASP C 268 -3.56 21.87 16.46
CA ASP C 268 -3.88 20.84 17.41
C ASP C 268 -3.96 19.47 16.73
N GLU C 269 -2.88 18.70 16.89
CA GLU C 269 -2.73 17.41 16.24
C GLU C 269 -2.94 16.25 17.22
N VAL C 270 -3.72 16.50 18.29
CA VAL C 270 -3.90 15.48 19.35
C VAL C 270 -4.57 14.22 18.80
N ILE C 271 -5.55 14.39 17.91
CA ILE C 271 -6.21 13.27 17.24
C ILE C 271 -5.54 12.94 15.92
N CYS C 272 -5.19 13.99 15.15
CA CYS C 272 -4.62 13.89 13.79
C CYS C 272 -3.15 13.48 13.68
N GLY C 273 -2.39 13.65 14.75
CA GLY C 273 -0.98 13.27 14.78
C GLY C 273 -0.79 11.77 14.68
N PHE C 274 0.06 11.37 13.74
CA PHE C 274 0.51 9.99 13.58
C PHE C 274 -0.50 9.05 12.94
N GLY C 275 -1.13 9.52 11.87
CA GLY C 275 -1.74 8.58 10.93
C GLY C 275 -3.20 8.64 10.59
N ARG C 276 -4.05 9.14 11.49
CA ARG C 276 -5.48 8.90 11.32
C ARG C 276 -6.09 9.52 10.05
N THR C 277 -5.50 10.59 9.55
CA THR C 277 -6.02 11.25 8.34
C THR C 277 -5.34 10.72 7.07
N GLY C 278 -4.42 9.78 7.22
CA GLY C 278 -3.66 9.22 6.09
C GLY C 278 -2.27 9.79 5.90
N ASN C 279 -1.84 10.65 6.83
CA ASN C 279 -0.48 11.17 6.86
C ASN C 279 0.04 11.29 8.29
N THR C 280 1.28 11.70 8.42
CA THR C 280 1.88 11.79 9.73
C THR C 280 1.22 12.88 10.59
N TRP C 281 0.77 13.94 9.92
CA TRP C 281 0.16 15.07 10.61
C TRP C 281 -0.99 15.58 9.79
N GLY C 282 -1.99 16.15 10.46
CA GLY C 282 -3.15 16.72 9.78
C GLY C 282 -2.78 17.87 8.85
N CYS C 283 -1.78 18.65 9.25
CA CYS C 283 -1.33 19.78 8.45
C CYS C 283 -0.62 19.35 7.16
N LEU C 284 -0.02 18.15 7.15
CA LEU C 284 0.49 17.56 5.91
C LEU C 284 -0.68 17.30 5.00
N THR C 285 -1.63 16.52 5.50
CA THR C 285 -2.86 16.20 4.77
C THR C 285 -3.54 17.42 4.15
N TYR C 286 -3.65 18.52 4.89
CA TYR C 286 -4.33 19.71 4.38
C TYR C 286 -3.40 20.83 3.90
N ASP C 287 -2.10 20.53 3.87
CA ASP C 287 -1.12 21.35 3.15
C ASP C 287 -0.94 22.78 3.71
N PHE C 288 -0.82 22.89 5.02
CA PHE C 288 -0.49 24.16 5.63
C PHE C 288 0.64 24.00 6.63
N MET C 289 1.30 25.11 6.93
CA MET C 289 2.42 25.12 7.87
C MET C 289 2.10 25.91 9.15
N PRO C 290 1.87 25.18 10.28
CA PRO C 290 1.61 25.82 11.57
C PRO C 290 2.88 26.37 12.18
N ASP C 291 2.74 27.23 13.19
CA ASP C 291 3.89 27.74 13.92
C ASP C 291 4.25 26.83 15.10
N ALA C 292 3.26 26.07 15.58
CA ALA C 292 3.44 25.03 16.61
C ALA C 292 2.47 23.86 16.42
N ILE C 293 2.79 22.73 17.06
CA ILE C 293 1.96 21.52 17.02
C ILE C 293 1.67 21.05 18.46
N ILE C 294 0.40 20.70 18.72
CA ILE C 294 0.02 20.10 19.99
C ILE C 294 -0.22 18.61 19.75
N SER C 295 0.47 17.76 20.51
CA SER C 295 0.38 16.32 20.30
C SER C 295 0.15 15.56 21.60
N SER C 296 -0.74 14.56 21.53
CA SER C 296 -1.04 13.66 22.64
C SER C 296 -1.59 12.36 22.03
N ASN C 298 -2.37 9.26 20.34
CA ASN C 298 -1.59 8.20 19.64
C ASN C 298 -0.11 8.14 19.97
N LEU C 299 0.43 9.28 20.40
CA LEU C 299 1.85 9.46 20.61
C LEU C 299 2.43 8.34 21.48
N THR C 300 1.61 7.78 22.36
CA THR C 300 2.00 6.65 23.20
C THR C 300 1.08 5.44 22.97
N ALA C 301 0.27 5.52 21.92
CA ALA C 301 -0.77 4.51 21.66
C ALA C 301 -1.67 4.20 22.88
N GLY C 302 -1.85 5.21 23.74
CA GLY C 302 -2.70 5.11 24.91
C GLY C 302 -2.14 4.24 26.00
N PHE C 303 -0.82 4.12 26.03
CA PHE C 303 -0.15 3.24 26.98
C PHE C 303 0.28 4.00 28.23
N PHE C 304 0.48 5.31 28.08
CA PHE C 304 1.03 6.16 29.13
C PHE C 304 0.52 7.57 28.80
N PRO C 305 0.11 8.37 29.82
CA PRO C 305 -0.42 9.72 29.59
C PRO C 305 0.70 10.66 29.25
N MET C 306 0.68 11.19 28.03
CA MET C 306 1.79 11.99 27.54
C MET C 306 1.23 13.07 26.62
N GLY C 307 1.68 14.29 26.83
CA GLY C 307 1.35 15.41 25.95
C GLY C 307 2.63 16.10 25.56
N ALA C 308 2.66 16.72 24.38
CA ALA C 308 3.84 17.43 23.94
C ALA C 308 3.50 18.62 23.07
N VAL C 309 4.15 19.73 23.36
CA VAL C 309 4.08 20.95 22.55
C VAL C 309 5.33 21.00 21.69
N ILE C 310 5.16 21.04 20.37
CA ILE C 310 6.31 21.18 19.45
C ILE C 310 6.35 22.55 18.75
N LEU C 311 7.34 23.37 19.09
CA LEU C 311 7.44 24.71 18.53
C LEU C 311 8.24 24.71 17.24
N GLY C 312 7.73 25.42 16.24
CA GLY C 312 8.42 25.59 14.97
C GLY C 312 9.66 26.48 15.06
N PRO C 313 10.44 26.53 13.95
CA PRO C 313 11.62 27.38 13.82
C PRO C 313 11.43 28.78 14.43
N ASP C 314 10.36 29.48 14.05
CA ASP C 314 10.18 30.88 14.45
C ASP C 314 9.82 31.06 15.93
N LEU C 315 8.85 30.27 16.42
CA LEU C 315 8.41 30.39 17.81
C LEU C 315 9.45 29.89 18.80
N ALA C 316 10.09 28.76 18.47
CA ALA C 316 11.19 28.22 19.27
C ALA C 316 12.25 29.28 19.63
N LYS C 317 12.72 30.04 18.64
CA LYS C 317 13.72 31.08 18.89
C LYS C 317 13.17 32.15 19.81
N ARG C 318 11.99 32.67 19.45
CA ARG C 318 11.43 33.83 20.14
C ARG C 318 11.14 33.56 21.61
N VAL C 319 10.57 32.40 21.90
CA VAL C 319 10.29 31.98 23.27
C VAL C 319 11.59 31.87 24.04
N GLU C 320 12.51 31.07 23.50
CA GLU C 320 13.85 30.90 24.08
C GLU C 320 14.57 32.23 24.33
N ALA C 321 14.36 33.20 23.44
CA ALA C 321 14.90 34.54 23.59
C ALA C 321 14.32 35.23 24.82
N ALA C 322 13.01 35.07 25.02
CA ALA C 322 12.33 35.64 26.18
C ALA C 322 12.69 34.89 27.47
N VAL C 323 12.79 33.56 27.38
CA VAL C 323 13.24 32.72 28.50
C VAL C 323 14.64 33.12 28.99
N GLU C 324 15.56 33.35 28.05
CA GLU C 324 16.96 33.68 28.35
C GLU C 324 17.10 35.03 29.07
N ALA C 325 16.23 35.98 28.71
CA ALA C 325 16.17 37.29 29.35
C ALA C 325 15.77 37.19 30.83
N ILE C 326 14.77 36.37 31.12
CA ILE C 326 14.24 36.25 32.49
C ILE C 326 14.94 35.14 33.29
N GLU C 327 15.69 34.29 32.58
CA GLU C 327 16.57 33.23 33.12
C GLU C 327 15.92 31.89 33.53
N GLU C 328 14.59 31.85 33.62
CA GLU C 328 13.86 30.62 33.98
C GLU C 328 12.40 30.67 33.51
N PHE C 329 11.99 29.67 32.71
CA PHE C 329 10.58 29.50 32.32
C PHE C 329 9.82 28.74 33.43
N PRO C 330 9.00 29.47 34.22
CA PRO C 330 8.38 28.91 35.43
C PRO C 330 7.07 28.18 35.15
N HIS C 331 7.19 27.04 34.47
CA HIS C 331 6.04 26.22 34.11
C HIS C 331 6.52 24.83 33.85
N GLY C 332 5.80 23.85 34.41
CA GLY C 332 6.13 22.42 34.23
C GLY C 332 5.32 21.42 35.07
N PHE C 333 5.17 20.21 34.54
CA PHE C 333 4.43 19.13 35.21
C PHE C 333 5.35 18.06 35.81
N THR C 334 5.09 17.70 37.08
CA THR C 334 5.89 16.73 37.85
C THR C 334 6.26 15.47 37.06
N ALA C 335 5.30 14.98 36.28
CA ALA C 335 5.47 13.78 35.47
C ALA C 335 5.74 14.08 33.99
N SER C 336 5.89 15.36 33.61
CA SER C 336 6.20 15.67 32.21
C SER C 336 7.66 15.32 31.87
N GLY C 337 7.87 14.72 30.70
CA GLY C 337 9.19 14.22 30.32
C GLY C 337 9.44 12.82 30.85
N HIS C 338 8.47 12.26 31.56
CA HIS C 338 8.60 10.95 32.22
C HIS C 338 9.34 9.95 31.36
N PRO C 339 10.37 9.29 31.91
CA PRO C 339 11.18 8.35 31.11
C PRO C 339 10.37 7.18 30.53
N VAL C 340 9.54 6.55 31.35
CA VAL C 340 8.69 5.48 30.86
C VAL C 340 7.81 5.92 29.71
N GLY C 341 7.14 7.07 29.85
CA GLY C 341 6.35 7.63 28.75
C GLY C 341 7.18 7.87 27.50
N CYS C 342 8.36 8.45 27.68
CA CYS C 342 9.27 8.68 26.56
C CYS C 342 9.68 7.42 25.81
N ALA C 343 10.17 6.40 26.50
CA ALA C 343 10.54 5.16 25.83
C ALA C 343 9.35 4.52 25.13
N ILE C 344 8.15 4.71 25.69
CA ILE C 344 6.94 4.18 25.07
C ILE C 344 6.54 4.96 23.81
N ALA C 345 6.57 6.28 23.91
CA ALA C 345 6.29 7.13 22.77
C ALA C 345 7.27 6.84 21.62
N LEU C 346 8.51 6.53 21.95
CA LEU C 346 9.52 6.23 20.96
C LEU C 346 9.21 4.94 20.25
N LYS C 347 8.62 4.00 20.97
CA LYS C 347 8.20 2.74 20.38
C LYS C 347 6.95 2.94 19.53
N ALA C 348 5.97 3.64 20.08
CA ALA C 348 4.72 3.97 19.38
C ALA C 348 5.01 4.61 18.03
N ILE C 349 5.82 5.67 18.03
CA ILE C 349 6.11 6.39 16.79
C ILE C 349 6.67 5.40 15.77
N ASP C 350 7.66 4.62 16.21
CA ASP C 350 8.29 3.63 15.36
C ASP C 350 7.34 2.51 14.86
N VAL C 351 6.41 2.07 15.71
CA VAL C 351 5.45 1.08 15.28
C VAL C 351 4.48 1.63 14.23
N VAL C 352 3.93 2.82 14.47
CA VAL C 352 2.95 3.43 13.56
C VAL C 352 3.61 3.73 12.22
N MET C 353 4.80 4.32 12.27
CA MET C 353 5.41 4.84 11.05
C MET C 353 6.19 3.81 10.23
N ASN C 354 6.77 2.81 10.88
CA ASN C 354 7.68 1.87 10.22
C ASN C 354 7.24 0.41 10.31
N GLU C 355 6.05 0.17 10.86
CA GLU C 355 5.54 -1.20 10.97
C GLU C 355 4.13 -1.35 10.38
N GLY C 356 3.81 -0.47 9.43
CA GLY C 356 2.64 -0.65 8.58
C GLY C 356 1.33 -0.08 9.05
N LEU C 357 1.30 0.48 10.26
CA LEU C 357 0.04 0.94 10.85
C LEU C 357 -0.60 2.13 10.15
N ALA C 358 0.19 3.19 9.93
CA ALA C 358 -0.27 4.36 9.16
C ALA C 358 -0.59 3.96 7.72
N GLU C 359 0.17 3.00 7.20
CA GLU C 359 -0.05 2.48 5.85
C GLU C 359 -1.38 1.74 5.76
N ASN C 360 -1.69 0.93 6.77
CA ASN C 360 -2.94 0.19 6.79
C ASN C 360 -4.10 1.15 6.71
N VAL C 361 -3.98 2.27 7.41
CA VAL C 361 -4.96 3.35 7.31
C VAL C 361 -5.16 3.76 5.86
N ARG C 362 -4.06 3.92 5.12
CA ARG C 362 -4.16 4.32 3.73
C ARG C 362 -4.73 3.22 2.86
N ARG C 363 -4.26 1.98 3.06
CA ARG C 363 -4.76 0.82 2.32
C ARG C 363 -6.26 0.64 2.47
N LEU C 364 -6.74 0.68 3.70
CA LEU C 364 -8.14 0.37 4.00
C LEU C 364 -9.14 1.53 3.94
N ALA C 365 -8.63 2.77 3.89
CA ALA C 365 -9.49 3.97 3.81
C ALA C 365 -10.53 3.93 2.68
N PRO C 366 -10.14 3.47 1.48
CA PRO C 366 -11.13 3.48 0.39
C PRO C 366 -12.31 2.58 0.71
N ARG C 367 -12.02 1.38 1.21
CA ARG C 367 -13.05 0.46 1.65
C ARG C 367 -13.92 1.09 2.76
N PHE C 368 -13.28 1.71 3.75
CA PHE C 368 -13.97 2.44 4.82
C PHE C 368 -15.01 3.39 4.22
N GLU C 369 -14.55 4.23 3.29
CA GLU C 369 -15.37 5.20 2.60
C GLU C 369 -16.53 4.55 1.81
N ALA C 370 -16.25 3.45 1.10
CA ALA C 370 -17.28 2.72 0.35
C ALA C 370 -18.36 2.14 1.26
N GLY C 371 -17.96 1.64 2.43
CA GLY C 371 -18.90 1.13 3.41
C GLY C 371 -19.88 2.20 3.87
N LEU C 372 -19.36 3.36 4.27
CA LEU C 372 -20.20 4.43 4.77
C LEU C 372 -21.07 5.02 3.67
N LYS C 373 -20.53 5.04 2.46
CA LYS C 373 -21.21 5.56 1.29
C LYS C 373 -22.49 4.75 1.05
N ARG C 374 -22.35 3.44 1.19
CA ARG C 374 -23.47 2.52 1.02
C ARG C 374 -24.49 2.70 2.16
N ILE C 375 -24.01 2.61 3.41
CA ILE C 375 -24.84 2.88 4.59
C ILE C 375 -25.53 4.26 4.52
N ALA C 376 -24.88 5.25 3.91
CA ALA C 376 -25.44 6.60 3.86
C ALA C 376 -26.67 6.70 2.97
N ASP C 377 -26.93 5.64 2.21
CA ASP C 377 -28.04 5.64 1.26
C ASP C 377 -29.41 5.81 1.91
N ARG C 378 -29.61 5.24 3.09
CA ARG C 378 -30.92 5.21 3.71
C ARG C 378 -31.46 6.61 4.04
N PRO C 379 -32.81 6.75 4.14
CA PRO C 379 -33.47 8.06 4.33
C PRO C 379 -33.05 8.81 5.57
N ASN C 380 -32.58 8.11 6.61
CA ASN C 380 -32.24 8.76 7.90
C ASN C 380 -30.79 9.17 8.11
N ILE C 381 -29.96 8.97 7.09
CA ILE C 381 -28.61 9.49 7.14
C ILE C 381 -28.45 10.66 6.18
N GLY C 382 -28.05 11.80 6.74
CA GLY C 382 -27.94 13.04 5.99
C GLY C 382 -26.64 13.23 5.25
N GLU C 383 -25.54 12.77 5.83
CA GLU C 383 -24.26 12.71 5.12
C GLU C 383 -23.34 11.74 5.84
N TYR C 384 -22.30 11.28 5.14
CA TYR C 384 -21.17 10.64 5.78
C TYR C 384 -20.00 11.60 5.50
N ARG C 385 -19.00 11.59 6.35
CA ARG C 385 -17.85 12.48 6.20
C ARG C 385 -16.66 11.89 6.94
N GLY C 386 -15.46 12.19 6.46
CA GLY C 386 -14.24 11.80 7.15
C GLY C 386 -13.06 11.62 6.22
N ILE C 387 -12.03 10.94 6.72
CA ILE C 387 -10.82 10.73 5.97
C ILE C 387 -9.96 9.70 6.66
N GLY C 388 -9.37 8.79 5.89
CA GLY C 388 -8.49 7.79 6.44
C GLY C 388 -9.26 6.91 7.40
N PHE C 389 -8.97 7.04 8.69
CA PHE C 389 -9.63 6.23 9.74
C PHE C 389 -10.43 7.04 10.78
N MET C 390 -10.99 8.16 10.34
CA MET C 390 -11.92 8.89 11.19
C MET C 390 -13.12 9.30 10.35
N TRP C 391 -14.28 8.82 10.77
CA TRP C 391 -15.51 9.01 9.99
C TRP C 391 -16.71 9.23 10.86
N ALA C 392 -17.71 9.87 10.27
CA ALA C 392 -19.00 10.08 10.90
C ALA C 392 -20.16 9.94 9.91
N LEU C 393 -21.26 9.38 10.39
CA LEU C 393 -22.55 9.38 9.72
C LEU C 393 -23.41 10.30 10.54
N GLU C 394 -24.13 11.18 9.86
CA GLU C 394 -25.01 12.12 10.52
C GLU C 394 -26.44 11.58 10.53
N ALA C 395 -27.09 11.57 11.68
CA ALA C 395 -28.47 11.10 11.76
C ALA C 395 -29.48 12.23 11.53
N VAL C 396 -30.47 11.96 10.69
CA VAL C 396 -31.50 12.97 10.42
C VAL C 396 -32.90 12.36 10.37
N LYS C 397 -33.92 13.18 10.68
CA LYS C 397 -35.31 12.77 10.49
C LYS C 397 -35.80 12.93 9.06
N ASP C 398 -35.27 13.95 8.38
CA ASP C 398 -35.54 14.23 6.97
C ASP C 398 -34.24 14.65 6.24
N LYS C 399 -33.87 13.91 5.21
CA LYS C 399 -32.63 14.15 4.44
C LYS C 399 -32.65 15.46 3.63
N PRO C 400 -33.71 15.69 2.83
CA PRO C 400 -33.62 16.86 1.97
C PRO C 400 -33.59 18.20 2.73
N THR C 401 -34.27 18.27 3.87
CA THR C 401 -34.31 19.51 4.69
C THR C 401 -33.24 19.55 5.78
N LYS C 402 -32.50 18.45 5.95
CA LYS C 402 -31.46 18.35 6.99
C LYS C 402 -32.01 18.50 8.42
N THR C 403 -33.30 18.19 8.58
CA THR C 403 -33.96 18.20 9.88
C THR C 403 -33.49 17.03 10.74
N PRO C 404 -32.96 17.31 11.95
CA PRO C 404 -32.63 16.22 12.86
C PRO C 404 -33.86 15.74 13.62
N PHE C 405 -33.71 14.62 14.33
CA PHE C 405 -34.72 14.10 15.24
C PHE C 405 -34.79 15.01 16.46
N ASP C 406 -35.95 15.09 17.10
CA ASP C 406 -36.08 15.80 18.35
C ASP C 406 -35.08 15.24 19.37
N ALA C 407 -34.47 16.14 20.16
CA ALA C 407 -33.46 15.74 21.16
C ALA C 407 -34.03 14.79 22.22
N ASN C 408 -35.29 14.97 22.57
CA ASN C 408 -35.96 14.07 23.49
C ASN C 408 -36.02 12.59 23.03
N LEU C 409 -35.70 12.32 21.76
CA LEU C 409 -35.67 10.94 21.28
C LEU C 409 -34.36 10.20 21.59
N SER C 410 -33.33 10.94 21.98
CA SER C 410 -32.01 10.38 22.33
C SER C 410 -31.51 9.39 21.28
N VAL C 411 -31.47 9.83 20.03
CA VAL C 411 -31.18 8.92 18.91
C VAL C 411 -29.73 8.40 18.90
N SER C 412 -28.77 9.27 19.23
CA SER C 412 -27.37 8.83 19.27
C SER C 412 -27.16 7.84 20.41
N GLU C 413 -27.68 8.16 21.60
CA GLU C 413 -27.69 7.24 22.72
C GLU C 413 -28.33 5.88 22.42
N ARG C 414 -29.45 5.89 21.69
CA ARG C 414 -30.12 4.66 21.31
C ARG C 414 -29.25 3.81 20.40
N ILE C 415 -28.51 4.46 19.51
CA ILE C 415 -27.61 3.78 18.57
C ILE C 415 -26.33 3.30 19.25
N ALA C 416 -25.75 4.10 20.13
CA ALA C 416 -24.61 3.61 20.93
C ALA C 416 -24.97 2.35 21.74
N ASN C 417 -26.09 2.39 22.45
CA ASN C 417 -26.55 1.27 23.27
C ASN C 417 -26.81 0.01 22.44
N THR C 418 -27.55 0.15 21.34
CA THR C 418 -27.81 -1.00 20.48
C THR C 418 -26.52 -1.58 19.93
N CYS C 419 -25.54 -0.73 19.64
CA CYS C 419 -24.22 -1.20 19.22
C CYS C 419 -23.54 -2.04 20.29
N THR C 420 -23.50 -1.55 21.53
CA THR C 420 -22.97 -2.31 22.65
C THR C 420 -23.66 -3.67 22.83
N ASP C 421 -25.00 -3.67 22.82
CA ASP C 421 -25.76 -4.93 22.88
C ASP C 421 -25.27 -5.96 21.87
N LEU C 422 -24.90 -5.48 20.69
CA LEU C 422 -24.39 -6.32 19.61
C LEU C 422 -22.87 -6.48 19.57
N GLY C 423 -22.17 -6.03 20.61
CA GLY C 423 -20.73 -6.24 20.68
C GLY C 423 -19.94 -5.32 19.76
N LEU C 424 -20.45 -4.12 19.52
CA LEU C 424 -19.69 -3.06 18.87
C LEU C 424 -19.66 -1.82 19.75
N ILE C 425 -18.45 -1.32 20.02
CA ILE C 425 -18.34 -0.04 20.67
C ILE C 425 -18.19 1.01 19.59
N CYS C 426 -19.16 1.92 19.52
CA CYS C 426 -18.99 3.14 18.76
C CYS C 426 -19.71 4.27 19.45
N ARG C 427 -19.05 5.42 19.56
CA ARG C 427 -19.55 6.50 20.39
C ARG C 427 -20.05 7.69 19.59
N PRO C 428 -21.38 7.88 19.57
CA PRO C 428 -22.08 8.97 18.90
C PRO C 428 -22.04 10.26 19.70
N LEU C 429 -21.66 11.33 19.02
CA LEU C 429 -21.56 12.63 19.61
C LEU C 429 -22.65 13.46 18.99
N GLY C 430 -23.44 14.13 19.81
CA GLY C 430 -24.62 14.83 19.31
C GLY C 430 -25.38 13.84 18.45
N GLN C 431 -25.74 14.23 17.25
CA GLN C 431 -26.48 13.31 16.39
C GLN C 431 -25.58 12.61 15.38
N SER C 432 -24.27 12.76 15.57
CA SER C 432 -23.26 12.10 14.75
C SER C 432 -22.93 10.71 15.29
N ILE C 433 -22.53 9.82 14.41
CA ILE C 433 -22.08 8.54 14.84
C ILE C 433 -20.63 8.48 14.40
N VAL C 434 -19.73 8.32 15.36
CA VAL C 434 -18.31 8.38 15.07
C VAL C 434 -17.70 7.00 15.00
N LEU C 435 -17.01 6.72 13.90
CA LEU C 435 -16.15 5.54 13.82
C LEU C 435 -14.69 5.96 13.72
N CYS C 436 -13.88 5.55 14.69
CA CYS C 436 -12.44 5.82 14.66
C CYS C 436 -11.63 4.64 15.24
N PRO C 437 -11.56 3.52 14.49
CA PRO C 437 -11.02 2.26 15.01
C PRO C 437 -9.49 2.18 15.00
N PRO C 438 -8.91 1.13 15.62
CA PRO C 438 -7.45 0.96 15.61
C PRO C 438 -6.87 0.78 14.21
N PHE C 439 -5.61 1.15 14.04
CA PHE C 439 -4.93 1.09 12.74
C PHE C 439 -4.62 -0.34 12.35
N ILE C 440 -4.81 -1.27 13.28
CA ILE C 440 -4.49 -2.66 13.04
C ILE C 440 -5.69 -3.45 12.46
N LEU C 441 -6.84 -2.77 12.39
CA LEU C 441 -8.07 -3.33 11.84
C LEU C 441 -7.84 -4.09 10.55
N THR C 442 -8.28 -5.33 10.51
CA THR C 442 -8.23 -6.12 9.27
C THR C 442 -9.52 -5.93 8.47
N GLU C 443 -9.51 -6.38 7.22
CA GLU C 443 -10.70 -6.31 6.36
C GLU C 443 -11.93 -6.95 6.99
N ALA C 444 -11.77 -8.19 7.46
CA ALA C 444 -12.87 -8.92 8.08
C ALA C 444 -13.42 -8.18 9.29
N GLN C 445 -12.53 -7.60 10.09
CA GLN C 445 -12.93 -6.83 11.25
C GLN C 445 -13.67 -5.55 10.85
N MET C 446 -13.23 -4.93 9.74
CA MET C 446 -13.99 -3.79 9.20
C MET C 446 -15.41 -4.21 8.79
N ASP C 447 -15.53 -5.37 8.14
CA ASP C 447 -16.83 -5.91 7.79
C ASP C 447 -17.69 -6.22 9.01
N GLU C 448 -17.04 -6.67 10.07
CA GLU C 448 -17.75 -6.97 11.31
C GLU C 448 -18.34 -5.67 11.87
N MET C 449 -17.52 -4.62 11.90
CA MET C 449 -17.97 -3.27 12.27
C MET C 449 -19.21 -2.85 11.49
N PHE C 450 -19.11 -2.89 10.17
CA PHE C 450 -20.23 -2.55 9.28
C PHE C 450 -21.49 -3.36 9.52
N GLU C 451 -21.37 -4.67 9.66
CA GLU C 451 -22.55 -5.51 9.90
C GLU C 451 -23.27 -5.11 11.18
N LYS C 452 -22.50 -5.00 12.27
CA LYS C 452 -23.06 -4.69 13.58
C LYS C 452 -23.64 -3.28 13.64
N LEU C 453 -23.01 -2.33 12.97
CA LEU C 453 -23.53 -0.97 12.91
C LEU C 453 -24.84 -0.89 12.13
N GLU C 454 -24.88 -1.57 10.97
CA GLU C 454 -26.07 -1.56 10.11
C GLU C 454 -27.29 -2.17 10.79
N LYS C 455 -27.07 -3.24 11.56
CA LYS C 455 -28.13 -3.90 12.35
C LYS C 455 -28.64 -2.97 13.43
N ALA C 456 -27.71 -2.21 14.02
CA ALA C 456 -28.04 -1.21 15.03
C ALA C 456 -28.89 -0.08 14.47
N LEU C 457 -28.59 0.35 13.24
CA LEU C 457 -29.31 1.47 12.62
C LEU C 457 -30.69 1.03 12.16
N ASP C 458 -30.77 -0.15 11.54
CA ASP C 458 -32.03 -0.73 11.11
C ASP C 458 -33.05 -0.73 12.24
N LYS C 459 -32.67 -1.30 13.37
CA LYS C 459 -33.52 -1.41 14.55
C LYS C 459 -33.93 -0.04 15.07
N VAL C 460 -32.93 0.83 15.28
CA VAL C 460 -33.21 2.17 15.83
C VAL C 460 -34.10 3.01 14.92
N PHE C 461 -33.79 3.07 13.63
CA PHE C 461 -34.59 3.86 12.70
C PHE C 461 -35.99 3.28 12.49
N ALA C 462 -36.16 1.99 12.78
CA ALA C 462 -37.49 1.40 12.76
C ALA C 462 -38.31 1.95 13.91
N GLU C 463 -37.75 1.91 15.11
CA GLU C 463 -38.46 2.34 16.31
C GLU C 463 -38.76 3.84 16.35
N VAL C 464 -37.81 4.68 15.97
CA VAL C 464 -38.01 6.13 16.06
C VAL C 464 -38.67 6.76 14.83
N ALA C 465 -38.20 6.43 13.62
CA ALA C 465 -38.73 7.05 12.40
C ALA C 465 -40.07 6.42 12.00
N GLN D 17 28.90 13.76 19.43
CA GLN D 17 27.61 14.44 19.73
C GLN D 17 27.04 13.99 21.07
N SER D 18 27.50 14.64 22.13
CA SER D 18 27.20 14.22 23.50
C SER D 18 25.77 14.52 23.92
N TRP D 19 25.33 13.83 24.97
CA TRP D 19 24.02 14.07 25.55
C TRP D 19 23.85 15.48 26.02
N GLU D 20 24.93 16.07 26.52
CA GLU D 20 24.97 17.46 26.97
C GLU D 20 24.42 18.42 25.92
N ALA D 21 24.93 18.28 24.69
CA ALA D 21 24.60 19.18 23.58
C ALA D 21 23.19 18.96 23.07
N ARG D 22 22.72 17.73 23.18
CA ARG D 22 21.46 17.32 22.57
C ARG D 22 20.23 17.67 23.39
N ALA D 23 20.40 17.84 24.69
CA ALA D 23 19.33 18.38 25.51
C ALA D 23 19.13 19.86 25.19
N GLU D 24 20.21 20.58 24.95
CA GLU D 24 20.17 22.03 24.71
C GLU D 24 19.76 22.43 23.30
N THR D 25 19.32 21.46 22.51
CA THR D 25 19.01 21.72 21.10
C THR D 25 17.52 21.49 20.80
N TYR D 26 16.91 20.57 21.55
CA TYR D 26 15.51 20.22 21.34
C TYR D 26 14.63 20.45 22.56
N SER D 27 15.18 21.11 23.59
CA SER D 27 14.47 21.26 24.84
C SER D 27 14.07 22.69 25.22
N LEU D 28 12.77 22.88 25.39
CA LEU D 28 12.26 24.00 26.13
C LEU D 28 12.27 23.55 27.60
N TYR D 29 13.03 24.28 28.42
CA TYR D 29 13.27 23.89 29.81
C TYR D 29 12.23 24.40 30.81
N GLY D 30 11.64 23.47 31.55
CA GLY D 30 10.69 23.82 32.60
C GLY D 30 11.43 23.96 33.91
N PHE D 31 11.09 25.00 34.68
CA PHE D 31 11.64 25.24 36.03
C PHE D 31 13.17 25.01 36.12
N THR D 32 13.86 25.24 35.00
CA THR D 32 15.32 25.04 34.88
C THR D 32 16.03 26.40 34.74
N ASP D 33 16.96 26.67 35.66
CA ASP D 33 17.79 27.88 35.58
C ASP D 33 18.72 27.81 34.37
N MET D 34 18.51 28.73 33.43
CA MET D 34 19.21 28.71 32.14
C MET D 34 20.71 29.05 32.15
N PRO D 35 21.15 30.04 32.98
CA PRO D 35 22.59 30.32 33.04
C PRO D 35 23.41 29.12 33.51
N SER D 36 22.97 28.48 34.59
CA SER D 36 23.74 27.37 35.19
C SER D 36 23.46 25.99 34.57
N VAL D 37 22.72 25.96 33.47
CA VAL D 37 22.62 24.74 32.66
C VAL D 37 23.35 24.91 31.33
N HIS D 38 23.53 26.17 30.91
CA HIS D 38 24.31 26.50 29.71
C HIS D 38 25.79 26.42 30.00
N GLN D 39 26.23 27.11 31.06
CA GLN D 39 27.64 27.09 31.50
C GLN D 39 27.82 26.06 32.62
N ARG D 40 27.35 24.84 32.35
CA ARG D 40 27.37 23.71 33.27
C ARG D 40 26.78 22.53 32.48
N GLY D 41 26.72 21.34 33.06
CA GLY D 41 26.10 20.21 32.38
C GLY D 41 24.57 20.07 32.56
N THR D 42 23.87 19.71 31.49
CA THR D 42 22.53 19.15 31.63
C THR D 42 22.70 17.72 32.13
N VAL D 43 22.42 17.47 33.40
CA VAL D 43 22.59 16.13 34.00
C VAL D 43 21.59 15.12 33.41
N VAL D 44 22.07 14.33 32.45
CA VAL D 44 21.26 13.32 31.77
C VAL D 44 21.33 11.99 32.51
N VAL D 45 20.21 11.63 33.15
CA VAL D 45 20.17 10.47 34.04
C VAL D 45 19.68 9.22 33.31
N THR D 46 20.28 8.07 33.58
CA THR D 46 19.96 6.83 32.84
C THR D 46 19.27 5.77 33.68
N HIS D 47 19.61 5.70 34.97
CA HIS D 47 19.03 4.72 35.89
C HIS D 47 19.22 5.12 37.32
N GLY D 48 18.52 4.40 38.21
CA GLY D 48 18.69 4.57 39.65
C GLY D 48 18.86 3.28 40.44
N GLU D 49 19.40 3.40 41.66
CA GLU D 49 19.48 2.31 42.63
C GLU D 49 19.00 2.89 43.94
N GLY D 50 18.10 2.20 44.63
CA GLY D 50 17.48 2.74 45.85
C GLY D 50 17.21 4.23 45.78
N PRO D 51 17.85 5.02 46.66
CA PRO D 51 17.65 6.48 46.62
C PRO D 51 18.65 7.22 45.72
N TYR D 52 19.57 6.50 45.07
CA TYR D 52 20.62 7.12 44.26
C TYR D 52 20.25 7.17 42.80
N ILE D 53 20.70 8.21 42.10
CA ILE D 53 20.55 8.24 40.64
C ILE D 53 21.90 8.25 39.94
N VAL D 54 21.95 7.63 38.77
CA VAL D 54 23.20 7.51 38.03
C VAL D 54 23.02 8.10 36.64
N ASP D 55 23.96 8.95 36.24
CA ASP D 55 23.88 9.69 34.99
C ASP D 55 24.66 9.02 33.84
N VAL D 56 24.51 9.55 32.63
CA VAL D 56 25.23 9.07 31.44
C VAL D 56 26.72 8.81 31.67
N HIS D 57 27.39 9.69 32.42
CA HIS D 57 28.83 9.56 32.66
C HIS D 57 29.16 8.77 33.90
N GLY D 58 28.15 8.11 34.45
CA GLY D 58 28.36 7.07 35.45
C GLY D 58 28.46 7.52 36.89
N ARG D 59 28.42 8.83 37.14
CA ARG D 59 28.54 9.31 38.51
C ARG D 59 27.20 9.25 39.26
N ARG D 60 27.28 8.84 40.52
CA ARG D 60 26.11 8.69 41.35
C ARG D 60 25.76 10.02 41.99
N TYR D 61 24.51 10.14 42.40
CA TYR D 61 24.05 11.27 43.20
C TYR D 61 22.94 10.74 44.11
N LEU D 62 22.91 11.24 45.34
CA LEU D 62 21.84 10.91 46.27
C LEU D 62 20.71 11.94 46.14
N ASP D 63 19.54 11.50 45.67
CA ASP D 63 18.41 12.40 45.44
C ASP D 63 17.59 12.61 46.70
N ALA D 64 17.99 13.59 47.48
CA ALA D 64 17.30 13.93 48.72
C ALA D 64 16.01 14.70 48.46
N ASN D 65 15.58 14.67 47.19
CA ASN D 65 14.34 15.29 46.75
C ASN D 65 13.30 14.30 46.26
N SER D 66 13.64 13.00 46.32
CA SER D 66 12.79 11.93 45.79
C SER D 66 12.35 12.26 44.37
N GLY D 67 13.32 12.49 43.48
CA GLY D 67 13.07 13.01 42.14
C GLY D 67 12.40 14.37 42.26
N LEU D 68 11.08 14.37 42.27
CA LEU D 68 10.29 15.57 42.51
C LEU D 68 9.19 15.31 43.58
N TRP D 69 9.63 15.09 44.83
CA TRP D 69 8.79 14.71 45.98
C TRP D 69 8.14 13.35 45.90
N ASN D 70 8.21 12.73 44.73
CA ASN D 70 7.32 11.61 44.41
C ASN D 70 7.91 10.20 44.43
N MET D 71 9.24 10.07 44.32
CA MET D 71 9.88 8.76 44.24
C MET D 71 10.14 8.18 45.61
N VAL D 72 9.07 7.98 46.36
CA VAL D 72 9.15 7.60 47.78
C VAL D 72 9.61 6.17 48.03
N ALA D 73 9.50 5.29 47.03
CA ALA D 73 10.02 3.93 47.16
C ALA D 73 11.36 3.82 46.46
N GLY D 74 11.95 4.97 46.17
CA GLY D 74 13.22 5.02 45.49
C GLY D 74 13.07 4.74 44.01
N PHE D 75 14.19 4.45 43.36
CA PHE D 75 14.22 4.40 41.90
C PHE D 75 14.26 3.00 41.29
N ASP D 76 14.32 1.96 42.12
CA ASP D 76 14.32 0.59 41.59
C ASP D 76 13.54 -0.44 42.41
N HIS D 77 12.56 0.03 43.19
CA HIS D 77 11.70 -0.86 43.99
C HIS D 77 11.18 -2.00 43.14
N LYS D 78 11.52 -3.22 43.54
CA LYS D 78 11.18 -4.44 42.79
C LYS D 78 9.67 -4.68 42.70
N GLY D 79 8.97 -4.59 43.84
CA GLY D 79 7.54 -4.86 43.90
C GLY D 79 6.72 -3.99 42.98
N LEU D 80 7.12 -2.72 42.85
CA LEU D 80 6.42 -1.78 42.00
C LEU D 80 6.74 -2.02 40.54
N ILE D 81 7.99 -2.28 40.24
CA ILE D 81 8.38 -2.62 38.88
C ILE D 81 7.55 -3.80 38.42
N GLU D 82 7.49 -4.84 39.24
CA GLU D 82 6.72 -6.04 38.93
C GLU D 82 5.23 -5.77 38.77
N ALA D 83 4.65 -4.94 39.63
CA ALA D 83 3.22 -4.61 39.52
C ALA D 83 2.93 -3.84 38.23
N ALA D 84 3.86 -2.94 37.88
CA ALA D 84 3.76 -2.17 36.63
C ALA D 84 3.74 -3.11 35.44
N LYS D 85 4.77 -3.96 35.36
CA LYS D 85 4.90 -4.95 34.30
C LYS D 85 3.71 -5.91 34.20
N ALA D 86 3.25 -6.37 35.35
CA ALA D 86 2.11 -7.30 35.41
C ALA D 86 0.86 -6.71 34.76
N GLN D 87 0.63 -5.41 34.93
CA GLN D 87 -0.53 -4.76 34.37
C GLN D 87 -0.39 -4.52 32.85
N TYR D 88 0.83 -4.25 32.39
CA TYR D 88 1.06 -4.13 30.96
C TYR D 88 0.83 -5.47 30.25
N ASP D 89 1.07 -6.56 30.96
CA ASP D 89 0.73 -7.88 30.44
C ASP D 89 -0.77 -8.07 30.46
N ARG D 90 -1.45 -7.47 31.44
CA ARG D 90 -2.87 -7.72 31.65
C ARG D 90 -3.74 -6.90 30.70
N PHE D 91 -3.62 -5.58 30.76
CA PHE D 91 -4.47 -4.63 30.04
C PHE D 91 -3.79 -3.27 30.07
N PRO D 92 -3.10 -2.90 28.97
CA PRO D 92 -2.18 -1.77 28.92
C PRO D 92 -2.80 -0.40 28.66
N GLY D 93 -4.11 -0.31 28.49
CA GLY D 93 -4.67 1.01 28.32
C GLY D 93 -6.15 1.07 28.06
N TYR D 94 -6.78 2.12 28.58
CA TYR D 94 -8.21 2.36 28.41
C TYR D 94 -8.63 3.71 29.03
N HIS D 95 -9.93 3.88 29.27
CA HIS D 95 -10.48 5.15 29.75
C HIS D 95 -11.62 4.91 30.69
N ALA D 96 -12.32 5.97 31.07
CA ALA D 96 -13.40 5.85 32.03
C ALA D 96 -14.62 6.71 31.66
N PHE D 97 -14.89 6.79 30.36
CA PHE D 97 -16.01 7.58 29.85
C PHE D 97 -17.08 6.67 29.27
N PHE D 98 -18.29 7.20 29.10
CA PHE D 98 -19.37 6.50 28.43
C PHE D 98 -19.84 5.21 29.11
N GLY D 99 -19.67 5.11 30.42
CA GLY D 99 -20.26 3.99 31.18
C GLY D 99 -19.35 2.79 31.16
N ARG D 100 -18.08 3.08 30.95
CA ARG D 100 -17.11 2.06 30.72
C ARG D 100 -15.89 2.43 31.56
N MET D 101 -15.21 1.43 32.12
CA MET D 101 -13.97 1.66 32.88
C MET D 101 -13.27 0.35 33.17
N SER D 102 -11.99 0.40 33.53
CA SER D 102 -11.25 -0.82 33.84
C SER D 102 -11.53 -1.31 35.24
N ASP D 103 -11.42 -2.62 35.46
CA ASP D 103 -11.53 -3.16 36.81
C ASP D 103 -10.56 -2.48 37.77
N GLN D 104 -9.33 -2.23 37.33
CA GLN D 104 -8.34 -1.58 38.15
C GLN D 104 -8.85 -0.24 38.68
N THR D 105 -9.51 0.51 37.83
CA THR D 105 -10.13 1.78 38.19
C THR D 105 -11.15 1.59 39.32
N VAL D 106 -12.07 0.64 39.14
CA VAL D 106 -13.05 0.32 40.18
C VAL D 106 -12.36 -0.01 41.51
N MET D 107 -11.30 -0.79 41.46
CA MET D 107 -10.61 -1.19 42.68
C MET D 107 -9.93 0.00 43.37
N LEU D 108 -9.29 0.86 42.58
CA LEU D 108 -8.60 2.00 43.18
C LEU D 108 -9.57 3.00 43.86
N SER D 109 -10.74 3.22 43.24
CA SER D 109 -11.72 4.15 43.77
C SER D 109 -12.21 3.69 45.13
N GLU D 110 -12.46 2.39 45.23
CA GLU D 110 -12.86 1.75 46.47
C GLU D 110 -11.76 1.87 47.52
N LYS D 111 -10.52 1.67 47.09
CA LYS D 111 -9.37 1.79 47.95
C LYS D 111 -9.13 3.21 48.44
N LEU D 112 -9.31 4.21 47.57
CA LEU D 112 -9.00 5.57 47.95
C LEU D 112 -10.02 6.07 48.94
N VAL D 113 -11.25 5.61 48.81
CA VAL D 113 -12.28 5.96 49.78
C VAL D 113 -11.96 5.30 51.13
N GLU D 114 -11.66 4.00 51.11
CA GLU D 114 -11.19 3.30 52.31
C GLU D 114 -10.05 4.04 53.01
N VAL D 115 -8.93 4.27 52.33
CA VAL D 115 -7.75 4.91 52.95
C VAL D 115 -7.87 6.41 53.22
N SER D 116 -8.82 7.07 52.54
CA SER D 116 -9.12 8.48 52.80
C SER D 116 -9.67 8.58 54.20
N PRO D 117 -9.59 9.77 54.81
CA PRO D 117 -10.15 9.94 56.14
C PRO D 117 -11.67 9.95 56.15
N PHE D 118 -12.31 9.91 54.98
CA PHE D 118 -13.77 9.91 54.91
C PHE D 118 -14.34 8.52 55.15
N ASP D 119 -15.52 8.44 55.76
CA ASP D 119 -16.26 7.18 55.84
C ASP D 119 -16.69 6.67 54.47
N ASN D 120 -17.14 7.59 53.61
CA ASN D 120 -17.62 7.27 52.28
C ASN D 120 -17.49 8.53 51.41
N GLY D 121 -17.49 8.34 50.10
CA GLY D 121 -17.43 9.46 49.15
C GLY D 121 -17.20 8.99 47.73
N ARG D 122 -16.79 9.91 46.86
CA ARG D 122 -16.54 9.58 45.44
C ARG D 122 -15.23 10.11 44.91
N VAL D 123 -14.72 9.46 43.86
CA VAL D 123 -13.41 9.78 43.29
C VAL D 123 -13.50 10.11 41.81
N PHE D 124 -12.75 11.14 41.41
CA PHE D 124 -12.60 11.56 40.01
C PHE D 124 -11.12 11.58 39.69
N TYR D 125 -10.72 11.02 38.56
CA TYR D 125 -9.29 10.98 38.23
C TYR D 125 -8.84 12.07 37.28
N THR D 126 -7.57 12.42 37.40
CA THR D 126 -6.90 13.29 36.45
C THR D 126 -5.49 12.71 36.24
N ASN D 127 -4.63 13.44 35.53
CA ASN D 127 -3.23 12.98 35.34
C ASN D 127 -2.24 13.62 36.32
N SER D 128 -2.61 14.74 36.92
CA SER D 128 -1.64 15.52 37.70
C SER D 128 -2.36 16.30 38.79
N GLY D 129 -1.58 16.77 39.77
CA GLY D 129 -2.09 17.69 40.78
C GLY D 129 -2.74 18.93 40.16
N SER D 130 -2.11 19.48 39.13
CA SER D 130 -2.60 20.68 38.44
C SER D 130 -3.99 20.46 37.84
N GLU D 131 -4.13 19.39 37.07
CA GLU D 131 -5.43 19.00 36.54
C GLU D 131 -6.46 18.81 37.65
N ALA D 132 -6.02 18.17 38.74
CA ALA D 132 -6.89 17.85 39.85
C ALA D 132 -7.39 19.12 40.54
N ASN D 133 -6.50 20.09 40.78
CA ASN D 133 -6.92 21.39 41.33
C ASN D 133 -7.81 22.21 40.39
N ASP D 134 -7.39 22.29 39.14
CA ASP D 134 -8.21 22.84 38.08
C ASP D 134 -9.62 22.24 38.11
N THR D 135 -9.71 20.91 38.12
CA THR D 135 -10.99 20.17 38.16
C THR D 135 -11.81 20.52 39.38
N MET D 136 -11.16 20.55 40.55
CA MET D 136 -11.88 20.88 41.76
C MET D 136 -12.48 22.27 41.62
N VAL D 137 -11.76 23.20 41.03
CA VAL D 137 -12.33 24.52 40.84
C VAL D 137 -13.55 24.50 39.90
N LYS D 138 -13.41 23.83 38.76
CA LYS D 138 -14.53 23.65 37.86
C LYS D 138 -15.70 23.00 38.58
N MET D 139 -15.41 21.97 39.40
CA MET D 139 -16.46 21.28 40.14
C MET D 139 -17.24 22.20 41.09
N LEU D 140 -16.50 23.07 41.79
CA LEU D 140 -17.11 24.06 42.65
C LEU D 140 -18.02 25.04 41.87
N TRP D 141 -17.52 25.61 40.79
CA TRP D 141 -18.33 26.48 39.94
C TRP D 141 -19.56 25.79 39.44
N PHE D 142 -19.39 24.58 38.94
CA PHE D 142 -20.50 23.77 38.49
C PHE D 142 -21.53 23.60 39.61
N LEU D 143 -21.02 23.29 40.79
CA LEU D 143 -21.87 22.94 41.91
C LEU D 143 -22.72 24.11 42.37
N HIS D 144 -22.07 25.24 42.63
CA HIS D 144 -22.74 26.43 43.15
C HIS D 144 -23.76 27.02 42.22
N ALA D 145 -23.48 26.96 40.92
CA ALA D 145 -24.40 27.49 39.94
C ALA D 145 -25.66 26.64 39.92
N ALA D 146 -25.47 25.31 39.94
CA ALA D 146 -26.56 24.34 40.00
C ALA D 146 -27.38 24.52 41.25
N GLU D 147 -26.72 24.93 42.34
CA GLU D 147 -27.41 25.25 43.60
C GLU D 147 -27.96 26.68 43.65
N GLY D 148 -27.91 27.40 42.53
CA GLY D 148 -28.56 28.70 42.45
C GLY D 148 -27.68 29.93 42.64
N LYS D 149 -26.37 29.74 42.77
CA LYS D 149 -25.50 30.91 42.93
C LYS D 149 -24.35 30.90 41.93
N PRO D 150 -24.64 31.35 40.68
CA PRO D 150 -23.60 31.37 39.64
C PRO D 150 -22.48 32.36 39.98
N GLN D 151 -22.71 33.24 40.94
CA GLN D 151 -21.72 34.24 41.30
C GLN D 151 -20.71 33.73 42.33
N LYS D 152 -20.89 32.50 42.81
CA LYS D 152 -20.00 31.94 43.83
C LYS D 152 -18.77 31.28 43.20
N ARG D 153 -17.77 32.08 42.89
CA ARG D 153 -16.72 31.61 41.99
C ARG D 153 -15.31 31.83 42.53
N LYS D 154 -15.16 32.75 43.46
CA LYS D 154 -13.83 33.15 43.94
C LYS D 154 -13.19 32.01 44.73
N ILE D 155 -11.88 31.86 44.54
CA ILE D 155 -11.09 30.81 45.18
C ILE D 155 -10.06 31.44 46.11
N LEU D 156 -10.14 31.07 47.39
CA LEU D 156 -9.18 31.52 48.40
C LEU D 156 -8.02 30.54 48.58
N THR D 157 -6.81 31.05 48.48
CA THR D 157 -5.59 30.31 48.82
C THR D 157 -4.67 31.22 49.65
N ARG D 158 -3.43 30.82 49.88
CA ARG D 158 -2.51 31.62 50.69
C ARG D 158 -1.27 32.00 49.93
N TRP D 159 -0.73 33.19 50.23
CA TRP D 159 0.56 33.53 49.70
C TRP D 159 1.51 32.41 50.02
N ASN D 160 2.42 32.11 49.08
CA ASN D 160 3.40 31.00 49.17
C ASN D 160 2.87 29.61 48.79
N ALA D 161 1.56 29.48 48.62
CA ALA D 161 1.00 28.19 48.26
C ALA D 161 1.41 27.77 46.86
N TYR D 162 1.59 26.47 46.66
CA TYR D 162 1.74 25.91 45.32
C TYR D 162 0.61 24.96 44.98
N HIS D 163 0.02 25.14 43.82
CA HIS D 163 -1.14 24.35 43.47
C HIS D 163 -1.11 23.81 42.07
N GLY D 164 -0.23 24.36 41.24
CA GLY D 164 -0.13 23.86 39.87
C GLY D 164 0.26 24.89 38.83
N VAL D 165 0.24 24.44 37.57
CA VAL D 165 0.72 25.27 36.46
C VAL D 165 -0.30 25.49 35.31
N THR D 166 -1.52 25.00 35.47
CA THR D 166 -2.55 25.45 34.55
C THR D 166 -2.87 26.89 34.91
N ALA D 167 -3.56 27.60 34.00
CA ALA D 167 -3.91 29.00 34.25
C ALA D 167 -4.62 29.17 35.59
N VAL D 168 -5.57 28.29 35.88
CA VAL D 168 -6.29 28.30 37.15
C VAL D 168 -5.38 27.96 38.33
N SER D 169 -4.71 26.80 38.27
CA SER D 169 -3.87 26.39 39.40
C SER D 169 -2.63 27.27 39.61
N ALA D 170 -2.13 27.90 38.55
CA ALA D 170 -1.11 28.93 38.74
C ALA D 170 -1.69 30.16 39.46
N SER D 171 -2.93 30.55 39.12
CA SER D 171 -3.62 31.63 39.82
C SER D 171 -3.79 31.34 41.31
N MET D 172 -4.05 30.08 41.65
CA MET D 172 -4.14 29.68 43.06
C MET D 172 -2.77 29.67 43.75
N THR D 173 -1.72 29.45 42.97
CA THR D 173 -0.34 29.49 43.44
C THR D 173 0.08 30.90 43.81
N GLY D 174 0.54 31.08 45.04
CA GLY D 174 0.91 32.40 45.55
C GLY D 174 2.40 32.66 45.46
N LYS D 175 2.91 32.74 44.23
CA LYS D 175 4.32 32.99 43.99
C LYS D 175 4.51 34.12 42.98
N PRO D 176 5.52 35.00 43.19
CA PRO D 176 5.68 36.19 42.36
C PRO D 176 5.96 35.93 40.87
N TYR D 177 6.44 34.75 40.50
CA TYR D 177 6.85 34.50 39.11
C TYR D 177 5.68 34.39 38.11
N ASN D 178 4.49 34.09 38.61
CA ASN D 178 3.33 33.94 37.74
C ASN D 178 2.90 35.24 37.04
N SER D 179 3.41 36.37 37.52
CA SER D 179 3.09 37.64 36.89
C SER D 179 3.58 37.73 35.43
N VAL D 180 4.55 36.90 35.05
CA VAL D 180 5.02 36.84 33.65
C VAL D 180 3.93 36.30 32.71
N PHE D 181 2.91 35.66 33.28
CA PHE D 181 1.78 35.19 32.49
C PHE D 181 0.58 36.13 32.56
N GLY D 182 0.74 37.24 33.27
CA GLY D 182 -0.37 38.14 33.51
C GLY D 182 -1.42 37.42 34.32
N LEU D 183 -0.97 36.55 35.21
CA LEU D 183 -1.82 35.86 36.17
C LEU D 183 -1.50 36.48 37.53
N PRO D 184 -2.35 36.23 38.55
CA PRO D 184 -3.60 35.48 38.61
C PRO D 184 -4.76 36.08 37.78
N LEU D 185 -5.66 35.21 37.28
CA LEU D 185 -6.94 35.61 36.71
C LEU D 185 -7.80 36.26 37.82
N PRO D 186 -8.86 37.04 37.45
CA PRO D 186 -9.73 37.56 38.51
C PRO D 186 -10.28 36.40 39.33
N GLY D 187 -10.69 36.65 40.56
CA GLY D 187 -11.36 35.63 41.38
C GLY D 187 -10.46 34.78 42.27
N PHE D 188 -9.17 35.11 42.30
CA PHE D 188 -8.21 34.37 43.11
C PHE D 188 -7.54 35.32 44.10
N ILE D 189 -7.64 34.95 45.37
CA ILE D 189 -7.17 35.79 46.45
C ILE D 189 -6.12 35.05 47.26
N HIS D 190 -5.08 35.78 47.64
CA HIS D 190 -4.06 35.23 48.50
C HIS D 190 -4.09 35.84 49.87
N LEU D 191 -4.52 35.04 50.83
CA LEU D 191 -4.49 35.45 52.22
C LEU D 191 -3.08 35.24 52.74
N THR D 192 -2.86 35.64 53.98
CA THR D 192 -1.53 35.55 54.58
C THR D 192 -1.10 34.08 54.86
N CYS D 193 0.10 33.77 54.40
CA CYS D 193 0.80 32.54 54.66
C CYS D 193 1.05 32.39 56.17
N PRO D 194 0.65 31.25 56.77
CA PRO D 194 0.78 31.06 58.24
C PRO D 194 2.20 30.67 58.74
N HIS D 195 3.23 31.26 58.15
CA HIS D 195 4.61 31.14 58.60
C HIS D 195 4.85 32.16 59.68
N TYR D 196 4.82 31.71 60.93
CA TYR D 196 4.94 32.60 62.08
C TYR D 196 6.26 33.38 62.06
N TRP D 197 7.32 32.70 61.67
CA TRP D 197 8.66 33.24 61.70
C TRP D 197 8.86 34.36 60.72
N ARG D 198 8.32 34.23 59.50
CA ARG D 198 8.46 35.29 58.49
C ARG D 198 7.45 36.44 58.65
N TYR D 199 6.21 36.12 59.02
CA TYR D 199 5.14 37.13 59.04
C TYR D 199 4.57 37.48 60.41
N GLY D 200 5.17 36.95 61.46
CA GLY D 200 4.83 37.39 62.81
C GLY D 200 5.15 38.87 62.91
N GLU D 201 4.26 39.64 63.54
CA GLU D 201 4.53 41.05 63.80
C GLU D 201 5.25 41.19 65.12
N GLU D 202 6.24 42.07 65.16
CA GLU D 202 7.03 42.28 66.36
C GLU D 202 6.18 42.25 67.64
N GLY D 203 6.63 41.49 68.64
CA GLY D 203 5.93 41.41 69.93
C GLY D 203 4.58 40.69 69.90
N GLU D 204 4.32 39.93 68.85
CA GLU D 204 3.07 39.20 68.70
C GLU D 204 3.29 37.72 68.96
N THR D 205 2.49 37.16 69.87
CA THR D 205 2.59 35.75 70.22
C THR D 205 2.06 34.85 69.11
N GLU D 206 2.54 33.62 69.05
CA GLU D 206 2.09 32.67 68.02
C GLU D 206 0.56 32.59 67.97
N ALA D 207 -0.07 32.50 69.14
CA ALA D 207 -1.54 32.50 69.27
C ALA D 207 -2.19 33.79 68.71
N GLN D 208 -1.62 34.96 69.01
CA GLN D 208 -2.09 36.22 68.41
C GLN D 208 -1.98 36.21 66.89
N PHE D 209 -0.88 35.65 66.36
CA PHE D 209 -0.66 35.52 64.93
C PHE D 209 -1.78 34.72 64.25
N VAL D 210 -2.05 33.53 64.81
CA VAL D 210 -3.16 32.71 64.33
C VAL D 210 -4.50 33.47 64.40
N ALA D 211 -4.76 34.13 65.53
CA ALA D 211 -5.99 34.92 65.73
C ALA D 211 -6.14 36.08 64.74
N ARG D 212 -5.02 36.70 64.38
CA ARG D 212 -4.96 37.69 63.31
C ARG D 212 -5.32 37.09 61.95
N LEU D 213 -4.82 35.88 61.68
CA LEU D 213 -5.15 35.20 60.42
C LEU D 213 -6.62 34.80 60.33
N ALA D 214 -7.19 34.36 61.46
CA ALA D 214 -8.62 34.08 61.53
C ALA D 214 -9.45 35.36 61.32
N ARG D 215 -9.02 36.46 61.93
CA ARG D 215 -9.65 37.75 61.73
C ARG D 215 -9.57 38.15 60.24
N GLU D 216 -8.40 38.04 59.63
CA GLU D 216 -8.21 38.39 58.22
C GLU D 216 -9.15 37.60 57.30
N LEU D 217 -9.26 36.29 57.57
CA LEU D 217 -10.14 35.42 56.80
C LEU D 217 -11.60 35.88 56.84
N GLU D 218 -12.13 36.04 58.06
CA GLU D 218 -13.48 36.53 58.27
C GLU D 218 -13.71 37.92 57.64
N ASP D 219 -12.70 38.78 57.72
CA ASP D 219 -12.73 40.12 57.11
C ASP D 219 -12.81 40.04 55.60
N THR D 220 -12.00 39.15 55.01
CA THR D 220 -12.01 38.90 53.57
C THR D 220 -13.37 38.37 53.10
N ILE D 221 -13.92 37.39 53.82
CA ILE D 221 -15.25 36.87 53.52
C ILE D 221 -16.30 37.98 53.58
N THR D 222 -16.36 38.66 54.72
CA THR D 222 -17.23 39.83 54.93
C THR D 222 -17.18 40.87 53.78
N ARG D 223 -15.96 41.27 53.40
CA ARG D 223 -15.74 42.25 52.35
C ARG D 223 -16.18 41.76 50.97
N GLU D 224 -15.94 40.51 50.67
CA GLU D 224 -16.28 39.96 49.34
C GLU D 224 -17.74 39.56 49.26
N GLY D 225 -18.26 38.99 50.36
CA GLY D 225 -19.57 38.35 50.37
C GLY D 225 -19.37 36.86 50.21
N ALA D 226 -19.92 36.08 51.13
CA ALA D 226 -19.80 34.61 51.09
C ALA D 226 -20.46 34.00 49.84
N ASP D 227 -21.45 34.71 49.31
CA ASP D 227 -22.14 34.30 48.09
C ASP D 227 -21.32 34.45 46.82
N THR D 228 -20.12 35.03 46.97
CA THR D 228 -19.19 35.15 45.83
C THR D 228 -17.95 34.24 45.95
N ILE D 229 -17.81 33.53 47.07
CA ILE D 229 -16.66 32.65 47.31
C ILE D 229 -17.03 31.17 47.18
N ALA D 230 -16.31 30.50 46.28
CA ALA D 230 -16.56 29.11 45.93
C ALA D 230 -15.85 28.09 46.81
N GLY D 231 -14.68 28.46 47.32
CA GLY D 231 -13.85 27.49 48.00
C GLY D 231 -12.58 28.05 48.57
N PHE D 232 -11.92 27.22 49.38
CA PHE D 232 -10.70 27.55 50.06
C PHE D 232 -9.86 26.31 49.95
N PHE D 233 -8.69 26.42 49.36
CA PHE D 233 -7.77 25.30 49.23
C PHE D 233 -6.58 25.58 50.13
N ALA D 234 -6.00 24.51 50.69
CA ALA D 234 -4.77 24.61 51.45
C ALA D 234 -3.95 23.31 51.45
N GLU D 235 -2.65 23.41 51.14
CA GLU D 235 -1.69 22.39 51.51
C GLU D 235 -1.63 22.36 53.03
N PRO D 236 -1.71 21.17 53.65
CA PRO D 236 -1.56 21.20 55.11
C PRO D 236 -0.18 21.79 55.51
N VAL D 237 0.88 21.29 54.87
CA VAL D 237 2.21 21.85 55.00
C VAL D 237 2.62 22.27 53.60
N MET D 238 2.90 23.55 53.42
CA MET D 238 3.25 24.07 52.10
C MET D 238 4.57 23.44 51.64
N GLY D 239 4.54 22.76 50.51
CA GLY D 239 5.69 22.00 50.04
C GLY D 239 6.61 22.80 49.16
N ALA D 240 6.21 23.01 47.90
CA ALA D 240 7.05 23.71 46.93
C ALA D 240 7.27 25.19 47.28
N GLY D 241 6.59 25.66 48.32
CA GLY D 241 6.81 27.01 48.85
C GLY D 241 7.94 27.08 49.87
N GLY D 242 8.62 25.95 50.07
CA GLY D 242 9.77 25.91 50.97
C GLY D 242 9.51 25.31 52.35
N VAL D 243 8.69 24.24 52.39
CA VAL D 243 8.37 23.47 53.60
C VAL D 243 7.93 24.37 54.74
N ILE D 244 6.65 24.72 54.75
CA ILE D 244 6.11 25.61 55.75
C ILE D 244 4.99 24.96 56.56
N PRO D 245 5.35 24.39 57.72
CA PRO D 245 4.35 23.96 58.68
C PRO D 245 3.48 25.13 59.17
N PRO D 246 2.16 24.90 59.32
CA PRO D 246 1.26 25.96 59.77
C PRO D 246 1.48 26.33 61.25
N ALA D 247 1.33 27.61 61.59
CA ALA D 247 1.43 28.02 62.99
C ALA D 247 0.40 27.27 63.84
N LYS D 248 0.78 26.91 65.06
CA LYS D 248 -0.05 26.07 65.92
C LYS D 248 -1.44 26.63 66.05
N GLY D 249 -2.43 25.76 65.89
CA GLY D 249 -3.83 26.14 66.02
C GLY D 249 -4.49 26.65 64.75
N TYR D 250 -3.69 26.92 63.71
CA TYR D 250 -4.19 27.53 62.46
C TYR D 250 -5.51 26.91 61.92
N PHE D 251 -5.46 25.62 61.59
CA PHE D 251 -6.62 24.97 60.99
C PHE D 251 -7.81 24.88 61.93
N GLN D 252 -7.53 24.87 63.25
CA GLN D 252 -8.56 24.81 64.28
C GLN D 252 -9.33 26.13 64.37
N ALA D 253 -8.65 27.22 64.00
CA ALA D 253 -9.24 28.54 63.99
C ALA D 253 -9.90 28.84 62.63
N ILE D 254 -9.37 28.24 61.57
CA ILE D 254 -9.80 28.51 60.19
C ILE D 254 -11.08 27.74 59.82
N LEU D 255 -11.10 26.44 60.08
CA LEU D 255 -12.21 25.60 59.67
C LEU D 255 -13.58 26.09 60.14
N PRO D 256 -13.77 26.36 61.45
CA PRO D 256 -15.10 26.78 61.87
C PRO D 256 -15.60 27.99 61.09
N ILE D 257 -14.71 28.92 60.78
CA ILE D 257 -15.07 30.11 60.02
C ILE D 257 -15.54 29.73 58.62
N LEU D 258 -14.76 28.89 57.94
CA LEU D 258 -15.11 28.39 56.61
C LEU D 258 -16.47 27.70 56.60
N ARG D 259 -16.69 26.82 57.58
CA ARG D 259 -17.98 26.16 57.76
C ARG D 259 -19.12 27.12 58.04
N LYS D 260 -18.87 28.16 58.82
CA LYS D 260 -19.91 29.14 59.14
C LYS D 260 -20.45 29.86 57.90
N TYR D 261 -19.61 30.05 56.89
CA TYR D 261 -20.01 30.84 55.74
C TYR D 261 -20.40 30.04 54.51
N ASP D 262 -20.42 28.71 54.65
CA ASP D 262 -20.68 27.79 53.55
C ASP D 262 -19.61 27.92 52.46
N ILE D 263 -18.36 27.83 52.87
CA ILE D 263 -17.25 27.81 51.93
C ILE D 263 -16.53 26.48 52.05
N PRO D 264 -16.67 25.61 51.03
CA PRO D 264 -16.05 24.29 51.03
C PRO D 264 -14.56 24.40 51.25
N MET D 265 -14.02 23.45 52.00
CA MET D 265 -12.60 23.43 52.33
C MET D 265 -11.93 22.25 51.61
N ILE D 266 -10.80 22.50 50.94
CA ILE D 266 -10.11 21.44 50.21
C ILE D 266 -8.66 21.27 50.67
N SER D 267 -8.33 20.08 51.14
CA SER D 267 -6.95 19.80 51.52
C SER D 267 -6.17 19.38 50.29
N ASP D 268 -5.21 20.22 49.88
CA ASP D 268 -4.30 19.81 48.82
C ASP D 268 -3.22 18.92 49.41
N GLU D 269 -3.41 17.62 49.24
CA GLU D 269 -2.53 16.62 49.80
C GLU D 269 -1.61 16.00 48.73
N VAL D 270 -1.39 16.74 47.65
CA VAL D 270 -0.50 16.29 46.58
C VAL D 270 0.91 15.90 47.09
N ILE D 271 1.43 16.59 48.11
CA ILE D 271 2.72 16.23 48.75
C ILE D 271 2.49 15.43 50.03
N CYS D 272 1.60 15.93 50.88
CA CYS D 272 1.35 15.38 52.21
C CYS D 272 0.59 14.04 52.21
N GLY D 273 0.10 13.60 51.06
CA GLY D 273 -0.65 12.37 50.97
C GLY D 273 0.29 11.20 51.09
N PHE D 274 -0.01 10.30 52.02
CA PHE D 274 0.70 9.03 52.14
C PHE D 274 2.10 9.10 52.77
N GLY D 275 2.16 9.64 53.99
CA GLY D 275 3.33 9.41 54.83
C GLY D 275 4.21 10.57 55.22
N ARG D 276 4.48 11.49 54.29
CA ARG D 276 5.58 12.45 54.47
C ARG D 276 5.49 13.31 55.72
N THR D 277 4.28 13.62 56.19
CA THR D 277 4.14 14.33 57.46
C THR D 277 4.05 13.40 58.66
N GLY D 278 4.17 12.10 58.44
CA GLY D 278 4.09 11.13 59.52
C GLY D 278 2.73 10.47 59.70
N ASN D 279 1.75 10.85 58.88
CA ASN D 279 0.44 10.20 58.83
C ASN D 279 -0.04 10.01 57.40
N THR D 280 -1.06 9.19 57.22
CA THR D 280 -1.57 8.92 55.90
C THR D 280 -1.92 10.24 55.18
N TRP D 281 -2.40 11.23 55.93
CA TRP D 281 -2.77 12.52 55.36
C TRP D 281 -2.32 13.69 56.19
N GLY D 282 -2.01 14.80 55.53
CA GLY D 282 -1.71 16.07 56.18
C GLY D 282 -2.81 16.52 57.13
N CYS D 283 -4.07 16.39 56.70
CA CYS D 283 -5.18 16.75 57.57
C CYS D 283 -5.30 15.88 58.83
N LEU D 284 -4.79 14.65 58.79
CA LEU D 284 -4.72 13.83 59.99
C LEU D 284 -3.67 14.39 60.94
N THR D 285 -2.53 14.81 60.39
CA THR D 285 -1.42 15.29 61.20
C THR D 285 -1.80 16.59 61.90
N TYR D 286 -2.62 17.43 61.25
CA TYR D 286 -3.06 18.68 61.85
C TYR D 286 -4.52 18.66 62.33
N ASP D 287 -5.06 17.44 62.47
CA ASP D 287 -6.40 17.19 63.00
C ASP D 287 -7.49 18.19 62.56
N PHE D 288 -7.68 18.33 61.25
CA PHE D 288 -8.87 18.97 60.73
C PHE D 288 -9.44 18.03 59.70
N MET D 289 -10.73 18.19 59.43
CA MET D 289 -11.43 17.40 58.45
C MET D 289 -11.89 18.28 57.30
N PRO D 290 -11.35 18.05 56.09
CA PRO D 290 -11.73 18.82 54.90
C PRO D 290 -12.98 18.29 54.21
N ASP D 291 -13.44 19.00 53.20
CA ASP D 291 -14.59 18.55 52.47
C ASP D 291 -14.17 17.72 51.27
N ALA D 292 -12.94 17.93 50.80
CA ALA D 292 -12.39 17.15 49.70
C ALA D 292 -10.89 17.10 49.82
N ILE D 293 -10.29 16.11 49.15
CA ILE D 293 -8.86 15.96 49.15
C ILE D 293 -8.36 15.91 47.74
N ILE D 294 -7.24 16.57 47.47
CA ILE D 294 -6.52 16.43 46.19
C ILE D 294 -5.29 15.59 46.43
N SER D 295 -5.14 14.51 45.67
CA SER D 295 -4.01 13.58 45.81
C SER D 295 -3.29 13.37 44.48
N SER D 296 -2.00 12.98 44.55
CA SER D 296 -1.15 12.70 43.39
C SER D 296 0.27 12.31 43.83
N ASN D 298 2.94 10.89 45.20
CA ASN D 298 3.11 9.69 46.01
C ASN D 298 2.13 8.56 45.68
N LEU D 299 0.94 8.96 45.25
CA LEU D 299 -0.11 8.05 44.86
C LEU D 299 0.40 6.89 44.01
N THR D 300 1.33 7.16 43.10
CA THR D 300 1.89 6.13 42.23
C THR D 300 3.39 5.98 42.43
N ALA D 301 3.92 6.59 43.49
CA ALA D 301 5.35 6.53 43.79
C ALA D 301 6.20 6.98 42.60
N GLY D 302 5.62 7.83 41.75
CA GLY D 302 6.35 8.43 40.62
C GLY D 302 6.48 7.55 39.40
N PHE D 303 5.80 6.41 39.41
CA PHE D 303 5.83 5.45 38.30
C PHE D 303 4.79 5.72 37.22
N PHE D 304 3.82 6.60 37.50
CA PHE D 304 2.76 6.89 36.54
C PHE D 304 2.13 8.27 36.82
N PRO D 305 1.86 9.05 35.76
CA PRO D 305 1.16 10.30 35.98
C PRO D 305 -0.27 9.98 36.39
N MET D 306 -0.61 10.31 37.63
CA MET D 306 -1.95 10.06 38.13
C MET D 306 -2.31 11.10 39.18
N GLY D 307 -3.54 11.61 39.10
CA GLY D 307 -4.08 12.56 40.06
C GLY D 307 -5.48 12.13 40.44
N ALA D 308 -5.98 12.63 41.56
CA ALA D 308 -7.28 12.23 42.06
C ALA D 308 -7.90 13.29 42.93
N VAL D 309 -9.20 13.49 42.71
CA VAL D 309 -10.05 14.31 43.59
C VAL D 309 -10.92 13.35 44.40
N ILE D 310 -10.70 13.29 45.71
CA ILE D 310 -11.52 12.47 46.57
C ILE D 310 -12.52 13.37 47.26
N LEU D 311 -13.79 13.22 46.88
CA LEU D 311 -14.88 14.00 47.43
C LEU D 311 -15.42 13.37 48.70
N GLY D 312 -15.60 14.19 49.73
CA GLY D 312 -16.23 13.72 50.97
C GLY D 312 -17.73 13.47 50.82
N PRO D 313 -18.37 12.99 51.90
CA PRO D 313 -19.80 12.62 51.83
C PRO D 313 -20.73 13.74 51.35
N ASP D 314 -20.55 14.96 51.84
CA ASP D 314 -21.46 16.05 51.50
C ASP D 314 -21.25 16.59 50.09
N LEU D 315 -20.00 16.86 49.75
CA LEU D 315 -19.70 17.25 48.39
C LEU D 315 -20.03 16.16 47.35
N ALA D 316 -19.81 14.89 47.72
CA ALA D 316 -20.14 13.77 46.85
C ALA D 316 -21.63 13.75 46.51
N LYS D 317 -22.45 13.93 47.53
CA LYS D 317 -23.90 13.89 47.38
C LYS D 317 -24.36 15.06 46.47
N ARG D 318 -23.82 16.24 46.71
CA ARG D 318 -24.24 17.43 46.02
C ARG D 318 -23.76 17.48 44.55
N VAL D 319 -22.54 17.04 44.28
CA VAL D 319 -22.06 16.96 42.92
C VAL D 319 -22.84 15.91 42.13
N GLU D 320 -23.03 14.73 42.73
CA GLU D 320 -23.86 13.68 42.14
C GLU D 320 -25.26 14.21 41.82
N ALA D 321 -25.87 14.92 42.77
CA ALA D 321 -27.23 15.43 42.58
C ALA D 321 -27.31 16.39 41.38
N ALA D 322 -26.36 17.32 41.32
CA ALA D 322 -26.25 18.28 40.23
C ALA D 322 -25.88 17.61 38.91
N VAL D 323 -24.99 16.62 38.94
CA VAL D 323 -24.71 15.81 37.73
C VAL D 323 -25.98 15.12 37.21
N GLU D 324 -26.75 14.56 38.15
CA GLU D 324 -28.00 13.86 37.84
C GLU D 324 -29.04 14.76 37.18
N ALA D 325 -29.13 16.02 37.62
CA ALA D 325 -30.08 16.98 37.04
C ALA D 325 -29.83 17.28 35.55
N ILE D 326 -28.57 17.19 35.10
CA ILE D 326 -28.27 17.41 33.67
C ILE D 326 -27.83 16.15 32.95
N GLU D 327 -27.70 15.06 33.71
CA GLU D 327 -27.61 13.69 33.17
C GLU D 327 -26.23 13.29 32.68
N GLU D 328 -25.31 14.25 32.67
CA GLU D 328 -23.95 14.00 32.21
C GLU D 328 -23.01 15.11 32.68
N PHE D 329 -21.93 14.73 33.35
CA PHE D 329 -20.90 15.68 33.83
C PHE D 329 -19.86 15.85 32.71
N PRO D 330 -19.88 17.03 32.03
CA PRO D 330 -19.12 17.16 30.79
C PRO D 330 -17.66 17.58 31.04
N HIS D 331 -16.88 16.66 31.59
CA HIS D 331 -15.53 16.92 32.01
C HIS D 331 -14.80 15.62 32.18
N GLY D 332 -13.53 15.56 31.77
CA GLY D 332 -12.71 14.36 31.92
C GLY D 332 -11.44 14.37 31.06
N PHE D 333 -10.37 13.76 31.56
CA PHE D 333 -9.15 13.64 30.77
C PHE D 333 -9.05 12.25 30.12
N THR D 334 -8.56 12.24 28.88
CA THR D 334 -8.45 11.03 28.05
C THR D 334 -7.92 9.79 28.78
N ALA D 335 -6.89 9.96 29.60
CA ALA D 335 -6.25 8.83 30.27
C ALA D 335 -6.53 8.78 31.76
N SER D 336 -7.51 9.56 32.23
CA SER D 336 -7.82 9.49 33.66
C SER D 336 -8.53 8.17 34.00
N GLY D 337 -8.01 7.46 35.00
CA GLY D 337 -8.53 6.15 35.40
C GLY D 337 -7.91 5.01 34.63
N HIS D 338 -6.80 5.31 33.95
CA HIS D 338 -5.97 4.35 33.23
C HIS D 338 -5.64 3.13 34.06
N PRO D 339 -5.87 1.93 33.48
CA PRO D 339 -5.71 0.68 34.20
C PRO D 339 -4.31 0.47 34.80
N VAL D 340 -3.27 0.81 34.02
CA VAL D 340 -1.88 0.70 34.48
C VAL D 340 -1.62 1.61 35.69
N GLY D 341 -1.97 2.88 35.56
CA GLY D 341 -1.86 3.86 36.63
C GLY D 341 -2.59 3.41 37.87
N CYS D 342 -3.78 2.85 37.70
CA CYS D 342 -4.59 2.41 38.82
C CYS D 342 -3.97 1.20 39.54
N ALA D 343 -3.40 0.28 38.76
CA ALA D 343 -2.75 -0.88 39.36
C ALA D 343 -1.44 -0.50 40.06
N ILE D 344 -0.75 0.52 39.54
CA ILE D 344 0.51 0.93 40.15
C ILE D 344 0.20 1.66 41.44
N ALA D 345 -0.88 2.45 41.42
CA ALA D 345 -1.39 3.12 42.60
C ALA D 345 -1.82 2.15 43.71
N LEU D 346 -2.58 1.11 43.35
CA LEU D 346 -2.99 0.11 44.32
C LEU D 346 -1.75 -0.41 45.03
N LYS D 347 -0.73 -0.74 44.25
CA LYS D 347 0.53 -1.28 44.78
C LYS D 347 1.34 -0.27 45.62
N ALA D 348 1.42 0.98 45.15
CA ALA D 348 2.15 2.01 45.90
C ALA D 348 1.50 2.17 47.26
N ILE D 349 0.19 2.39 47.26
CA ILE D 349 -0.58 2.50 48.51
C ILE D 349 -0.24 1.34 49.45
N ASP D 350 -0.39 0.11 48.97
CA ASP D 350 -0.06 -1.07 49.74
C ASP D 350 1.38 -1.04 50.29
N VAL D 351 2.35 -0.72 49.43
CA VAL D 351 3.76 -0.64 49.82
C VAL D 351 3.97 0.37 50.96
N VAL D 352 3.59 1.63 50.73
CA VAL D 352 3.80 2.68 51.70
C VAL D 352 3.12 2.37 53.04
N MET D 353 1.89 1.88 53.00
CA MET D 353 1.14 1.65 54.23
C MET D 353 1.41 0.31 54.94
N ASN D 354 1.76 -0.73 54.19
CA ASN D 354 1.84 -2.09 54.75
C ASN D 354 3.16 -2.81 54.51
N GLU D 355 4.15 -2.11 54.00
CA GLU D 355 5.47 -2.71 53.86
C GLU D 355 6.56 -1.82 54.50
N GLY D 356 6.14 -1.03 55.48
CA GLY D 356 7.08 -0.30 56.33
C GLY D 356 7.43 1.15 55.99
N LEU D 357 7.20 1.57 54.75
CA LEU D 357 7.71 2.87 54.32
C LEU D 357 7.18 4.04 55.12
N ALA D 358 5.85 4.13 55.32
CA ALA D 358 5.27 5.23 56.09
C ALA D 358 5.77 5.22 57.54
N GLU D 359 5.84 4.02 58.12
CA GLU D 359 6.35 3.84 59.48
C GLU D 359 7.83 4.22 59.58
N ASN D 360 8.58 3.94 58.53
CA ASN D 360 9.97 4.35 58.46
C ASN D 360 10.11 5.87 58.64
N VAL D 361 9.18 6.63 58.05
CA VAL D 361 9.16 8.08 58.19
C VAL D 361 8.97 8.44 59.65
N ARG D 362 7.92 7.89 60.27
CA ARG D 362 7.65 8.14 61.68
C ARG D 362 8.83 7.77 62.59
N ARG D 363 9.58 6.74 62.18
CA ARG D 363 10.70 6.22 62.95
C ARG D 363 11.97 7.10 62.91
N LEU D 364 12.21 7.77 61.77
CA LEU D 364 13.45 8.54 61.58
C LEU D 364 13.32 10.07 61.70
N ALA D 365 12.08 10.55 61.75
CA ALA D 365 11.80 11.97 61.94
C ALA D 365 12.57 12.63 63.12
N PRO D 366 12.62 11.97 64.31
CA PRO D 366 13.39 12.59 65.40
C PRO D 366 14.87 12.70 65.09
N ARG D 367 15.41 11.72 64.38
CA ARG D 367 16.82 11.72 64.01
C ARG D 367 17.06 12.79 62.94
N PHE D 368 16.17 12.83 61.95
CA PHE D 368 16.15 13.85 60.90
C PHE D 368 16.16 15.26 61.52
N GLU D 369 15.28 15.46 62.51
CA GLU D 369 15.20 16.72 63.26
C GLU D 369 16.50 17.05 63.96
N ALA D 370 17.15 16.03 64.50
CA ALA D 370 18.35 16.21 65.30
C ALA D 370 19.52 16.69 64.44
N GLY D 371 19.62 16.17 63.22
CA GLY D 371 20.68 16.57 62.30
C GLY D 371 20.54 18.01 61.89
N LEU D 372 19.30 18.43 61.68
CA LEU D 372 18.98 19.78 61.25
C LEU D 372 18.99 20.78 62.40
N LYS D 373 18.93 20.27 63.63
CA LYS D 373 19.10 21.14 64.79
C LYS D 373 20.58 21.53 64.94
N ARG D 374 21.48 20.56 64.74
CA ARG D 374 22.92 20.82 64.78
C ARG D 374 23.32 21.78 63.66
N ILE D 375 22.85 21.52 62.44
CA ILE D 375 23.17 22.36 61.29
C ILE D 375 22.69 23.79 61.49
N ALA D 376 21.50 23.93 62.09
CA ALA D 376 20.91 25.24 62.37
C ALA D 376 21.69 26.12 63.36
N ASP D 377 22.68 25.53 64.02
CA ASP D 377 23.59 26.22 64.94
C ASP D 377 24.41 27.32 64.29
N ARG D 378 24.71 27.17 63.00
CA ARG D 378 25.56 28.10 62.25
C ARG D 378 25.03 29.53 62.29
N PRO D 379 25.94 30.53 62.14
CA PRO D 379 25.48 31.93 62.12
C PRO D 379 24.47 32.20 60.99
N ASN D 380 24.57 31.45 59.89
CA ASN D 380 23.78 31.75 58.66
C ASN D 380 22.49 30.97 58.40
N ILE D 381 22.20 29.97 59.22
CA ILE D 381 20.90 29.32 59.17
C ILE D 381 20.01 30.05 60.17
N GLY D 382 18.95 30.66 59.67
CA GLY D 382 18.06 31.46 60.51
C GLY D 382 17.02 30.62 61.23
N GLU D 383 16.72 29.46 60.66
CA GLU D 383 15.62 28.58 61.10
C GLU D 383 15.74 27.22 60.43
N TYR D 384 15.33 26.18 61.14
CA TYR D 384 14.99 24.90 60.48
C TYR D 384 13.50 24.69 60.72
N ARG D 385 12.83 24.07 59.75
CA ARG D 385 11.39 23.84 59.85
C ARG D 385 10.99 22.60 59.08
N GLY D 386 9.85 22.02 59.48
CA GLY D 386 9.30 20.85 58.83
C GLY D 386 8.67 19.90 59.80
N ILE D 387 8.52 18.65 59.37
CA ILE D 387 7.91 17.59 60.16
C ILE D 387 8.17 16.34 59.34
N GLY D 388 8.16 15.17 59.98
CA GLY D 388 8.37 13.91 59.27
C GLY D 388 9.55 13.91 58.32
N PHE D 389 9.27 13.81 57.02
CA PHE D 389 10.31 13.79 55.97
C PHE D 389 10.30 15.00 55.03
N MET D 390 9.76 16.11 55.53
CA MET D 390 9.81 17.42 54.89
C MET D 390 10.55 18.38 55.79
N TRP D 391 11.68 18.91 55.30
CA TRP D 391 12.47 19.84 56.10
C TRP D 391 13.08 20.91 55.25
N ALA D 392 13.19 22.10 55.81
CA ALA D 392 13.84 23.23 55.12
C ALA D 392 14.77 23.99 56.05
N LEU D 393 15.86 24.49 55.50
CA LEU D 393 16.78 25.35 56.21
C LEU D 393 16.79 26.69 55.54
N GLU D 394 16.35 27.73 56.26
CA GLU D 394 16.37 29.10 55.75
C GLU D 394 17.75 29.71 55.96
N ALA D 395 18.34 30.22 54.88
CA ALA D 395 19.64 30.86 54.94
C ALA D 395 19.51 32.37 55.13
N VAL D 396 20.09 32.90 56.22
CA VAL D 396 20.14 34.36 56.46
C VAL D 396 21.57 34.91 56.44
N LYS D 397 21.72 36.17 56.04
CA LYS D 397 23.01 36.87 56.13
C LYS D 397 23.33 37.23 57.57
N ASP D 398 22.30 37.66 58.30
CA ASP D 398 22.46 38.04 59.69
C ASP D 398 21.26 37.55 60.50
N LYS D 399 21.55 36.72 61.50
CA LYS D 399 20.50 36.03 62.26
C LYS D 399 19.63 36.95 63.14
N PRO D 400 20.25 37.70 64.10
CA PRO D 400 19.42 38.53 64.98
C PRO D 400 18.31 39.33 64.28
N THR D 401 18.58 39.84 63.08
CA THR D 401 17.62 40.68 62.37
C THR D 401 16.83 39.91 61.30
N LYS D 402 17.19 38.65 61.09
CA LYS D 402 16.55 37.80 60.08
C LYS D 402 16.78 38.27 58.65
N THR D 403 17.78 39.11 58.43
CA THR D 403 18.01 39.68 57.11
C THR D 403 18.59 38.64 56.15
N PRO D 404 17.94 38.45 54.99
CA PRO D 404 18.37 37.52 53.94
C PRO D 404 19.72 37.90 53.34
N PHE D 405 20.19 37.14 52.36
CA PHE D 405 21.32 37.60 51.57
C PHE D 405 20.77 38.38 50.38
N ASP D 406 21.64 39.18 49.76
CA ASP D 406 21.35 39.77 48.46
C ASP D 406 20.84 38.68 47.54
N ALA D 407 19.79 39.00 46.78
CA ALA D 407 19.26 38.10 45.76
C ALA D 407 20.31 37.84 44.68
N ASN D 408 21.02 38.90 44.28
CA ASN D 408 22.06 38.82 43.25
C ASN D 408 23.23 37.88 43.57
N LEU D 409 23.33 37.43 44.82
CA LEU D 409 24.40 36.52 45.21
C LEU D 409 24.07 35.04 44.95
N SER D 410 22.79 34.79 44.63
CA SER D 410 22.31 33.45 44.24
C SER D 410 22.75 32.38 45.23
N VAL D 411 22.52 32.66 46.51
CA VAL D 411 23.04 31.85 47.63
C VAL D 411 22.61 30.38 47.57
N SER D 412 21.30 30.14 47.49
CA SER D 412 20.79 28.77 47.43
C SER D 412 21.15 28.04 46.12
N GLU D 413 21.15 28.78 45.01
CA GLU D 413 21.63 28.30 43.72
C GLU D 413 23.09 27.80 43.79
N ARG D 414 23.90 28.45 44.62
CA ARG D 414 25.28 28.04 44.86
C ARG D 414 25.35 26.81 45.75
N ILE D 415 24.47 26.74 46.75
CA ILE D 415 24.40 25.58 47.65
C ILE D 415 23.99 24.33 46.89
N ALA D 416 22.90 24.44 46.13
CA ALA D 416 22.41 23.35 45.29
C ALA D 416 23.49 22.87 44.34
N ASN D 417 24.26 23.81 43.78
CA ASN D 417 25.25 23.46 42.78
C ASN D 417 26.46 22.69 43.30
N THR D 418 27.07 23.17 44.39
CA THR D 418 28.19 22.42 44.95
C THR D 418 27.69 21.15 45.64
N CYS D 419 26.40 21.12 45.97
CA CYS D 419 25.74 19.89 46.43
C CYS D 419 25.70 18.80 45.36
N THR D 420 25.34 19.18 44.14
CA THR D 420 25.37 18.24 43.01
C THR D 420 26.81 17.79 42.76
N ASP D 421 27.76 18.72 42.96
CA ASP D 421 29.18 18.42 42.77
C ASP D 421 29.76 17.47 43.84
N LEU D 422 29.07 17.34 44.98
CA LEU D 422 29.44 16.37 46.01
C LEU D 422 28.49 15.19 46.04
N GLY D 423 27.74 15.00 44.95
CA GLY D 423 26.82 13.87 44.81
C GLY D 423 25.61 13.88 45.73
N LEU D 424 24.95 15.03 45.83
CA LEU D 424 23.70 15.14 46.60
C LEU D 424 22.75 16.12 45.94
N ILE D 425 21.61 15.59 45.47
CA ILE D 425 20.59 16.43 44.83
C ILE D 425 19.80 17.19 45.89
N CYS D 426 19.63 18.48 45.67
CA CYS D 426 19.09 19.39 46.67
C CYS D 426 18.28 20.52 46.05
N ARG D 427 17.03 20.69 46.49
CA ARG D 427 16.17 21.74 45.92
C ARG D 427 16.35 23.11 46.64
N PRO D 428 16.76 24.13 45.89
CA PRO D 428 17.02 25.43 46.46
C PRO D 428 15.85 26.40 46.28
N LEU D 429 14.75 26.18 47.01
CA LEU D 429 13.61 27.10 46.92
C LEU D 429 13.88 28.40 47.67
N GLY D 430 13.99 29.48 46.91
CA GLY D 430 14.26 30.81 47.44
C GLY D 430 15.54 30.86 48.23
N GLN D 431 15.53 31.62 49.32
CA GLN D 431 16.66 31.69 50.22
C GLN D 431 16.89 30.40 50.99
N SER D 432 15.92 29.48 50.96
CA SER D 432 15.99 28.24 51.75
C SER D 432 16.45 26.98 50.97
N ILE D 433 16.80 25.93 51.72
CA ILE D 433 17.24 24.64 51.16
C ILE D 433 16.27 23.55 51.61
N VAL D 434 15.73 22.79 50.65
CA VAL D 434 14.68 21.80 50.95
C VAL D 434 15.16 20.36 50.87
N LEU D 435 14.95 19.62 51.96
CA LEU D 435 15.24 18.19 52.02
C LEU D 435 13.97 17.36 52.20
N CYS D 436 13.64 16.59 51.16
CA CYS D 436 12.48 15.70 51.18
C CYS D 436 12.81 14.37 50.51
N PRO D 437 13.65 13.55 51.17
CA PRO D 437 14.19 12.29 50.63
C PRO D 437 13.18 11.14 50.58
N PRO D 438 13.48 10.07 49.80
CA PRO D 438 12.61 8.90 49.69
C PRO D 438 12.38 8.23 51.03
N PHE D 439 11.27 7.51 51.14
CA PHE D 439 10.89 6.87 52.39
C PHE D 439 11.81 5.71 52.76
N ILE D 440 12.55 5.21 51.77
CA ILE D 440 13.41 4.04 51.95
C ILE D 440 14.76 4.37 52.60
N LEU D 441 15.09 5.67 52.62
CA LEU D 441 16.35 6.17 53.18
C LEU D 441 16.72 5.46 54.46
N THR D 442 17.95 4.94 54.52
CA THR D 442 18.49 4.32 55.74
C THR D 442 19.32 5.31 56.53
N GLU D 443 19.60 4.96 57.79
CA GLU D 443 20.33 5.83 58.71
C GLU D 443 21.69 6.25 58.16
N ALA D 444 22.42 5.29 57.59
CA ALA D 444 23.73 5.52 56.97
C ALA D 444 23.60 6.47 55.79
N GLN D 445 22.52 6.31 55.04
CA GLN D 445 22.24 7.15 53.89
C GLN D 445 21.86 8.56 54.32
N MET D 446 21.23 8.68 55.48
CA MET D 446 20.88 9.99 56.06
C MET D 446 22.11 10.80 56.49
N ASP D 447 23.00 10.18 57.25
CA ASP D 447 24.23 10.87 57.65
C ASP D 447 24.98 11.30 56.40
N GLU D 448 24.98 10.42 55.40
CA GLU D 448 25.59 10.68 54.11
C GLU D 448 25.00 11.94 53.47
N MET D 449 23.68 12.08 53.58
CA MET D 449 22.98 13.30 53.16
C MET D 449 23.48 14.52 53.96
N PHE D 450 23.46 14.41 55.28
CA PHE D 450 23.93 15.48 56.18
C PHE D 450 25.42 15.82 56.00
N GLU D 451 26.25 14.78 55.92
CA GLU D 451 27.67 14.94 55.69
C GLU D 451 27.93 15.77 54.44
N LYS D 452 27.23 15.45 53.36
CA LYS D 452 27.47 16.08 52.06
C LYS D 452 26.94 17.52 51.99
N LEU D 453 25.84 17.78 52.67
CA LEU D 453 25.21 19.11 52.67
C LEU D 453 26.04 20.11 53.47
N GLU D 454 26.52 19.67 54.63
CA GLU D 454 27.35 20.50 55.51
C GLU D 454 28.64 20.94 54.85
N LYS D 455 29.24 20.05 54.05
CA LYS D 455 30.41 20.42 53.26
C LYS D 455 30.05 21.52 52.26
N ALA D 456 28.93 21.33 51.56
CA ALA D 456 28.41 22.33 50.64
C ALA D 456 28.18 23.67 51.33
N LEU D 457 27.66 23.63 52.56
CA LEU D 457 27.39 24.83 53.36
C LEU D 457 28.66 25.56 53.84
N ASP D 458 29.68 24.80 54.22
CA ASP D 458 30.97 25.38 54.60
C ASP D 458 31.51 26.19 53.44
N LYS D 459 31.54 25.57 52.27
CA LYS D 459 32.06 26.19 51.06
C LYS D 459 31.33 27.51 50.77
N VAL D 460 30.01 27.46 50.71
CA VAL D 460 29.20 28.64 50.35
C VAL D 460 29.33 29.80 51.35
N PHE D 461 29.22 29.51 52.63
CA PHE D 461 29.28 30.53 53.67
C PHE D 461 30.69 31.13 53.84
N ALA D 462 31.73 30.32 53.61
CA ALA D 462 33.11 30.81 53.60
C ALA D 462 33.36 31.68 52.37
N GLU D 463 32.63 31.38 51.29
CA GLU D 463 32.75 32.07 50.00
C GLU D 463 31.97 33.37 50.00
N VAL D 464 30.82 33.36 50.67
CA VAL D 464 29.89 34.50 50.64
C VAL D 464 30.16 35.52 51.76
N ALA D 465 30.04 35.10 53.01
CA ALA D 465 30.22 36.01 54.15
C ALA D 465 31.63 36.62 54.16
#